data_2QUE
# 
_entry.id   2QUE 
# 
_audit_conform.dict_name       mmcif_pdbx.dic 
_audit_conform.dict_version    5.398 
_audit_conform.dict_location   http://mmcif.pdb.org/dictionaries/ascii/mmcif_pdbx.dic 
# 
loop_
_database_2.database_id 
_database_2.database_code 
_database_2.pdbx_database_accession 
_database_2.pdbx_DOI 
PDB   2QUE         pdb_00002que 10.2210/pdb2que/pdb 
RCSB  RCSB044067   ?            ?                   
WWPDB D_1000044067 ?            ?                   
# 
loop_
_pdbx_audit_revision_history.ordinal 
_pdbx_audit_revision_history.data_content_type 
_pdbx_audit_revision_history.major_revision 
_pdbx_audit_revision_history.minor_revision 
_pdbx_audit_revision_history.revision_date 
1 'Structure model' 1 0 2007-08-14 
2 'Structure model' 1 1 2011-07-13 
3 'Structure model' 1 2 2023-10-25 
4 'Structure model' 1 3 2024-10-30 
# 
_pdbx_audit_revision_details.ordinal             1 
_pdbx_audit_revision_details.revision_ordinal    1 
_pdbx_audit_revision_details.data_content_type   'Structure model' 
_pdbx_audit_revision_details.provider            repository 
_pdbx_audit_revision_details.type                'Initial release' 
_pdbx_audit_revision_details.description         ? 
_pdbx_audit_revision_details.details             ? 
# 
loop_
_pdbx_audit_revision_group.ordinal 
_pdbx_audit_revision_group.revision_ordinal 
_pdbx_audit_revision_group.data_content_type 
_pdbx_audit_revision_group.group 
1 2 'Structure model' 'Version format compliance' 
2 3 'Structure model' 'Data collection'           
3 3 'Structure model' 'Database references'       
4 3 'Structure model' 'Derived calculations'      
5 3 'Structure model' 'Refinement description'    
6 4 'Structure model' 'Structure summary'         
# 
loop_
_pdbx_audit_revision_category.ordinal 
_pdbx_audit_revision_category.revision_ordinal 
_pdbx_audit_revision_category.data_content_type 
_pdbx_audit_revision_category.category 
1 3 'Structure model' chem_comp_atom                
2 3 'Structure model' chem_comp_bond                
3 3 'Structure model' database_2                    
4 3 'Structure model' pdbx_initial_refinement_model 
5 3 'Structure model' struct_site                   
6 4 'Structure model' pdbx_entry_details            
7 4 'Structure model' pdbx_modification_feature     
# 
loop_
_pdbx_audit_revision_item.ordinal 
_pdbx_audit_revision_item.revision_ordinal 
_pdbx_audit_revision_item.data_content_type 
_pdbx_audit_revision_item.item 
1 3 'Structure model' '_database_2.pdbx_DOI'                
2 3 'Structure model' '_database_2.pdbx_database_accession' 
3 3 'Structure model' '_struct_site.pdbx_auth_asym_id'      
4 3 'Structure model' '_struct_site.pdbx_auth_comp_id'      
5 3 'Structure model' '_struct_site.pdbx_auth_seq_id'       
# 
_pdbx_database_status.status_code                     REL 
_pdbx_database_status.entry_id                        2QUE 
_pdbx_database_status.recvd_initial_deposition_date   2007-08-05 
_pdbx_database_status.deposit_site                    RCSB 
_pdbx_database_status.process_site                    PDBJ 
_pdbx_database_status.status_code_sf                  REL 
_pdbx_database_status.status_code_mr                  ? 
_pdbx_database_status.SG_entry                        ? 
_pdbx_database_status.pdb_format_compatible           Y 
_pdbx_database_status.status_code_cs                  ? 
_pdbx_database_status.status_code_nmr_data            ? 
_pdbx_database_status.methods_development_category    ? 
# 
loop_
_pdbx_database_related.db_name 
_pdbx_database_related.db_id 
_pdbx_database_related.details 
_pdbx_database_related.content_type 
PDB 2PYC 
;Crystal structure of a monomeric phospholipase A2 from Russell's viper at 1.5A resolution
;
unspecified 
PDB 2OUB 'Crystal structure of the complex formed between phospholipase A2 and atenolol at 2.75 A resolution'              
unspecified 
PDB 2OTH 'Crystal structure of a ternary complex of phospholipase A2 with indomethacin and nimesulide at 2.9 A resolution' 
unspecified 
# 
loop_
_audit_author.name 
_audit_author.pdbx_ordinal 
'Kumar, S.'   1 
'Singh, N.'   2 
'Sharma, S.'  3 
'Kaur, P.'    4 
'Singh, T.P.' 5 
# 
_citation.id                        primary 
_citation.title                     
;Saturation of substrate-binding site using two natural ligands: Crystal structure of a ternary complex of phospholipase A2 with anisic acid and ajmaline at 2.25 A resolution
;
_citation.journal_abbrev            'To be Published' 
_citation.journal_volume            ? 
_citation.page_first                ? 
_citation.page_last                 ? 
_citation.year                      ? 
_citation.journal_id_ASTM           ? 
_citation.country                   ? 
_citation.journal_id_ISSN           ? 
_citation.journal_id_CSD            0353 
_citation.book_publisher            ? 
_citation.pdbx_database_id_PubMed   ? 
_citation.pdbx_database_id_DOI      ? 
# 
loop_
_citation_author.citation_id 
_citation_author.name 
_citation_author.ordinal 
_citation_author.identifier_ORCID 
primary 'Kumar, S.'   1 ? 
primary 'Singh, N.'   2 ? 
primary 'Sharma, S.'  3 ? 
primary 'Kaur, P.'    4 ? 
primary 'Singh, T.P.' 5 ? 
# 
loop_
_entity.id 
_entity.type 
_entity.src_method 
_entity.pdbx_description 
_entity.formula_weight 
_entity.pdbx_number_of_molecules 
_entity.pdbx_ec 
_entity.pdbx_mutation 
_entity.pdbx_fragment 
_entity.details 
1 polymer     nat 'Phospholipase A2 VRV-PL-VIIIa' 13629.767 1   3.1.1.4 ? ? ? 
2 non-polymer syn AJMALINE                        298.379   1   ?       ? ? ? 
3 non-polymer syn '4-METHOXYBENZOIC ACID'         152.147   1   ?       ? ? ? 
4 water       nat water                           18.015    119 ?       ? ? ? 
# 
_entity_name_com.entity_id   1 
_entity_name_com.name        'Phosphatidylcholine 2- acylhydrolase, DPLA2' 
# 
_entity_poly.entity_id                      1 
_entity_poly.type                           'polypeptide(L)' 
_entity_poly.nstd_linkage                   no 
_entity_poly.nstd_monomer                   no 
_entity_poly.pdbx_seq_one_letter_code       
;SLLEFGKMILEETGKLAIPSYSSYGCYCGWGGKGTPKDATDRCCFVHDCCYGNLPDCNPKSDRYKYKRVNGAIVCEKGTS
CENRICECDKAAAICFRQNLNTYSKKYMLYPDFLCKGELKC
;
_entity_poly.pdbx_seq_one_letter_code_can   
;SLLEFGKMILEETGKLAIPSYSSYGCYCGWGGKGTPKDATDRCCFVHDCCYGNLPDCNPKSDRYKYKRVNGAIVCEKGTS
CENRICECDKAAAICFRQNLNTYSKKYMLYPDFLCKGELKC
;
_entity_poly.pdbx_strand_id                 A 
_entity_poly.pdbx_target_identifier         ? 
# 
loop_
_pdbx_entity_nonpoly.entity_id 
_pdbx_entity_nonpoly.name 
_pdbx_entity_nonpoly.comp_id 
2 AJMALINE                AJM 
3 '4-METHOXYBENZOIC ACID' ANN 
4 water                   HOH 
# 
loop_
_entity_poly_seq.entity_id 
_entity_poly_seq.num 
_entity_poly_seq.mon_id 
_entity_poly_seq.hetero 
1 1   SER n 
1 2   LEU n 
1 3   LEU n 
1 4   GLU n 
1 5   PHE n 
1 6   GLY n 
1 7   LYS n 
1 8   MET n 
1 9   ILE n 
1 10  LEU n 
1 11  GLU n 
1 12  GLU n 
1 13  THR n 
1 14  GLY n 
1 15  LYS n 
1 16  LEU n 
1 17  ALA n 
1 18  ILE n 
1 19  PRO n 
1 20  SER n 
1 21  TYR n 
1 22  SER n 
1 23  SER n 
1 24  TYR n 
1 25  GLY n 
1 26  CYS n 
1 27  TYR n 
1 28  CYS n 
1 29  GLY n 
1 30  TRP n 
1 31  GLY n 
1 32  GLY n 
1 33  LYS n 
1 34  GLY n 
1 35  THR n 
1 36  PRO n 
1 37  LYS n 
1 38  ASP n 
1 39  ALA n 
1 40  THR n 
1 41  ASP n 
1 42  ARG n 
1 43  CYS n 
1 44  CYS n 
1 45  PHE n 
1 46  VAL n 
1 47  HIS n 
1 48  ASP n 
1 49  CYS n 
1 50  CYS n 
1 51  TYR n 
1 52  GLY n 
1 53  ASN n 
1 54  LEU n 
1 55  PRO n 
1 56  ASP n 
1 57  CYS n 
1 58  ASN n 
1 59  PRO n 
1 60  LYS n 
1 61  SER n 
1 62  ASP n 
1 63  ARG n 
1 64  TYR n 
1 65  LYS n 
1 66  TYR n 
1 67  LYS n 
1 68  ARG n 
1 69  VAL n 
1 70  ASN n 
1 71  GLY n 
1 72  ALA n 
1 73  ILE n 
1 74  VAL n 
1 75  CYS n 
1 76  GLU n 
1 77  LYS n 
1 78  GLY n 
1 79  THR n 
1 80  SER n 
1 81  CYS n 
1 82  GLU n 
1 83  ASN n 
1 84  ARG n 
1 85  ILE n 
1 86  CYS n 
1 87  GLU n 
1 88  CYS n 
1 89  ASP n 
1 90  LYS n 
1 91  ALA n 
1 92  ALA n 
1 93  ALA n 
1 94  ILE n 
1 95  CYS n 
1 96  PHE n 
1 97  ARG n 
1 98  GLN n 
1 99  ASN n 
1 100 LEU n 
1 101 ASN n 
1 102 THR n 
1 103 TYR n 
1 104 SER n 
1 105 LYS n 
1 106 LYS n 
1 107 TYR n 
1 108 MET n 
1 109 LEU n 
1 110 TYR n 
1 111 PRO n 
1 112 ASP n 
1 113 PHE n 
1 114 LEU n 
1 115 CYS n 
1 116 LYS n 
1 117 GLY n 
1 118 GLU n 
1 119 LEU n 
1 120 LYS n 
1 121 CYS n 
# 
_entity_src_nat.entity_id                  1 
_entity_src_nat.pdbx_src_id                1 
_entity_src_nat.pdbx_alt_source_flag       sample 
_entity_src_nat.pdbx_beg_seq_num           ? 
_entity_src_nat.pdbx_end_seq_num           ? 
_entity_src_nat.common_name                
;RUSSELL'S VIPER
;
_entity_src_nat.pdbx_organism_scientific   'Daboia russellii pulchella' 
_entity_src_nat.pdbx_ncbi_taxonomy_id      97228 
_entity_src_nat.genus                      ? 
_entity_src_nat.species                    ? 
_entity_src_nat.strain                     ? 
_entity_src_nat.tissue                     ? 
_entity_src_nat.tissue_fraction            ? 
_entity_src_nat.pdbx_secretion             ? 
_entity_src_nat.pdbx_fragment              ? 
_entity_src_nat.pdbx_variant               ? 
_entity_src_nat.pdbx_cell_line             ? 
_entity_src_nat.pdbx_atcc                  ? 
_entity_src_nat.pdbx_cellular_location     ? 
_entity_src_nat.pdbx_organ                 ? 
_entity_src_nat.pdbx_organelle             ? 
_entity_src_nat.pdbx_cell                  ? 
_entity_src_nat.pdbx_plasmid_name          ? 
_entity_src_nat.pdbx_plasmid_details       ? 
_entity_src_nat.details                    ? 
# 
loop_
_chem_comp.id 
_chem_comp.type 
_chem_comp.mon_nstd_flag 
_chem_comp.name 
_chem_comp.pdbx_synonyms 
_chem_comp.formula 
_chem_comp.formula_weight 
AJM non-polymer         . AJMALINE                ?               'C18 H22 N2 O2'  298.379 
ALA 'L-peptide linking' y ALANINE                 ?               'C3 H7 N O2'     89.093  
ANN non-polymer         . '4-METHOXYBENZOIC ACID' 'P-ANISIC ACID' 'C8 H8 O3'       152.147 
ARG 'L-peptide linking' y ARGININE                ?               'C6 H15 N4 O2 1' 175.209 
ASN 'L-peptide linking' y ASPARAGINE              ?               'C4 H8 N2 O3'    132.118 
ASP 'L-peptide linking' y 'ASPARTIC ACID'         ?               'C4 H7 N O4'     133.103 
CYS 'L-peptide linking' y CYSTEINE                ?               'C3 H7 N O2 S'   121.158 
GLN 'L-peptide linking' y GLUTAMINE               ?               'C5 H10 N2 O3'   146.144 
GLU 'L-peptide linking' y 'GLUTAMIC ACID'         ?               'C5 H9 N O4'     147.129 
GLY 'peptide linking'   y GLYCINE                 ?               'C2 H5 N O2'     75.067  
HIS 'L-peptide linking' y HISTIDINE               ?               'C6 H10 N3 O2 1' 156.162 
HOH non-polymer         . WATER                   ?               'H2 O'           18.015  
ILE 'L-peptide linking' y ISOLEUCINE              ?               'C6 H13 N O2'    131.173 
LEU 'L-peptide linking' y LEUCINE                 ?               'C6 H13 N O2'    131.173 
LYS 'L-peptide linking' y LYSINE                  ?               'C6 H15 N2 O2 1' 147.195 
MET 'L-peptide linking' y METHIONINE              ?               'C5 H11 N O2 S'  149.211 
PHE 'L-peptide linking' y PHENYLALANINE           ?               'C9 H11 N O2'    165.189 
PRO 'L-peptide linking' y PROLINE                 ?               'C5 H9 N O2'     115.130 
SER 'L-peptide linking' y SERINE                  ?               'C3 H7 N O3'     105.093 
THR 'L-peptide linking' y THREONINE               ?               'C4 H9 N O3'     119.119 
TRP 'L-peptide linking' y TRYPTOPHAN              ?               'C11 H12 N2 O2'  204.225 
TYR 'L-peptide linking' y TYROSINE                ?               'C9 H11 N O3'    181.189 
VAL 'L-peptide linking' y VALINE                  ?               'C5 H11 N O2'    117.146 
# 
loop_
_pdbx_poly_seq_scheme.asym_id 
_pdbx_poly_seq_scheme.entity_id 
_pdbx_poly_seq_scheme.seq_id 
_pdbx_poly_seq_scheme.mon_id 
_pdbx_poly_seq_scheme.ndb_seq_num 
_pdbx_poly_seq_scheme.pdb_seq_num 
_pdbx_poly_seq_scheme.auth_seq_num 
_pdbx_poly_seq_scheme.pdb_mon_id 
_pdbx_poly_seq_scheme.auth_mon_id 
_pdbx_poly_seq_scheme.pdb_strand_id 
_pdbx_poly_seq_scheme.pdb_ins_code 
_pdbx_poly_seq_scheme.hetero 
A 1 1   SER 1   1   1   SER SER A . n 
A 1 2   LEU 2   2   2   LEU LEU A . n 
A 1 3   LEU 3   3   3   LEU LEU A . n 
A 1 4   GLU 4   4   4   GLU GLU A . n 
A 1 5   PHE 5   5   5   PHE PHE A . n 
A 1 6   GLY 6   6   6   GLY GLY A . n 
A 1 7   LYS 7   7   7   LYS LYS A . n 
A 1 8   MET 8   8   8   MET MET A . n 
A 1 9   ILE 9   9   9   ILE ILE A . n 
A 1 10  LEU 10  10  10  LEU LEU A . n 
A 1 11  GLU 11  11  11  GLU GLU A . n 
A 1 12  GLU 12  12  12  GLU GLU A . n 
A 1 13  THR 13  13  13  THR THR A . n 
A 1 14  GLY 14  14  14  GLY GLY A . n 
A 1 15  LYS 15  16  16  LYS LYS A . n 
A 1 16  LEU 16  17  17  LEU LEU A . n 
A 1 17  ALA 17  18  18  ALA ALA A . n 
A 1 18  ILE 18  19  19  ILE ILE A . n 
A 1 19  PRO 19  20  20  PRO PRO A . n 
A 1 20  SER 20  21  21  SER SER A . n 
A 1 21  TYR 21  22  22  TYR TYR A . n 
A 1 22  SER 22  23  23  SER SER A . n 
A 1 23  SER 23  24  24  SER SER A . n 
A 1 24  TYR 24  25  25  TYR TYR A . n 
A 1 25  GLY 25  26  26  GLY GLY A . n 
A 1 26  CYS 26  27  27  CYS CYS A . n 
A 1 27  TYR 27  28  28  TYR TYR A . n 
A 1 28  CYS 28  29  29  CYS CYS A . n 
A 1 29  GLY 29  30  30  GLY GLY A . n 
A 1 30  TRP 30  31  31  TRP TRP A . n 
A 1 31  GLY 31  32  32  GLY GLY A . n 
A 1 32  GLY 32  33  33  GLY GLY A . n 
A 1 33  LYS 33  34  34  LYS LYS A . n 
A 1 34  GLY 34  35  35  GLY GLY A . n 
A 1 35  THR 35  36  36  THR THR A . n 
A 1 36  PRO 36  37  37  PRO PRO A . n 
A 1 37  LYS 37  38  38  LYS LYS A . n 
A 1 38  ASP 38  39  39  ASP ASP A . n 
A 1 39  ALA 39  40  40  ALA ALA A . n 
A 1 40  THR 40  41  41  THR THR A . n 
A 1 41  ASP 41  42  42  ASP ASP A . n 
A 1 42  ARG 42  43  43  ARG ARG A . n 
A 1 43  CYS 43  44  44  CYS CYS A . n 
A 1 44  CYS 44  45  45  CYS CYS A . n 
A 1 45  PHE 45  46  46  PHE PHE A . n 
A 1 46  VAL 46  47  47  VAL VAL A . n 
A 1 47  HIS 47  48  48  HIS HIS A . n 
A 1 48  ASP 48  49  49  ASP ASP A . n 
A 1 49  CYS 49  50  50  CYS CYS A . n 
A 1 50  CYS 50  51  51  CYS CYS A . n 
A 1 51  TYR 51  52  52  TYR TYR A . n 
A 1 52  GLY 52  53  53  GLY GLY A . n 
A 1 53  ASN 53  54  54  ASN ASN A . n 
A 1 54  LEU 54  55  55  LEU LEU A . n 
A 1 55  PRO 55  56  56  PRO PRO A . n 
A 1 56  ASP 56  59  59  ASP ASP A . n 
A 1 57  CYS 57  61  61  CYS CYS A . n 
A 1 58  ASN 58  67  67  ASN ASN A . n 
A 1 59  PRO 59  68  68  PRO PRO A . n 
A 1 60  LYS 60  69  69  LYS LYS A . n 
A 1 61  SER 61  70  70  SER SER A . n 
A 1 62  ASP 62  71  71  ASP ASP A . n 
A 1 63  ARG 63  72  72  ARG ARG A . n 
A 1 64  TYR 64  73  73  TYR TYR A . n 
A 1 65  LYS 65  74  74  LYS LYS A . n 
A 1 66  TYR 66  75  75  TYR TYR A . n 
A 1 67  LYS 67  76  76  LYS LYS A . n 
A 1 68  ARG 68  77  77  ARG ARG A . n 
A 1 69  VAL 69  78  78  VAL VAL A . n 
A 1 70  ASN 70  79  79  ASN ASN A . n 
A 1 71  GLY 71  80  80  GLY GLY A . n 
A 1 72  ALA 72  81  81  ALA ALA A . n 
A 1 73  ILE 73  82  82  ILE ILE A . n 
A 1 74  VAL 74  83  83  VAL VAL A . n 
A 1 75  CYS 75  84  84  CYS CYS A . n 
A 1 76  GLU 76  85  85  GLU GLU A . n 
A 1 77  LYS 77  86  86  LYS LYS A . n 
A 1 78  GLY 78  88  88  GLY GLY A . n 
A 1 79  THR 79  89  89  THR THR A . n 
A 1 80  SER 80  90  90  SER SER A . n 
A 1 81  CYS 81  91  91  CYS CYS A . n 
A 1 82  GLU 82  92  92  GLU GLU A . n 
A 1 83  ASN 83  93  93  ASN ASN A . n 
A 1 84  ARG 84  94  94  ARG ARG A . n 
A 1 85  ILE 85  95  95  ILE ILE A . n 
A 1 86  CYS 86  96  96  CYS CYS A . n 
A 1 87  GLU 87  97  97  GLU GLU A . n 
A 1 88  CYS 88  98  98  CYS CYS A . n 
A 1 89  ASP 89  99  99  ASP ASP A . n 
A 1 90  LYS 90  100 100 LYS LYS A . n 
A 1 91  ALA 91  101 101 ALA ALA A . n 
A 1 92  ALA 92  102 102 ALA ALA A . n 
A 1 93  ALA 93  103 103 ALA ALA A . n 
A 1 94  ILE 94  104 104 ILE ILE A . n 
A 1 95  CYS 95  105 105 CYS CYS A . n 
A 1 96  PHE 96  106 106 PHE PHE A . n 
A 1 97  ARG 97  107 107 ARG ARG A . n 
A 1 98  GLN 98  108 108 GLN GLN A . n 
A 1 99  ASN 99  109 109 ASN ASN A . n 
A 1 100 LEU 100 110 110 LEU LEU A . n 
A 1 101 ASN 101 111 111 ASN ASN A . n 
A 1 102 THR 102 112 112 THR THR A . n 
A 1 103 TYR 103 113 113 TYR TYR A . n 
A 1 104 SER 104 114 114 SER SER A . n 
A 1 105 LYS 105 115 115 LYS LYS A . n 
A 1 106 LYS 106 116 116 LYS LYS A . n 
A 1 107 TYR 107 117 117 TYR TYR A . n 
A 1 108 MET 108 118 118 MET MET A . n 
A 1 109 LEU 109 119 119 LEU LEU A . n 
A 1 110 TYR 110 120 120 TYR TYR A . n 
A 1 111 PRO 111 121 121 PRO PRO A . n 
A 1 112 ASP 112 122 122 ASP ASP A . n 
A 1 113 PHE 113 124 124 PHE PHE A . n 
A 1 114 LEU 114 125 125 LEU LEU A . n 
A 1 115 CYS 115 126 126 CYS CYS A . n 
A 1 116 LYS 116 127 127 LYS LYS A . n 
A 1 117 GLY 117 128 128 GLY GLY A . n 
A 1 118 GLU 118 129 129 GLU GLU A . n 
A 1 119 LEU 119 130 130 LEU LEU A . n 
A 1 120 LYS 120 131 131 LYS LYS A . n 
A 1 121 CYS 121 133 133 CYS CYS A . n 
# 
loop_
_pdbx_nonpoly_scheme.asym_id 
_pdbx_nonpoly_scheme.entity_id 
_pdbx_nonpoly_scheme.mon_id 
_pdbx_nonpoly_scheme.ndb_seq_num 
_pdbx_nonpoly_scheme.pdb_seq_num 
_pdbx_nonpoly_scheme.auth_seq_num 
_pdbx_nonpoly_scheme.pdb_mon_id 
_pdbx_nonpoly_scheme.auth_mon_id 
_pdbx_nonpoly_scheme.pdb_strand_id 
_pdbx_nonpoly_scheme.pdb_ins_code 
B 2 AJM 1   201 201 AJM AJM A . 
C 3 ANN 1   347 347 ANN ANN A . 
D 4 HOH 1   348 348 HOH HOH A . 
D 4 HOH 2   349 349 HOH HOH A . 
D 4 HOH 3   350 350 HOH HOH A . 
D 4 HOH 4   351 351 HOH HOH A . 
D 4 HOH 5   352 352 HOH HOH A . 
D 4 HOH 6   353 353 HOH HOH A . 
D 4 HOH 7   354 354 HOH HOH A . 
D 4 HOH 8   355 355 HOH HOH A . 
D 4 HOH 9   356 356 HOH HOH A . 
D 4 HOH 10  357 357 HOH HOH A . 
D 4 HOH 11  358 358 HOH HOH A . 
D 4 HOH 12  359 359 HOH HOH A . 
D 4 HOH 13  360 360 HOH HOH A . 
D 4 HOH 14  361 361 HOH HOH A . 
D 4 HOH 15  362 362 HOH HOH A . 
D 4 HOH 16  363 363 HOH HOH A . 
D 4 HOH 17  364 364 HOH HOH A . 
D 4 HOH 18  365 365 HOH HOH A . 
D 4 HOH 19  366 366 HOH HOH A . 
D 4 HOH 20  367 367 HOH HOH A . 
D 4 HOH 21  368 368 HOH HOH A . 
D 4 HOH 22  369 369 HOH HOH A . 
D 4 HOH 23  370 370 HOH HOH A . 
D 4 HOH 24  371 371 HOH HOH A . 
D 4 HOH 25  372 372 HOH HOH A . 
D 4 HOH 26  373 373 HOH HOH A . 
D 4 HOH 27  374 374 HOH HOH A . 
D 4 HOH 28  375 375 HOH HOH A . 
D 4 HOH 29  376 376 HOH HOH A . 
D 4 HOH 30  377 377 HOH HOH A . 
D 4 HOH 31  378 378 HOH HOH A . 
D 4 HOH 32  379 379 HOH HOH A . 
D 4 HOH 33  380 380 HOH HOH A . 
D 4 HOH 34  381 381 HOH HOH A . 
D 4 HOH 35  382 382 HOH HOH A . 
D 4 HOH 36  383 383 HOH HOH A . 
D 4 HOH 37  384 384 HOH HOH A . 
D 4 HOH 38  385 385 HOH HOH A . 
D 4 HOH 39  386 386 HOH HOH A . 
D 4 HOH 40  387 387 HOH HOH A . 
D 4 HOH 41  388 388 HOH HOH A . 
D 4 HOH 42  389 389 HOH HOH A . 
D 4 HOH 43  390 390 HOH HOH A . 
D 4 HOH 44  391 391 HOH HOH A . 
D 4 HOH 45  392 392 HOH HOH A . 
D 4 HOH 46  393 393 HOH HOH A . 
D 4 HOH 47  394 394 HOH HOH A . 
D 4 HOH 48  395 395 HOH HOH A . 
D 4 HOH 49  396 396 HOH HOH A . 
D 4 HOH 50  397 397 HOH HOH A . 
D 4 HOH 51  398 398 HOH HOH A . 
D 4 HOH 52  399 399 HOH HOH A . 
D 4 HOH 53  400 400 HOH HOH A . 
D 4 HOH 54  401 401 HOH HOH A . 
D 4 HOH 55  402 402 HOH HOH A . 
D 4 HOH 56  403 403 HOH HOH A . 
D 4 HOH 57  404 404 HOH HOH A . 
D 4 HOH 58  405 405 HOH HOH A . 
D 4 HOH 59  406 406 HOH HOH A . 
D 4 HOH 60  407 407 HOH HOH A . 
D 4 HOH 61  408 408 HOH HOH A . 
D 4 HOH 62  409 409 HOH HOH A . 
D 4 HOH 63  410 410 HOH HOH A . 
D 4 HOH 64  411 411 HOH HOH A . 
D 4 HOH 65  412 412 HOH HOH A . 
D 4 HOH 66  413 413 HOH HOH A . 
D 4 HOH 67  414 414 HOH HOH A . 
D 4 HOH 68  415 415 HOH HOH A . 
D 4 HOH 69  416 416 HOH HOH A . 
D 4 HOH 70  417 417 HOH HOH A . 
D 4 HOH 71  418 418 HOH HOH A . 
D 4 HOH 72  419 419 HOH HOH A . 
D 4 HOH 73  420 420 HOH HOH A . 
D 4 HOH 74  421 421 HOH HOH A . 
D 4 HOH 75  422 422 HOH HOH A . 
D 4 HOH 76  423 423 HOH HOH A . 
D 4 HOH 77  424 424 HOH HOH A . 
D 4 HOH 78  425 425 HOH HOH A . 
D 4 HOH 79  426 426 HOH HOH A . 
D 4 HOH 80  427 427 HOH HOH A . 
D 4 HOH 81  429 429 HOH HOH A . 
D 4 HOH 82  430 430 HOH HOH A . 
D 4 HOH 83  431 431 HOH HOH A . 
D 4 HOH 84  432 432 HOH HOH A . 
D 4 HOH 85  433 433 HOH HOH A . 
D 4 HOH 86  434 434 HOH HOH A . 
D 4 HOH 87  435 435 HOH HOH A . 
D 4 HOH 88  436 436 HOH HOH A . 
D 4 HOH 89  437 437 HOH HOH A . 
D 4 HOH 90  438 438 HOH HOH A . 
D 4 HOH 91  439 439 HOH HOH A . 
D 4 HOH 92  440 440 HOH HOH A . 
D 4 HOH 93  441 441 HOH HOH A . 
D 4 HOH 94  442 442 HOH HOH A . 
D 4 HOH 95  443 443 HOH HOH A . 
D 4 HOH 96  444 444 HOH HOH A . 
D 4 HOH 97  445 445 HOH HOH A . 
D 4 HOH 98  446 446 HOH HOH A . 
D 4 HOH 99  447 447 HOH HOH A . 
D 4 HOH 100 448 448 HOH HOH A . 
D 4 HOH 101 449 449 HOH HOH A . 
D 4 HOH 102 450 450 HOH HOH A . 
D 4 HOH 103 451 451 HOH HOH A . 
D 4 HOH 104 452 452 HOH HOH A . 
D 4 HOH 105 453 453 HOH HOH A . 
D 4 HOH 106 454 454 HOH HOH A . 
D 4 HOH 107 455 455 HOH HOH A . 
D 4 HOH 108 456 456 HOH HOH A . 
D 4 HOH 109 457 457 HOH HOH A . 
D 4 HOH 110 458 458 HOH HOH A . 
D 4 HOH 111 459 459 HOH HOH A . 
D 4 HOH 112 460 460 HOH HOH A . 
D 4 HOH 113 461 461 HOH HOH A . 
D 4 HOH 114 462 462 HOH HOH A . 
D 4 HOH 115 463 463 HOH HOH A . 
D 4 HOH 116 464 464 HOH HOH A . 
D 4 HOH 117 465 465 HOH HOH A . 
D 4 HOH 118 467 467 HOH HOH A . 
D 4 HOH 119 468 468 HOH HOH A . 
# 
loop_
_software.name 
_software.classification 
_software.version 
_software.citation_id 
_software.pdbx_ordinal 
CNS       refinement        0.9 ? 1 
MAR345dtb 'data collection' .   ? 2 
DENZO     'data reduction'  .   ? 3 
SCALEPACK 'data scaling'    .   ? 4 
AMoRE     phasing           .   ? 5 
# 
_cell.entry_id           2QUE 
_cell.length_a           53.105 
_cell.length_b           53.105 
_cell.length_c           48.393 
_cell.angle_alpha        90.00 
_cell.angle_beta         90.00 
_cell.angle_gamma        90.00 
_cell.Z_PDB              4 
_cell.pdbx_unique_axis   ? 
_cell.length_a_esd       ? 
_cell.length_b_esd       ? 
_cell.length_c_esd       ? 
_cell.angle_alpha_esd    ? 
_cell.angle_beta_esd     ? 
_cell.angle_gamma_esd    ? 
# 
_symmetry.entry_id                         2QUE 
_symmetry.space_group_name_H-M             'P 43' 
_symmetry.pdbx_full_space_group_name_H-M   ? 
_symmetry.cell_setting                     ? 
_symmetry.Int_Tables_number                78 
_symmetry.space_group_name_Hall            ? 
# 
_exptl.entry_id          2QUE 
_exptl.method            'X-RAY DIFFRACTION' 
_exptl.crystals_number   1 
# 
_exptl_crystal.id                    1 
_exptl_crystal.density_meas          ? 
_exptl_crystal.density_Matthews      2.50 
_exptl_crystal.density_percent_sol   50.86 
_exptl_crystal.description           ? 
_exptl_crystal.F_000                 ? 
_exptl_crystal.preparation           ? 
# 
_exptl_crystal_grow.crystal_id      1 
_exptl_crystal_grow.method          'VAPOR DIFFUSION, HANGING DROP' 
_exptl_crystal_grow.temp            298 
_exptl_crystal_grow.temp_details    ? 
_exptl_crystal_grow.pH              6.8 
_exptl_crystal_grow.pdbx_details    
'0.2M Ammonium sulphate, 0.2M ammonium acetate, 30% PEG 4000, pH 6.8, VAPOR DIFFUSION, HANGING DROP, temperature 298K' 
_exptl_crystal_grow.pdbx_pH_range   . 
# 
_diffrn.id                     1 
_diffrn.ambient_temp           291 
_diffrn.ambient_temp_details   ? 
_diffrn.crystal_id             1 
# 
_diffrn_detector.diffrn_id              1 
_diffrn_detector.detector               'IMAGE PLATE' 
_diffrn_detector.type                   'MAR scanner 345 mm plate' 
_diffrn_detector.pdbx_collection_date   2007-07-31 
_diffrn_detector.details                Mirror 
# 
_diffrn_radiation.diffrn_id                        1 
_diffrn_radiation.wavelength_id                    1 
_diffrn_radiation.pdbx_monochromatic_or_laue_m_l   M 
_diffrn_radiation.monochromator                    Graphite 
_diffrn_radiation.pdbx_diffrn_protocol             'SINGLE WAVELENGTH' 
_diffrn_radiation.pdbx_scattering_type             x-ray 
# 
_diffrn_radiation_wavelength.id           1 
_diffrn_radiation_wavelength.wavelength   1.54132 
_diffrn_radiation_wavelength.wt           1.0 
# 
_diffrn_source.diffrn_id                   1 
_diffrn_source.source                      'ROTATING ANODE' 
_diffrn_source.type                        'RIGAKU RU300' 
_diffrn_source.pdbx_synchrotron_site       ? 
_diffrn_source.pdbx_synchrotron_beamline   ? 
_diffrn_source.pdbx_wavelength             ? 
_diffrn_source.pdbx_wavelength_list        1.54132 
# 
_reflns.entry_id                     2QUE 
_reflns.observed_criterion_sigma_I   0 
_reflns.observed_criterion_sigma_F   0 
_reflns.d_resolution_low             20 
_reflns.d_resolution_high            2.25 
_reflns.number_obs                   5959 
_reflns.number_all                   5968 
_reflns.percent_possible_obs         91.9 
_reflns.pdbx_Rmerge_I_obs            ? 
_reflns.pdbx_Rsym_value              ? 
_reflns.pdbx_netI_over_sigmaI        ? 
_reflns.B_iso_Wilson_estimate        40.9 
_reflns.pdbx_redundancy              ? 
_reflns.R_free_details               ? 
_reflns.limit_h_max                  ? 
_reflns.limit_h_min                  ? 
_reflns.limit_k_max                  ? 
_reflns.limit_k_min                  ? 
_reflns.limit_l_max                  ? 
_reflns.limit_l_min                  ? 
_reflns.observed_criterion_F_max     ? 
_reflns.observed_criterion_F_min     ? 
_reflns.pdbx_chi_squared             ? 
_reflns.pdbx_scaling_rejects         ? 
_reflns.pdbx_diffrn_id               1 
_reflns.pdbx_ordinal                 1 
# 
_reflns_shell.d_res_high             2.25 
_reflns_shell.d_res_low              2.33 
_reflns_shell.percent_possible_all   81.5 
_reflns_shell.Rmerge_I_obs           ? 
_reflns_shell.pdbx_Rsym_value        ? 
_reflns_shell.meanI_over_sigI_obs    ? 
_reflns_shell.pdbx_redundancy        ? 
_reflns_shell.percent_possible_obs   ? 
_reflns_shell.number_unique_all      ? 
_reflns_shell.number_measured_all    ? 
_reflns_shell.number_measured_obs    ? 
_reflns_shell.number_unique_obs      ? 
_reflns_shell.pdbx_chi_squared       ? 
_reflns_shell.pdbx_diffrn_id         ? 
_reflns_shell.pdbx_ordinal           1 
# 
_refine.entry_id                                 2QUE 
_refine.ls_number_reflns_obs                     5959 
_refine.ls_number_reflns_all                     5968 
_refine.pdbx_ls_sigma_I                          0 
_refine.pdbx_ls_sigma_F                          0.0 
_refine.pdbx_data_cutoff_high_absF               70064.49 
_refine.pdbx_data_cutoff_low_absF                0.000000 
_refine.pdbx_data_cutoff_high_rms_absF           ? 
_refine.ls_d_res_low                             16.95 
_refine.ls_d_res_high                            2.25 
_refine.ls_percent_reflns_obs                    92.0 
_refine.ls_R_factor_obs                          0.198 
_refine.ls_R_factor_all                          0.20 
_refine.ls_R_factor_R_work                       0.198 
_refine.ls_R_factor_R_free                       0.221 
_refine.ls_R_factor_R_free_error                 0.012 
_refine.ls_R_factor_R_free_error_details         ? 
_refine.ls_percent_reflns_R_free                 5.6 
_refine.ls_number_reflns_R_free                  336 
_refine.ls_number_parameters                     ? 
_refine.ls_number_restraints                     ? 
_refine.occupancy_min                            ? 
_refine.occupancy_max                            ? 
_refine.correlation_coeff_Fo_to_Fc               ? 
_refine.correlation_coeff_Fo_to_Fc_free          ? 
_refine.B_iso_mean                               35.7 
_refine.aniso_B[1][1]                            1.41 
_refine.aniso_B[2][2]                            1.41 
_refine.aniso_B[3][3]                            -2.82 
_refine.aniso_B[1][2]                            0.00 
_refine.aniso_B[1][3]                            0.00 
_refine.aniso_B[2][3]                            0.00 
_refine.solvent_model_details                    'FLAT MODEL' 
_refine.solvent_model_param_ksol                 0.370713 
_refine.solvent_model_param_bsol                 60.3267 
_refine.pdbx_solvent_vdw_probe_radii             ? 
_refine.pdbx_solvent_ion_probe_radii             ? 
_refine.pdbx_solvent_shrinkage_radii             ? 
_refine.pdbx_ls_cross_valid_method               THROUGHOUT 
_refine.details                                  ? 
_refine.pdbx_starting_model                      2PYC 
_refine.pdbx_method_to_determine_struct          'MOLECULAR REPLACEMENT' 
_refine.pdbx_isotropic_thermal_model             RESTRAINED 
_refine.pdbx_stereochemistry_target_values       'Engh & Huber' 
_refine.pdbx_stereochem_target_val_spec_case     ? 
_refine.pdbx_R_Free_selection_details            RANDOM 
_refine.pdbx_overall_ESU_R                       ? 
_refine.pdbx_overall_ESU_R_Free                  ? 
_refine.overall_SU_ML                            ? 
_refine.overall_SU_B                             ? 
_refine.ls_redundancy_reflns_obs                 ? 
_refine.B_iso_min                                ? 
_refine.B_iso_max                                ? 
_refine.overall_SU_R_Cruickshank_DPI             ? 
_refine.overall_SU_R_free                        ? 
_refine.ls_wR_factor_R_free                      ? 
_refine.ls_wR_factor_R_work                      ? 
_refine.overall_FOM_free_R_set                   ? 
_refine.overall_FOM_work_R_set                   ? 
_refine.pdbx_overall_phase_error                 ? 
_refine.pdbx_refine_id                           'X-RAY DIFFRACTION' 
_refine.pdbx_diffrn_id                           1 
_refine.pdbx_TLS_residual_ADP_flag               ? 
_refine.pdbx_overall_SU_R_free_Cruickshank_DPI   ? 
_refine.pdbx_overall_SU_R_Blow_DPI               ? 
_refine.pdbx_overall_SU_R_free_Blow_DPI          ? 
# 
_refine_analyze.entry_id                        2QUE 
_refine_analyze.Luzzati_coordinate_error_obs    0.24 
_refine_analyze.Luzzati_sigma_a_obs             0.26 
_refine_analyze.Luzzati_d_res_low_obs           5.00 
_refine_analyze.Luzzati_coordinate_error_free   0.28 
_refine_analyze.Luzzati_sigma_a_free            0.35 
_refine_analyze.Luzzati_d_res_low_free          ? 
_refine_analyze.number_disordered_residues      ? 
_refine_analyze.occupancy_sum_hydrogen          ? 
_refine_analyze.occupancy_sum_non_hydrogen      ? 
_refine_analyze.pdbx_Luzzati_d_res_high_obs     ? 
_refine_analyze.pdbx_refine_id                  'X-RAY DIFFRACTION' 
# 
_refine_hist.pdbx_refine_id                   'X-RAY DIFFRACTION' 
_refine_hist.cycle_id                         LAST 
_refine_hist.pdbx_number_atoms_protein        944 
_refine_hist.pdbx_number_atoms_nucleic_acid   0 
_refine_hist.pdbx_number_atoms_ligand         33 
_refine_hist.number_atoms_solvent             119 
_refine_hist.number_atoms_total               1096 
_refine_hist.d_res_high                       2.25 
_refine_hist.d_res_low                        16.95 
# 
loop_
_refine_ls_restr.type 
_refine_ls_restr.dev_ideal 
_refine_ls_restr.dev_ideal_target 
_refine_ls_restr.weight 
_refine_ls_restr.number 
_refine_ls_restr.pdbx_refine_id 
_refine_ls_restr.pdbx_restraint_function 
c_bond_d                0.007 ?    ? ? 'X-RAY DIFFRACTION' ? 
c_bond_d_na             ?     ?    ? ? 'X-RAY DIFFRACTION' ? 
c_bond_d_prot           ?     ?    ? ? 'X-RAY DIFFRACTION' ? 
c_angle_d               ?     ?    ? ? 'X-RAY DIFFRACTION' ? 
c_angle_d_na            ?     ?    ? ? 'X-RAY DIFFRACTION' ? 
c_angle_d_prot          ?     ?    ? ? 'X-RAY DIFFRACTION' ? 
c_angle_deg             1.4   ?    ? ? 'X-RAY DIFFRACTION' ? 
c_angle_deg_na          ?     ?    ? ? 'X-RAY DIFFRACTION' ? 
c_angle_deg_prot        ?     ?    ? ? 'X-RAY DIFFRACTION' ? 
c_dihedral_angle_d      22.6  ?    ? ? 'X-RAY DIFFRACTION' ? 
c_dihedral_angle_d_na   ?     ?    ? ? 'X-RAY DIFFRACTION' ? 
c_dihedral_angle_d_prot ?     ?    ? ? 'X-RAY DIFFRACTION' ? 
c_improper_angle_d      1.07  ?    ? ? 'X-RAY DIFFRACTION' ? 
c_improper_angle_d_na   ?     ?    ? ? 'X-RAY DIFFRACTION' ? 
c_improper_angle_d_prot ?     ?    ? ? 'X-RAY DIFFRACTION' ? 
c_mcbond_it             1.93  1.50 ? ? 'X-RAY DIFFRACTION' ? 
c_mcangle_it            3.10  2.00 ? ? 'X-RAY DIFFRACTION' ? 
c_scbond_it             2.63  2.00 ? ? 'X-RAY DIFFRACTION' ? 
c_scangle_it            3.71  2.50 ? ? 'X-RAY DIFFRACTION' ? 
# 
_refine_ls_shell.pdbx_total_number_of_bins_used   6 
_refine_ls_shell.d_res_high                       2.25 
_refine_ls_shell.d_res_low                        2.39 
_refine_ls_shell.number_reflns_R_work             848 
_refine_ls_shell.R_factor_R_work                  0.284 
_refine_ls_shell.percent_reflns_obs               83.9 
_refine_ls_shell.R_factor_R_free                  0.344 
_refine_ls_shell.R_factor_R_free_error            0.051 
_refine_ls_shell.percent_reflns_R_free            5.0 
_refine_ls_shell.number_reflns_R_free             45 
_refine_ls_shell.number_reflns_all                ? 
_refine_ls_shell.R_factor_all                     ? 
_refine_ls_shell.number_reflns_obs                ? 
_refine_ls_shell.redundancy_reflns_obs            ? 
_refine_ls_shell.pdbx_refine_id                   'X-RAY DIFFRACTION' 
# 
loop_
_pdbx_xplor_file.serial_no 
_pdbx_xplor_file.param_file 
_pdbx_xplor_file.topol_file 
_pdbx_xplor_file.pdbx_refine_id 
1 protein_rep.param protein.top 'X-RAY DIFFRACTION' 
2 ion.param         water.top   'X-RAY DIFFRACTION' 
3 water_rep.param   ajm.top     'X-RAY DIFFRACTION' 
4 ajm.param         ion.top     'X-RAY DIFFRACTION' 
# 
_struct.entry_id                  2QUE 
_struct.title                     
;Saturation of substrate-binding site using two natural ligands: Crystal structure of a ternary complex of phospholipase A2 with anisic acid and ajmaline at 2.25 A resolution
;
_struct.pdbx_model_details        ? 
_struct.pdbx_CASP_flag            ? 
_struct.pdbx_model_type_details   ? 
# 
_struct_keywords.entry_id        2QUE 
_struct_keywords.pdbx_keywords   HYDROLASE 
_struct_keywords.text            
;Active site, lipid hydrolysis, Binding affinity, Calcium, Hydrolase, Lipid degradation, Metal-binding, Neurotoxin, Presynaptic neurotoxin, Secreted, Toxin
;
# 
loop_
_struct_asym.id 
_struct_asym.pdbx_blank_PDB_chainid_flag 
_struct_asym.pdbx_modified 
_struct_asym.entity_id 
_struct_asym.details 
A N N 1 ? 
B N N 2 ? 
C N N 3 ? 
D N N 4 ? 
# 
_struct_ref.id                         1 
_struct_ref.db_name                    UNP 
_struct_ref.db_code                    PA28_DABRP 
_struct_ref.pdbx_db_accession          P59071 
_struct_ref.entity_id                  1 
_struct_ref.pdbx_seq_one_letter_code   
;SLLEFGKMILEETGKLAIPSYSSYGCYCGWGGKGTPKDATDRCCFVHDCCYGNLPDCNPKSDRYKYKRVNGAIVCEKGTS
CENRICECDKAAAICFRQNLNTYSKKYMLYPDFLCKGELKC
;
_struct_ref.pdbx_align_begin           1 
_struct_ref.pdbx_db_isoform            ? 
# 
_struct_ref_seq.align_id                      1 
_struct_ref_seq.ref_id                        1 
_struct_ref_seq.pdbx_PDB_id_code              2QUE 
_struct_ref_seq.pdbx_strand_id                A 
_struct_ref_seq.seq_align_beg                 1 
_struct_ref_seq.pdbx_seq_align_beg_ins_code   ? 
_struct_ref_seq.seq_align_end                 121 
_struct_ref_seq.pdbx_seq_align_end_ins_code   ? 
_struct_ref_seq.pdbx_db_accession             P59071 
_struct_ref_seq.db_align_beg                  1 
_struct_ref_seq.pdbx_db_align_beg_ins_code    ? 
_struct_ref_seq.db_align_end                  121 
_struct_ref_seq.pdbx_db_align_end_ins_code    ? 
_struct_ref_seq.pdbx_auth_seq_align_beg       1 
_struct_ref_seq.pdbx_auth_seq_align_end       133 
# 
_pdbx_struct_assembly.id                   1 
_pdbx_struct_assembly.details              author_and_software_defined_assembly 
_pdbx_struct_assembly.method_details       PISA 
_pdbx_struct_assembly.oligomeric_details   monomeric 
_pdbx_struct_assembly.oligomeric_count     1 
# 
_pdbx_struct_assembly_gen.assembly_id       1 
_pdbx_struct_assembly_gen.oper_expression   1 
_pdbx_struct_assembly_gen.asym_id_list      A,B,C,D 
# 
_pdbx_struct_oper_list.id                   1 
_pdbx_struct_oper_list.type                 'identity operation' 
_pdbx_struct_oper_list.name                 1_555 
_pdbx_struct_oper_list.symmetry_operation   x,y,z 
_pdbx_struct_oper_list.matrix[1][1]         1.0000000000 
_pdbx_struct_oper_list.matrix[1][2]         0.0000000000 
_pdbx_struct_oper_list.matrix[1][3]         0.0000000000 
_pdbx_struct_oper_list.vector[1]            0.0000000000 
_pdbx_struct_oper_list.matrix[2][1]         0.0000000000 
_pdbx_struct_oper_list.matrix[2][2]         1.0000000000 
_pdbx_struct_oper_list.matrix[2][3]         0.0000000000 
_pdbx_struct_oper_list.vector[2]            0.0000000000 
_pdbx_struct_oper_list.matrix[3][1]         0.0000000000 
_pdbx_struct_oper_list.matrix[3][2]         0.0000000000 
_pdbx_struct_oper_list.matrix[3][3]         1.0000000000 
_pdbx_struct_oper_list.vector[3]            0.0000000000 
# 
_struct_biol.id        1 
_struct_biol.details   ? 
# 
loop_
_struct_conf.conf_type_id 
_struct_conf.id 
_struct_conf.pdbx_PDB_helix_id 
_struct_conf.beg_label_comp_id 
_struct_conf.beg_label_asym_id 
_struct_conf.beg_label_seq_id 
_struct_conf.pdbx_beg_PDB_ins_code 
_struct_conf.end_label_comp_id 
_struct_conf.end_label_asym_id 
_struct_conf.end_label_seq_id 
_struct_conf.pdbx_end_PDB_ins_code 
_struct_conf.beg_auth_comp_id 
_struct_conf.beg_auth_asym_id 
_struct_conf.beg_auth_seq_id 
_struct_conf.end_auth_comp_id 
_struct_conf.end_auth_asym_id 
_struct_conf.end_auth_seq_id 
_struct_conf.pdbx_PDB_helix_class 
_struct_conf.details 
_struct_conf.pdbx_PDB_helix_length 
HELX_P HELX_P1 1 SER A 1   ? GLY A 14  ? SER A 1   GLY A 14  1 ? 14 
HELX_P HELX_P2 2 LEU A 16  ? TYR A 21  ? LEU A 17  TYR A 22  1 ? 6  
HELX_P HELX_P3 3 ASP A 38  ? ASN A 53  ? ASP A 39  ASN A 54  1 ? 16 
HELX_P HELX_P4 4 THR A 79  ? ASN A 99  ? THR A 89  ASN A 109 1 ? 21 
HELX_P HELX_P5 5 LEU A 100 ? TYR A 103 ? LEU A 110 TYR A 113 5 ? 4  
HELX_P HELX_P6 6 SER A 104 ? MET A 108 ? SER A 114 MET A 118 5 ? 5  
HELX_P HELX_P7 7 PRO A 111 ? CYS A 115 ? PRO A 121 CYS A 126 5 ? 5  
# 
_struct_conf_type.id          HELX_P 
_struct_conf_type.criteria    ? 
_struct_conf_type.reference   ? 
# 
loop_
_struct_conn.id 
_struct_conn.conn_type_id 
_struct_conn.pdbx_leaving_atom_flag 
_struct_conn.pdbx_PDB_id 
_struct_conn.ptnr1_label_asym_id 
_struct_conn.ptnr1_label_comp_id 
_struct_conn.ptnr1_label_seq_id 
_struct_conn.ptnr1_label_atom_id 
_struct_conn.pdbx_ptnr1_label_alt_id 
_struct_conn.pdbx_ptnr1_PDB_ins_code 
_struct_conn.pdbx_ptnr1_standard_comp_id 
_struct_conn.ptnr1_symmetry 
_struct_conn.ptnr2_label_asym_id 
_struct_conn.ptnr2_label_comp_id 
_struct_conn.ptnr2_label_seq_id 
_struct_conn.ptnr2_label_atom_id 
_struct_conn.pdbx_ptnr2_label_alt_id 
_struct_conn.pdbx_ptnr2_PDB_ins_code 
_struct_conn.ptnr1_auth_asym_id 
_struct_conn.ptnr1_auth_comp_id 
_struct_conn.ptnr1_auth_seq_id 
_struct_conn.ptnr2_auth_asym_id 
_struct_conn.ptnr2_auth_comp_id 
_struct_conn.ptnr2_auth_seq_id 
_struct_conn.ptnr2_symmetry 
_struct_conn.pdbx_ptnr3_label_atom_id 
_struct_conn.pdbx_ptnr3_label_seq_id 
_struct_conn.pdbx_ptnr3_label_comp_id 
_struct_conn.pdbx_ptnr3_label_asym_id 
_struct_conn.pdbx_ptnr3_label_alt_id 
_struct_conn.pdbx_ptnr3_PDB_ins_code 
_struct_conn.details 
_struct_conn.pdbx_dist_value 
_struct_conn.pdbx_value_order 
_struct_conn.pdbx_role 
disulf1 disulf ? ? A CYS 26 SG ? ? ? 1_555 A CYS 115 SG ? ? A CYS 27 A CYS 126 1_555 ? ? ? ? ? ? ? 2.025 ? ? 
disulf2 disulf ? ? A CYS 28 SG ? ? ? 1_555 A CYS 44  SG ? ? A CYS 29 A CYS 45  1_555 ? ? ? ? ? ? ? 2.031 ? ? 
disulf3 disulf ? ? A CYS 43 SG ? ? ? 1_555 A CYS 95  SG ? ? A CYS 44 A CYS 105 1_555 ? ? ? ? ? ? ? 2.030 ? ? 
disulf4 disulf ? ? A CYS 49 SG ? ? ? 1_555 A CYS 121 SG ? ? A CYS 50 A CYS 133 1_555 ? ? ? ? ? ? ? 2.024 ? ? 
disulf5 disulf ? ? A CYS 50 SG ? ? ? 1_555 A CYS 88  SG ? ? A CYS 51 A CYS 98  1_555 ? ? ? ? ? ? ? 2.030 ? ? 
disulf6 disulf ? ? A CYS 57 SG ? ? ? 1_555 A CYS 81  SG ? ? A CYS 61 A CYS 91  1_555 ? ? ? ? ? ? ? 2.033 ? ? 
disulf7 disulf ? ? A CYS 75 SG ? ? ? 1_555 A CYS 86  SG ? ? A CYS 84 A CYS 96  1_555 ? ? ? ? ? ? ? 2.034 ? ? 
# 
_struct_conn_type.id          disulf 
_struct_conn_type.criteria    ? 
_struct_conn_type.reference   ? 
# 
loop_
_pdbx_modification_feature.ordinal 
_pdbx_modification_feature.label_comp_id 
_pdbx_modification_feature.label_asym_id 
_pdbx_modification_feature.label_seq_id 
_pdbx_modification_feature.label_alt_id 
_pdbx_modification_feature.modified_residue_label_comp_id 
_pdbx_modification_feature.modified_residue_label_asym_id 
_pdbx_modification_feature.modified_residue_label_seq_id 
_pdbx_modification_feature.modified_residue_label_alt_id 
_pdbx_modification_feature.auth_comp_id 
_pdbx_modification_feature.auth_asym_id 
_pdbx_modification_feature.auth_seq_id 
_pdbx_modification_feature.PDB_ins_code 
_pdbx_modification_feature.symmetry 
_pdbx_modification_feature.modified_residue_auth_comp_id 
_pdbx_modification_feature.modified_residue_auth_asym_id 
_pdbx_modification_feature.modified_residue_auth_seq_id 
_pdbx_modification_feature.modified_residue_PDB_ins_code 
_pdbx_modification_feature.modified_residue_symmetry 
_pdbx_modification_feature.comp_id_linking_atom 
_pdbx_modification_feature.modified_residue_id_linking_atom 
_pdbx_modification_feature.modified_residue_id 
_pdbx_modification_feature.ref_pcm_id 
_pdbx_modification_feature.ref_comp_id 
_pdbx_modification_feature.type 
_pdbx_modification_feature.category 
1 CYS A 26 ? CYS A 115 ? CYS A 27 ? 1_555 CYS A 126 ? 1_555 SG SG . . . None 'Disulfide bridge' 
2 CYS A 28 ? CYS A 44  ? CYS A 29 ? 1_555 CYS A 45  ? 1_555 SG SG . . . None 'Disulfide bridge' 
3 CYS A 43 ? CYS A 95  ? CYS A 44 ? 1_555 CYS A 105 ? 1_555 SG SG . . . None 'Disulfide bridge' 
4 CYS A 49 ? CYS A 121 ? CYS A 50 ? 1_555 CYS A 133 ? 1_555 SG SG . . . None 'Disulfide bridge' 
5 CYS A 50 ? CYS A 88  ? CYS A 51 ? 1_555 CYS A 98  ? 1_555 SG SG . . . None 'Disulfide bridge' 
6 CYS A 57 ? CYS A 81  ? CYS A 61 ? 1_555 CYS A 91  ? 1_555 SG SG . . . None 'Disulfide bridge' 
7 CYS A 75 ? CYS A 86  ? CYS A 84 ? 1_555 CYS A 96  ? 1_555 SG SG . . . None 'Disulfide bridge' 
# 
_struct_mon_prot_cis.pdbx_id                1 
_struct_mon_prot_cis.label_comp_id          ILE 
_struct_mon_prot_cis.label_seq_id           18 
_struct_mon_prot_cis.label_asym_id          A 
_struct_mon_prot_cis.label_alt_id           . 
_struct_mon_prot_cis.pdbx_PDB_ins_code      ? 
_struct_mon_prot_cis.auth_comp_id           ILE 
_struct_mon_prot_cis.auth_seq_id            19 
_struct_mon_prot_cis.auth_asym_id           A 
_struct_mon_prot_cis.pdbx_label_comp_id_2   PRO 
_struct_mon_prot_cis.pdbx_label_seq_id_2    19 
_struct_mon_prot_cis.pdbx_label_asym_id_2   A 
_struct_mon_prot_cis.pdbx_PDB_ins_code_2    ? 
_struct_mon_prot_cis.pdbx_auth_comp_id_2    PRO 
_struct_mon_prot_cis.pdbx_auth_seq_id_2     20 
_struct_mon_prot_cis.pdbx_auth_asym_id_2    A 
_struct_mon_prot_cis.pdbx_PDB_model_num     1 
_struct_mon_prot_cis.pdbx_omega_angle       -0.31 
# 
loop_
_struct_sheet.id 
_struct_sheet.type 
_struct_sheet.number_strands 
_struct_sheet.details 
A ? 2 ? 
B ? 2 ? 
# 
loop_
_struct_sheet_order.sheet_id 
_struct_sheet_order.range_id_1 
_struct_sheet_order.range_id_2 
_struct_sheet_order.offset 
_struct_sheet_order.sense 
A 1 2 ? anti-parallel 
B 1 2 ? anti-parallel 
# 
loop_
_struct_sheet_range.sheet_id 
_struct_sheet_range.id 
_struct_sheet_range.beg_label_comp_id 
_struct_sheet_range.beg_label_asym_id 
_struct_sheet_range.beg_label_seq_id 
_struct_sheet_range.pdbx_beg_PDB_ins_code 
_struct_sheet_range.end_label_comp_id 
_struct_sheet_range.end_label_asym_id 
_struct_sheet_range.end_label_seq_id 
_struct_sheet_range.pdbx_end_PDB_ins_code 
_struct_sheet_range.beg_auth_comp_id 
_struct_sheet_range.beg_auth_asym_id 
_struct_sheet_range.beg_auth_seq_id 
_struct_sheet_range.end_auth_comp_id 
_struct_sheet_range.end_auth_asym_id 
_struct_sheet_range.end_auth_seq_id 
A 1 SER A 23 ? TYR A 24 ? SER A 24 TYR A 25 
A 2 CYS A 28 ? GLY A 29 ? CYS A 29 GLY A 30 
B 1 TYR A 66 ? VAL A 69 ? TYR A 75 VAL A 78 
B 2 ALA A 72 ? CYS A 75 ? ALA A 81 CYS A 84 
# 
loop_
_pdbx_struct_sheet_hbond.sheet_id 
_pdbx_struct_sheet_hbond.range_id_1 
_pdbx_struct_sheet_hbond.range_id_2 
_pdbx_struct_sheet_hbond.range_1_label_atom_id 
_pdbx_struct_sheet_hbond.range_1_label_comp_id 
_pdbx_struct_sheet_hbond.range_1_label_asym_id 
_pdbx_struct_sheet_hbond.range_1_label_seq_id 
_pdbx_struct_sheet_hbond.range_1_PDB_ins_code 
_pdbx_struct_sheet_hbond.range_1_auth_atom_id 
_pdbx_struct_sheet_hbond.range_1_auth_comp_id 
_pdbx_struct_sheet_hbond.range_1_auth_asym_id 
_pdbx_struct_sheet_hbond.range_1_auth_seq_id 
_pdbx_struct_sheet_hbond.range_2_label_atom_id 
_pdbx_struct_sheet_hbond.range_2_label_comp_id 
_pdbx_struct_sheet_hbond.range_2_label_asym_id 
_pdbx_struct_sheet_hbond.range_2_label_seq_id 
_pdbx_struct_sheet_hbond.range_2_PDB_ins_code 
_pdbx_struct_sheet_hbond.range_2_auth_atom_id 
_pdbx_struct_sheet_hbond.range_2_auth_comp_id 
_pdbx_struct_sheet_hbond.range_2_auth_asym_id 
_pdbx_struct_sheet_hbond.range_2_auth_seq_id 
A 1 2 N TYR A 24 ? N TYR A 25 O CYS A 28 ? O CYS A 29 
B 1 2 N VAL A 69 ? N VAL A 78 O ALA A 72 ? O ALA A 81 
# 
loop_
_struct_site.id 
_struct_site.pdbx_evidence_code 
_struct_site.pdbx_auth_asym_id 
_struct_site.pdbx_auth_comp_id 
_struct_site.pdbx_auth_seq_id 
_struct_site.pdbx_auth_ins_code 
_struct_site.pdbx_num_residues 
_struct_site.details 
AC1 Software A AJM 201 ? 5 'BINDING SITE FOR RESIDUE AJM A 201' 
AC2 Software A ANN 347 ? 3 'BINDING SITE FOR RESIDUE ANN A 347' 
# 
loop_
_struct_site_gen.id 
_struct_site_gen.site_id 
_struct_site_gen.pdbx_num_res 
_struct_site_gen.label_comp_id 
_struct_site_gen.label_asym_id 
_struct_site_gen.label_seq_id 
_struct_site_gen.pdbx_auth_ins_code 
_struct_site_gen.auth_comp_id 
_struct_site_gen.auth_asym_id 
_struct_site_gen.auth_seq_id 
_struct_site_gen.label_atom_id 
_struct_site_gen.label_alt_id 
_struct_site_gen.symmetry 
_struct_site_gen.details 
1 AC1 5 ASP A 48 ? ASP A 49  . ? 1_555 ? 
2 AC1 5 TYR A 51 ? TYR A 52  . ? 1_555 ? 
3 AC1 5 GLY A 52 ? GLY A 53  . ? 1_555 ? 
4 AC1 5 PRO A 55 ? PRO A 56  . ? 1_555 ? 
5 AC1 5 HOH D .  ? HOH A 399 . ? 1_555 ? 
6 AC2 3 LYS A 60 ? LYS A 69  . ? 1_555 ? 
7 AC2 3 HOH D .  ? HOH A 417 . ? 2_565 ? 
8 AC2 3 HOH D .  ? HOH A 452 . ? 1_555 ? 
# 
_pdbx_entry_details.entry_id                   2QUE 
_pdbx_entry_details.compound_details           ? 
_pdbx_entry_details.source_details             ? 
_pdbx_entry_details.nonpolymer_details         ? 
_pdbx_entry_details.sequence_details           ? 
_pdbx_entry_details.has_ligand_of_interest     ? 
_pdbx_entry_details.has_protein_modification   Y 
# 
_pdbx_validate_torsion.id              1 
_pdbx_validate_torsion.PDB_model_num   1 
_pdbx_validate_torsion.auth_comp_id    VAL 
_pdbx_validate_torsion.auth_asym_id    A 
_pdbx_validate_torsion.auth_seq_id     78 
_pdbx_validate_torsion.PDB_ins_code    ? 
_pdbx_validate_torsion.label_alt_id    ? 
_pdbx_validate_torsion.phi             -117.82 
_pdbx_validate_torsion.psi             79.64 
# 
_pdbx_validate_chiral.id              1 
_pdbx_validate_chiral.PDB_model_num   1 
_pdbx_validate_chiral.auth_atom_id    C17 
_pdbx_validate_chiral.label_alt_id    ? 
_pdbx_validate_chiral.auth_asym_id    A 
_pdbx_validate_chiral.auth_comp_id    AJM 
_pdbx_validate_chiral.auth_seq_id     201 
_pdbx_validate_chiral.PDB_ins_code    ? 
_pdbx_validate_chiral.details         PLANAR 
_pdbx_validate_chiral.omega           . 
# 
loop_
_chem_comp_atom.comp_id 
_chem_comp_atom.atom_id 
_chem_comp_atom.type_symbol 
_chem_comp_atom.pdbx_aromatic_flag 
_chem_comp_atom.pdbx_stereo_config 
_chem_comp_atom.pdbx_ordinal 
AJM O1   O N N 1   
AJM C15  C N R 2   
AJM C5   C N R 3   
AJM C4   C N N 4   
AJM C6   C Y N 5   
AJM C7   C Y N 6   
AJM C8   C Y N 7   
AJM C9   C Y N 8   
AJM C11  C Y N 9   
AJM C10  C Y N 10  
AJM C14  C N S 11  
AJM C13  C N S 12  
AJM C16  C N N 13  
AJM C3   C N S 14  
AJM N2   N N N 15  
AJM C17  C N S 16  
AJM O2   O N N 17  
AJM C2   C N S 18  
AJM C12  C N N 19  
AJM C1   C N R 20  
AJM N1   N N N 21  
AJM C18  C N N 22  
AJM HO1  H N N 23  
AJM H15  H N N 24  
AJM H41  H N N 25  
AJM H42  H N N 26  
AJM H7   H N N 27  
AJM H8   H N N 28  
AJM H9   H N N 29  
AJM H10  H N N 30  
AJM H14  H N N 31  
AJM H13  H N N 32  
AJM H161 H N N 33  
AJM H162 H N N 34  
AJM H3   H N N 35  
AJM H17  H N N 36  
AJM HO2  H N N 37  
AJM H2   H N N 38  
AJM H121 H N N 39  
AJM H122 H N N 40  
AJM H1   H N N 41  
AJM H181 H N N 42  
AJM H182 H N N 43  
AJM H183 H N N 44  
ALA N    N N N 45  
ALA CA   C N S 46  
ALA C    C N N 47  
ALA O    O N N 48  
ALA CB   C N N 49  
ALA OXT  O N N 50  
ALA H    H N N 51  
ALA H2   H N N 52  
ALA HA   H N N 53  
ALA HB1  H N N 54  
ALA HB2  H N N 55  
ALA HB3  H N N 56  
ALA HXT  H N N 57  
ANN C8   C N N 58  
ANN O3   O N N 59  
ANN C5   C Y N 60  
ANN C6   C Y N 61  
ANN C7   C Y N 62  
ANN C2   C Y N 63  
ANN C3   C Y N 64  
ANN C4   C Y N 65  
ANN C1   C N N 66  
ANN O1   O N N 67  
ANN O2   O N N 68  
ANN H81  H N N 69  
ANN H82  H N N 70  
ANN H83  H N N 71  
ANN H6   H N N 72  
ANN H7   H N N 73  
ANN H3   H N N 74  
ANN H4   H N N 75  
ANN HO1  H N N 76  
ARG N    N N N 77  
ARG CA   C N S 78  
ARG C    C N N 79  
ARG O    O N N 80  
ARG CB   C N N 81  
ARG CG   C N N 82  
ARG CD   C N N 83  
ARG NE   N N N 84  
ARG CZ   C N N 85  
ARG NH1  N N N 86  
ARG NH2  N N N 87  
ARG OXT  O N N 88  
ARG H    H N N 89  
ARG H2   H N N 90  
ARG HA   H N N 91  
ARG HB2  H N N 92  
ARG HB3  H N N 93  
ARG HG2  H N N 94  
ARG HG3  H N N 95  
ARG HD2  H N N 96  
ARG HD3  H N N 97  
ARG HE   H N N 98  
ARG HH11 H N N 99  
ARG HH12 H N N 100 
ARG HH21 H N N 101 
ARG HH22 H N N 102 
ARG HXT  H N N 103 
ASN N    N N N 104 
ASN CA   C N S 105 
ASN C    C N N 106 
ASN O    O N N 107 
ASN CB   C N N 108 
ASN CG   C N N 109 
ASN OD1  O N N 110 
ASN ND2  N N N 111 
ASN OXT  O N N 112 
ASN H    H N N 113 
ASN H2   H N N 114 
ASN HA   H N N 115 
ASN HB2  H N N 116 
ASN HB3  H N N 117 
ASN HD21 H N N 118 
ASN HD22 H N N 119 
ASN HXT  H N N 120 
ASP N    N N N 121 
ASP CA   C N S 122 
ASP C    C N N 123 
ASP O    O N N 124 
ASP CB   C N N 125 
ASP CG   C N N 126 
ASP OD1  O N N 127 
ASP OD2  O N N 128 
ASP OXT  O N N 129 
ASP H    H N N 130 
ASP H2   H N N 131 
ASP HA   H N N 132 
ASP HB2  H N N 133 
ASP HB3  H N N 134 
ASP HD2  H N N 135 
ASP HXT  H N N 136 
CYS N    N N N 137 
CYS CA   C N R 138 
CYS C    C N N 139 
CYS O    O N N 140 
CYS CB   C N N 141 
CYS SG   S N N 142 
CYS OXT  O N N 143 
CYS H    H N N 144 
CYS H2   H N N 145 
CYS HA   H N N 146 
CYS HB2  H N N 147 
CYS HB3  H N N 148 
CYS HG   H N N 149 
CYS HXT  H N N 150 
GLN N    N N N 151 
GLN CA   C N S 152 
GLN C    C N N 153 
GLN O    O N N 154 
GLN CB   C N N 155 
GLN CG   C N N 156 
GLN CD   C N N 157 
GLN OE1  O N N 158 
GLN NE2  N N N 159 
GLN OXT  O N N 160 
GLN H    H N N 161 
GLN H2   H N N 162 
GLN HA   H N N 163 
GLN HB2  H N N 164 
GLN HB3  H N N 165 
GLN HG2  H N N 166 
GLN HG3  H N N 167 
GLN HE21 H N N 168 
GLN HE22 H N N 169 
GLN HXT  H N N 170 
GLU N    N N N 171 
GLU CA   C N S 172 
GLU C    C N N 173 
GLU O    O N N 174 
GLU CB   C N N 175 
GLU CG   C N N 176 
GLU CD   C N N 177 
GLU OE1  O N N 178 
GLU OE2  O N N 179 
GLU OXT  O N N 180 
GLU H    H N N 181 
GLU H2   H N N 182 
GLU HA   H N N 183 
GLU HB2  H N N 184 
GLU HB3  H N N 185 
GLU HG2  H N N 186 
GLU HG3  H N N 187 
GLU HE2  H N N 188 
GLU HXT  H N N 189 
GLY N    N N N 190 
GLY CA   C N N 191 
GLY C    C N N 192 
GLY O    O N N 193 
GLY OXT  O N N 194 
GLY H    H N N 195 
GLY H2   H N N 196 
GLY HA2  H N N 197 
GLY HA3  H N N 198 
GLY HXT  H N N 199 
HIS N    N N N 200 
HIS CA   C N S 201 
HIS C    C N N 202 
HIS O    O N N 203 
HIS CB   C N N 204 
HIS CG   C Y N 205 
HIS ND1  N Y N 206 
HIS CD2  C Y N 207 
HIS CE1  C Y N 208 
HIS NE2  N Y N 209 
HIS OXT  O N N 210 
HIS H    H N N 211 
HIS H2   H N N 212 
HIS HA   H N N 213 
HIS HB2  H N N 214 
HIS HB3  H N N 215 
HIS HD1  H N N 216 
HIS HD2  H N N 217 
HIS HE1  H N N 218 
HIS HE2  H N N 219 
HIS HXT  H N N 220 
HOH O    O N N 221 
HOH H1   H N N 222 
HOH H2   H N N 223 
ILE N    N N N 224 
ILE CA   C N S 225 
ILE C    C N N 226 
ILE O    O N N 227 
ILE CB   C N S 228 
ILE CG1  C N N 229 
ILE CG2  C N N 230 
ILE CD1  C N N 231 
ILE OXT  O N N 232 
ILE H    H N N 233 
ILE H2   H N N 234 
ILE HA   H N N 235 
ILE HB   H N N 236 
ILE HG12 H N N 237 
ILE HG13 H N N 238 
ILE HG21 H N N 239 
ILE HG22 H N N 240 
ILE HG23 H N N 241 
ILE HD11 H N N 242 
ILE HD12 H N N 243 
ILE HD13 H N N 244 
ILE HXT  H N N 245 
LEU N    N N N 246 
LEU CA   C N S 247 
LEU C    C N N 248 
LEU O    O N N 249 
LEU CB   C N N 250 
LEU CG   C N N 251 
LEU CD1  C N N 252 
LEU CD2  C N N 253 
LEU OXT  O N N 254 
LEU H    H N N 255 
LEU H2   H N N 256 
LEU HA   H N N 257 
LEU HB2  H N N 258 
LEU HB3  H N N 259 
LEU HG   H N N 260 
LEU HD11 H N N 261 
LEU HD12 H N N 262 
LEU HD13 H N N 263 
LEU HD21 H N N 264 
LEU HD22 H N N 265 
LEU HD23 H N N 266 
LEU HXT  H N N 267 
LYS N    N N N 268 
LYS CA   C N S 269 
LYS C    C N N 270 
LYS O    O N N 271 
LYS CB   C N N 272 
LYS CG   C N N 273 
LYS CD   C N N 274 
LYS CE   C N N 275 
LYS NZ   N N N 276 
LYS OXT  O N N 277 
LYS H    H N N 278 
LYS H2   H N N 279 
LYS HA   H N N 280 
LYS HB2  H N N 281 
LYS HB3  H N N 282 
LYS HG2  H N N 283 
LYS HG3  H N N 284 
LYS HD2  H N N 285 
LYS HD3  H N N 286 
LYS HE2  H N N 287 
LYS HE3  H N N 288 
LYS HZ1  H N N 289 
LYS HZ2  H N N 290 
LYS HZ3  H N N 291 
LYS HXT  H N N 292 
MET N    N N N 293 
MET CA   C N S 294 
MET C    C N N 295 
MET O    O N N 296 
MET CB   C N N 297 
MET CG   C N N 298 
MET SD   S N N 299 
MET CE   C N N 300 
MET OXT  O N N 301 
MET H    H N N 302 
MET H2   H N N 303 
MET HA   H N N 304 
MET HB2  H N N 305 
MET HB3  H N N 306 
MET HG2  H N N 307 
MET HG3  H N N 308 
MET HE1  H N N 309 
MET HE2  H N N 310 
MET HE3  H N N 311 
MET HXT  H N N 312 
PHE N    N N N 313 
PHE CA   C N S 314 
PHE C    C N N 315 
PHE O    O N N 316 
PHE CB   C N N 317 
PHE CG   C Y N 318 
PHE CD1  C Y N 319 
PHE CD2  C Y N 320 
PHE CE1  C Y N 321 
PHE CE2  C Y N 322 
PHE CZ   C Y N 323 
PHE OXT  O N N 324 
PHE H    H N N 325 
PHE H2   H N N 326 
PHE HA   H N N 327 
PHE HB2  H N N 328 
PHE HB3  H N N 329 
PHE HD1  H N N 330 
PHE HD2  H N N 331 
PHE HE1  H N N 332 
PHE HE2  H N N 333 
PHE HZ   H N N 334 
PHE HXT  H N N 335 
PRO N    N N N 336 
PRO CA   C N S 337 
PRO C    C N N 338 
PRO O    O N N 339 
PRO CB   C N N 340 
PRO CG   C N N 341 
PRO CD   C N N 342 
PRO OXT  O N N 343 
PRO H    H N N 344 
PRO HA   H N N 345 
PRO HB2  H N N 346 
PRO HB3  H N N 347 
PRO HG2  H N N 348 
PRO HG3  H N N 349 
PRO HD2  H N N 350 
PRO HD3  H N N 351 
PRO HXT  H N N 352 
SER N    N N N 353 
SER CA   C N S 354 
SER C    C N N 355 
SER O    O N N 356 
SER CB   C N N 357 
SER OG   O N N 358 
SER OXT  O N N 359 
SER H    H N N 360 
SER H2   H N N 361 
SER HA   H N N 362 
SER HB2  H N N 363 
SER HB3  H N N 364 
SER HG   H N N 365 
SER HXT  H N N 366 
THR N    N N N 367 
THR CA   C N S 368 
THR C    C N N 369 
THR O    O N N 370 
THR CB   C N R 371 
THR OG1  O N N 372 
THR CG2  C N N 373 
THR OXT  O N N 374 
THR H    H N N 375 
THR H2   H N N 376 
THR HA   H N N 377 
THR HB   H N N 378 
THR HG1  H N N 379 
THR HG21 H N N 380 
THR HG22 H N N 381 
THR HG23 H N N 382 
THR HXT  H N N 383 
TRP N    N N N 384 
TRP CA   C N S 385 
TRP C    C N N 386 
TRP O    O N N 387 
TRP CB   C N N 388 
TRP CG   C Y N 389 
TRP CD1  C Y N 390 
TRP CD2  C Y N 391 
TRP NE1  N Y N 392 
TRP CE2  C Y N 393 
TRP CE3  C Y N 394 
TRP CZ2  C Y N 395 
TRP CZ3  C Y N 396 
TRP CH2  C Y N 397 
TRP OXT  O N N 398 
TRP H    H N N 399 
TRP H2   H N N 400 
TRP HA   H N N 401 
TRP HB2  H N N 402 
TRP HB3  H N N 403 
TRP HD1  H N N 404 
TRP HE1  H N N 405 
TRP HE3  H N N 406 
TRP HZ2  H N N 407 
TRP HZ3  H N N 408 
TRP HH2  H N N 409 
TRP HXT  H N N 410 
TYR N    N N N 411 
TYR CA   C N S 412 
TYR C    C N N 413 
TYR O    O N N 414 
TYR CB   C N N 415 
TYR CG   C Y N 416 
TYR CD1  C Y N 417 
TYR CD2  C Y N 418 
TYR CE1  C Y N 419 
TYR CE2  C Y N 420 
TYR CZ   C Y N 421 
TYR OH   O N N 422 
TYR OXT  O N N 423 
TYR H    H N N 424 
TYR H2   H N N 425 
TYR HA   H N N 426 
TYR HB2  H N N 427 
TYR HB3  H N N 428 
TYR HD1  H N N 429 
TYR HD2  H N N 430 
TYR HE1  H N N 431 
TYR HE2  H N N 432 
TYR HH   H N N 433 
TYR HXT  H N N 434 
VAL N    N N N 435 
VAL CA   C N S 436 
VAL C    C N N 437 
VAL O    O N N 438 
VAL CB   C N N 439 
VAL CG1  C N N 440 
VAL CG2  C N N 441 
VAL OXT  O N N 442 
VAL H    H N N 443 
VAL H2   H N N 444 
VAL HA   H N N 445 
VAL HB   H N N 446 
VAL HG11 H N N 447 
VAL HG12 H N N 448 
VAL HG13 H N N 449 
VAL HG21 H N N 450 
VAL HG22 H N N 451 
VAL HG23 H N N 452 
VAL HXT  H N N 453 
# 
loop_
_chem_comp_bond.comp_id 
_chem_comp_bond.atom_id_1 
_chem_comp_bond.atom_id_2 
_chem_comp_bond.value_order 
_chem_comp_bond.pdbx_aromatic_flag 
_chem_comp_bond.pdbx_stereo_config 
_chem_comp_bond.pdbx_ordinal 
AJM O1  C15  sing N N 1   
AJM O1  HO1  sing N N 2   
AJM C15 C5   sing N N 3   
AJM C15 C14  sing N N 4   
AJM C15 H15  sing N N 5   
AJM C5  C4   sing N N 6   
AJM C5  C6   sing N N 7   
AJM C5  C1   sing N N 8   
AJM C4  C3   sing N N 9   
AJM C4  H41  sing N N 10  
AJM C4  H42  sing N N 11  
AJM C6  C7   doub Y N 12  
AJM C6  C11  sing Y N 13  
AJM C7  C8   sing Y N 14  
AJM C7  H7   sing N N 15  
AJM C8  C9   doub Y N 16  
AJM C8  H8   sing N N 17  
AJM C9  C10  sing Y N 18  
AJM C9  H9   sing N N 19  
AJM C11 C10  doub Y N 20  
AJM C11 N1   sing N N 21  
AJM C10 H10  sing N N 22  
AJM C14 C13  sing N N 23  
AJM C14 C3   sing N N 24  
AJM C14 H14  sing N N 25  
AJM C13 C16  sing N N 26  
AJM C13 C12  sing N N 27  
AJM C13 H13  sing N N 28  
AJM C16 C17  sing N N 29  
AJM C16 H161 sing N N 30  
AJM C16 H162 sing N N 31  
AJM C3  N2   sing N N 32  
AJM C3  H3   sing N N 33  
AJM N2  C17  sing N N 34  
AJM N2  C2   sing N N 35  
AJM C17 O2   sing N N 36  
AJM C17 H17  sing N N 37  
AJM O2  HO2  sing N N 38  
AJM C2  C12  sing N N 39  
AJM C2  C1   sing N N 40  
AJM C2  H2   sing N N 41  
AJM C12 H121 sing N N 42  
AJM C12 H122 sing N N 43  
AJM C1  N1   sing N N 44  
AJM C1  H1   sing N N 45  
AJM N1  C18  sing N N 46  
AJM C18 H181 sing N N 47  
AJM C18 H182 sing N N 48  
AJM C18 H183 sing N N 49  
ALA N   CA   sing N N 50  
ALA N   H    sing N N 51  
ALA N   H2   sing N N 52  
ALA CA  C    sing N N 53  
ALA CA  CB   sing N N 54  
ALA CA  HA   sing N N 55  
ALA C   O    doub N N 56  
ALA C   OXT  sing N N 57  
ALA CB  HB1  sing N N 58  
ALA CB  HB2  sing N N 59  
ALA CB  HB3  sing N N 60  
ALA OXT HXT  sing N N 61  
ANN C8  O3   sing N N 62  
ANN C8  H81  sing N N 63  
ANN C8  H82  sing N N 64  
ANN C8  H83  sing N N 65  
ANN O3  C5   sing N N 66  
ANN C5  C6   doub Y N 67  
ANN C5  C4   sing Y N 68  
ANN C6  C7   sing Y N 69  
ANN C6  H6   sing N N 70  
ANN C7  C2   doub Y N 71  
ANN C7  H7   sing N N 72  
ANN C2  C3   sing Y N 73  
ANN C2  C1   sing N N 74  
ANN C3  C4   doub Y N 75  
ANN C3  H3   sing N N 76  
ANN C4  H4   sing N N 77  
ANN C1  O1   sing N N 78  
ANN C1  O2   doub N N 79  
ANN O1  HO1  sing N N 80  
ARG N   CA   sing N N 81  
ARG N   H    sing N N 82  
ARG N   H2   sing N N 83  
ARG CA  C    sing N N 84  
ARG CA  CB   sing N N 85  
ARG CA  HA   sing N N 86  
ARG C   O    doub N N 87  
ARG C   OXT  sing N N 88  
ARG CB  CG   sing N N 89  
ARG CB  HB2  sing N N 90  
ARG CB  HB3  sing N N 91  
ARG CG  CD   sing N N 92  
ARG CG  HG2  sing N N 93  
ARG CG  HG3  sing N N 94  
ARG CD  NE   sing N N 95  
ARG CD  HD2  sing N N 96  
ARG CD  HD3  sing N N 97  
ARG NE  CZ   sing N N 98  
ARG NE  HE   sing N N 99  
ARG CZ  NH1  sing N N 100 
ARG CZ  NH2  doub N N 101 
ARG NH1 HH11 sing N N 102 
ARG NH1 HH12 sing N N 103 
ARG NH2 HH21 sing N N 104 
ARG NH2 HH22 sing N N 105 
ARG OXT HXT  sing N N 106 
ASN N   CA   sing N N 107 
ASN N   H    sing N N 108 
ASN N   H2   sing N N 109 
ASN CA  C    sing N N 110 
ASN CA  CB   sing N N 111 
ASN CA  HA   sing N N 112 
ASN C   O    doub N N 113 
ASN C   OXT  sing N N 114 
ASN CB  CG   sing N N 115 
ASN CB  HB2  sing N N 116 
ASN CB  HB3  sing N N 117 
ASN CG  OD1  doub N N 118 
ASN CG  ND2  sing N N 119 
ASN ND2 HD21 sing N N 120 
ASN ND2 HD22 sing N N 121 
ASN OXT HXT  sing N N 122 
ASP N   CA   sing N N 123 
ASP N   H    sing N N 124 
ASP N   H2   sing N N 125 
ASP CA  C    sing N N 126 
ASP CA  CB   sing N N 127 
ASP CA  HA   sing N N 128 
ASP C   O    doub N N 129 
ASP C   OXT  sing N N 130 
ASP CB  CG   sing N N 131 
ASP CB  HB2  sing N N 132 
ASP CB  HB3  sing N N 133 
ASP CG  OD1  doub N N 134 
ASP CG  OD2  sing N N 135 
ASP OD2 HD2  sing N N 136 
ASP OXT HXT  sing N N 137 
CYS N   CA   sing N N 138 
CYS N   H    sing N N 139 
CYS N   H2   sing N N 140 
CYS CA  C    sing N N 141 
CYS CA  CB   sing N N 142 
CYS CA  HA   sing N N 143 
CYS C   O    doub N N 144 
CYS C   OXT  sing N N 145 
CYS CB  SG   sing N N 146 
CYS CB  HB2  sing N N 147 
CYS CB  HB3  sing N N 148 
CYS SG  HG   sing N N 149 
CYS OXT HXT  sing N N 150 
GLN N   CA   sing N N 151 
GLN N   H    sing N N 152 
GLN N   H2   sing N N 153 
GLN CA  C    sing N N 154 
GLN CA  CB   sing N N 155 
GLN CA  HA   sing N N 156 
GLN C   O    doub N N 157 
GLN C   OXT  sing N N 158 
GLN CB  CG   sing N N 159 
GLN CB  HB2  sing N N 160 
GLN CB  HB3  sing N N 161 
GLN CG  CD   sing N N 162 
GLN CG  HG2  sing N N 163 
GLN CG  HG3  sing N N 164 
GLN CD  OE1  doub N N 165 
GLN CD  NE2  sing N N 166 
GLN NE2 HE21 sing N N 167 
GLN NE2 HE22 sing N N 168 
GLN OXT HXT  sing N N 169 
GLU N   CA   sing N N 170 
GLU N   H    sing N N 171 
GLU N   H2   sing N N 172 
GLU CA  C    sing N N 173 
GLU CA  CB   sing N N 174 
GLU CA  HA   sing N N 175 
GLU C   O    doub N N 176 
GLU C   OXT  sing N N 177 
GLU CB  CG   sing N N 178 
GLU CB  HB2  sing N N 179 
GLU CB  HB3  sing N N 180 
GLU CG  CD   sing N N 181 
GLU CG  HG2  sing N N 182 
GLU CG  HG3  sing N N 183 
GLU CD  OE1  doub N N 184 
GLU CD  OE2  sing N N 185 
GLU OE2 HE2  sing N N 186 
GLU OXT HXT  sing N N 187 
GLY N   CA   sing N N 188 
GLY N   H    sing N N 189 
GLY N   H2   sing N N 190 
GLY CA  C    sing N N 191 
GLY CA  HA2  sing N N 192 
GLY CA  HA3  sing N N 193 
GLY C   O    doub N N 194 
GLY C   OXT  sing N N 195 
GLY OXT HXT  sing N N 196 
HIS N   CA   sing N N 197 
HIS N   H    sing N N 198 
HIS N   H2   sing N N 199 
HIS CA  C    sing N N 200 
HIS CA  CB   sing N N 201 
HIS CA  HA   sing N N 202 
HIS C   O    doub N N 203 
HIS C   OXT  sing N N 204 
HIS CB  CG   sing N N 205 
HIS CB  HB2  sing N N 206 
HIS CB  HB3  sing N N 207 
HIS CG  ND1  sing Y N 208 
HIS CG  CD2  doub Y N 209 
HIS ND1 CE1  doub Y N 210 
HIS ND1 HD1  sing N N 211 
HIS CD2 NE2  sing Y N 212 
HIS CD2 HD2  sing N N 213 
HIS CE1 NE2  sing Y N 214 
HIS CE1 HE1  sing N N 215 
HIS NE2 HE2  sing N N 216 
HIS OXT HXT  sing N N 217 
HOH O   H1   sing N N 218 
HOH O   H2   sing N N 219 
ILE N   CA   sing N N 220 
ILE N   H    sing N N 221 
ILE N   H2   sing N N 222 
ILE CA  C    sing N N 223 
ILE CA  CB   sing N N 224 
ILE CA  HA   sing N N 225 
ILE C   O    doub N N 226 
ILE C   OXT  sing N N 227 
ILE CB  CG1  sing N N 228 
ILE CB  CG2  sing N N 229 
ILE CB  HB   sing N N 230 
ILE CG1 CD1  sing N N 231 
ILE CG1 HG12 sing N N 232 
ILE CG1 HG13 sing N N 233 
ILE CG2 HG21 sing N N 234 
ILE CG2 HG22 sing N N 235 
ILE CG2 HG23 sing N N 236 
ILE CD1 HD11 sing N N 237 
ILE CD1 HD12 sing N N 238 
ILE CD1 HD13 sing N N 239 
ILE OXT HXT  sing N N 240 
LEU N   CA   sing N N 241 
LEU N   H    sing N N 242 
LEU N   H2   sing N N 243 
LEU CA  C    sing N N 244 
LEU CA  CB   sing N N 245 
LEU CA  HA   sing N N 246 
LEU C   O    doub N N 247 
LEU C   OXT  sing N N 248 
LEU CB  CG   sing N N 249 
LEU CB  HB2  sing N N 250 
LEU CB  HB3  sing N N 251 
LEU CG  CD1  sing N N 252 
LEU CG  CD2  sing N N 253 
LEU CG  HG   sing N N 254 
LEU CD1 HD11 sing N N 255 
LEU CD1 HD12 sing N N 256 
LEU CD1 HD13 sing N N 257 
LEU CD2 HD21 sing N N 258 
LEU CD2 HD22 sing N N 259 
LEU CD2 HD23 sing N N 260 
LEU OXT HXT  sing N N 261 
LYS N   CA   sing N N 262 
LYS N   H    sing N N 263 
LYS N   H2   sing N N 264 
LYS CA  C    sing N N 265 
LYS CA  CB   sing N N 266 
LYS CA  HA   sing N N 267 
LYS C   O    doub N N 268 
LYS C   OXT  sing N N 269 
LYS CB  CG   sing N N 270 
LYS CB  HB2  sing N N 271 
LYS CB  HB3  sing N N 272 
LYS CG  CD   sing N N 273 
LYS CG  HG2  sing N N 274 
LYS CG  HG3  sing N N 275 
LYS CD  CE   sing N N 276 
LYS CD  HD2  sing N N 277 
LYS CD  HD3  sing N N 278 
LYS CE  NZ   sing N N 279 
LYS CE  HE2  sing N N 280 
LYS CE  HE3  sing N N 281 
LYS NZ  HZ1  sing N N 282 
LYS NZ  HZ2  sing N N 283 
LYS NZ  HZ3  sing N N 284 
LYS OXT HXT  sing N N 285 
MET N   CA   sing N N 286 
MET N   H    sing N N 287 
MET N   H2   sing N N 288 
MET CA  C    sing N N 289 
MET CA  CB   sing N N 290 
MET CA  HA   sing N N 291 
MET C   O    doub N N 292 
MET C   OXT  sing N N 293 
MET CB  CG   sing N N 294 
MET CB  HB2  sing N N 295 
MET CB  HB3  sing N N 296 
MET CG  SD   sing N N 297 
MET CG  HG2  sing N N 298 
MET CG  HG3  sing N N 299 
MET SD  CE   sing N N 300 
MET CE  HE1  sing N N 301 
MET CE  HE2  sing N N 302 
MET CE  HE3  sing N N 303 
MET OXT HXT  sing N N 304 
PHE N   CA   sing N N 305 
PHE N   H    sing N N 306 
PHE N   H2   sing N N 307 
PHE CA  C    sing N N 308 
PHE CA  CB   sing N N 309 
PHE CA  HA   sing N N 310 
PHE C   O    doub N N 311 
PHE C   OXT  sing N N 312 
PHE CB  CG   sing N N 313 
PHE CB  HB2  sing N N 314 
PHE CB  HB3  sing N N 315 
PHE CG  CD1  doub Y N 316 
PHE CG  CD2  sing Y N 317 
PHE CD1 CE1  sing Y N 318 
PHE CD1 HD1  sing N N 319 
PHE CD2 CE2  doub Y N 320 
PHE CD2 HD2  sing N N 321 
PHE CE1 CZ   doub Y N 322 
PHE CE1 HE1  sing N N 323 
PHE CE2 CZ   sing Y N 324 
PHE CE2 HE2  sing N N 325 
PHE CZ  HZ   sing N N 326 
PHE OXT HXT  sing N N 327 
PRO N   CA   sing N N 328 
PRO N   CD   sing N N 329 
PRO N   H    sing N N 330 
PRO CA  C    sing N N 331 
PRO CA  CB   sing N N 332 
PRO CA  HA   sing N N 333 
PRO C   O    doub N N 334 
PRO C   OXT  sing N N 335 
PRO CB  CG   sing N N 336 
PRO CB  HB2  sing N N 337 
PRO CB  HB3  sing N N 338 
PRO CG  CD   sing N N 339 
PRO CG  HG2  sing N N 340 
PRO CG  HG3  sing N N 341 
PRO CD  HD2  sing N N 342 
PRO CD  HD3  sing N N 343 
PRO OXT HXT  sing N N 344 
SER N   CA   sing N N 345 
SER N   H    sing N N 346 
SER N   H2   sing N N 347 
SER CA  C    sing N N 348 
SER CA  CB   sing N N 349 
SER CA  HA   sing N N 350 
SER C   O    doub N N 351 
SER C   OXT  sing N N 352 
SER CB  OG   sing N N 353 
SER CB  HB2  sing N N 354 
SER CB  HB3  sing N N 355 
SER OG  HG   sing N N 356 
SER OXT HXT  sing N N 357 
THR N   CA   sing N N 358 
THR N   H    sing N N 359 
THR N   H2   sing N N 360 
THR CA  C    sing N N 361 
THR CA  CB   sing N N 362 
THR CA  HA   sing N N 363 
THR C   O    doub N N 364 
THR C   OXT  sing N N 365 
THR CB  OG1  sing N N 366 
THR CB  CG2  sing N N 367 
THR CB  HB   sing N N 368 
THR OG1 HG1  sing N N 369 
THR CG2 HG21 sing N N 370 
THR CG2 HG22 sing N N 371 
THR CG2 HG23 sing N N 372 
THR OXT HXT  sing N N 373 
TRP N   CA   sing N N 374 
TRP N   H    sing N N 375 
TRP N   H2   sing N N 376 
TRP CA  C    sing N N 377 
TRP CA  CB   sing N N 378 
TRP CA  HA   sing N N 379 
TRP C   O    doub N N 380 
TRP C   OXT  sing N N 381 
TRP CB  CG   sing N N 382 
TRP CB  HB2  sing N N 383 
TRP CB  HB3  sing N N 384 
TRP CG  CD1  doub Y N 385 
TRP CG  CD2  sing Y N 386 
TRP CD1 NE1  sing Y N 387 
TRP CD1 HD1  sing N N 388 
TRP CD2 CE2  doub Y N 389 
TRP CD2 CE3  sing Y N 390 
TRP NE1 CE2  sing Y N 391 
TRP NE1 HE1  sing N N 392 
TRP CE2 CZ2  sing Y N 393 
TRP CE3 CZ3  doub Y N 394 
TRP CE3 HE3  sing N N 395 
TRP CZ2 CH2  doub Y N 396 
TRP CZ2 HZ2  sing N N 397 
TRP CZ3 CH2  sing Y N 398 
TRP CZ3 HZ3  sing N N 399 
TRP CH2 HH2  sing N N 400 
TRP OXT HXT  sing N N 401 
TYR N   CA   sing N N 402 
TYR N   H    sing N N 403 
TYR N   H2   sing N N 404 
TYR CA  C    sing N N 405 
TYR CA  CB   sing N N 406 
TYR CA  HA   sing N N 407 
TYR C   O    doub N N 408 
TYR C   OXT  sing N N 409 
TYR CB  CG   sing N N 410 
TYR CB  HB2  sing N N 411 
TYR CB  HB3  sing N N 412 
TYR CG  CD1  doub Y N 413 
TYR CG  CD2  sing Y N 414 
TYR CD1 CE1  sing Y N 415 
TYR CD1 HD1  sing N N 416 
TYR CD2 CE2  doub Y N 417 
TYR CD2 HD2  sing N N 418 
TYR CE1 CZ   doub Y N 419 
TYR CE1 HE1  sing N N 420 
TYR CE2 CZ   sing Y N 421 
TYR CE2 HE2  sing N N 422 
TYR CZ  OH   sing N N 423 
TYR OH  HH   sing N N 424 
TYR OXT HXT  sing N N 425 
VAL N   CA   sing N N 426 
VAL N   H    sing N N 427 
VAL N   H2   sing N N 428 
VAL CA  C    sing N N 429 
VAL CA  CB   sing N N 430 
VAL CA  HA   sing N N 431 
VAL C   O    doub N N 432 
VAL C   OXT  sing N N 433 
VAL CB  CG1  sing N N 434 
VAL CB  CG2  sing N N 435 
VAL CB  HB   sing N N 436 
VAL CG1 HG11 sing N N 437 
VAL CG1 HG12 sing N N 438 
VAL CG1 HG13 sing N N 439 
VAL CG2 HG21 sing N N 440 
VAL CG2 HG22 sing N N 441 
VAL CG2 HG23 sing N N 442 
VAL OXT HXT  sing N N 443 
# 
_pdbx_initial_refinement_model.id               1 
_pdbx_initial_refinement_model.entity_id_list   ? 
_pdbx_initial_refinement_model.type             'experimental model' 
_pdbx_initial_refinement_model.source_name      PDB 
_pdbx_initial_refinement_model.accession_code   2PYC 
_pdbx_initial_refinement_model.details          ? 
# 
_atom_sites.entry_id                    2QUE 
_atom_sites.fract_transf_matrix[1][1]   0.01785256 
_atom_sites.fract_transf_matrix[1][2]   -0.00468564 
_atom_sites.fract_transf_matrix[1][3]   -0.00373328 
_atom_sites.fract_transf_matrix[2][1]   0.00143434 
_atom_sites.fract_transf_matrix[2][2]   0.01473601 
_atom_sites.fract_transf_matrix[2][3]   -0.01163611 
_atom_sites.fract_transf_matrix[3][1]   0.00638301 
_atom_sites.fract_transf_matrix[3][2]   0.01179328 
_atom_sites.fract_transf_matrix[3][3]   0.01572185 
_atom_sites.fract_transf_vector[1]      0.029437 
_atom_sites.fract_transf_vector[2]      0.337975 
_atom_sites.fract_transf_vector[3]      0.012329 
# 
loop_
_atom_type.symbol 
C 
N 
O 
S 
# 
loop_
_atom_site.group_PDB 
_atom_site.id 
_atom_site.type_symbol 
_atom_site.label_atom_id 
_atom_site.label_alt_id 
_atom_site.label_comp_id 
_atom_site.label_asym_id 
_atom_site.label_entity_id 
_atom_site.label_seq_id 
_atom_site.pdbx_PDB_ins_code 
_atom_site.Cartn_x 
_atom_site.Cartn_y 
_atom_site.Cartn_z 
_atom_site.occupancy 
_atom_site.B_iso_or_equiv 
_atom_site.pdbx_formal_charge 
_atom_site.auth_seq_id 
_atom_site.auth_comp_id 
_atom_site.auth_asym_id 
_atom_site.auth_atom_id 
_atom_site.pdbx_PDB_model_num 
ATOM   1    N N   . SER A 1 1   ? 9.700   -4.449  4.173   1.00 14.07 ? 1   SER A N   1 
ATOM   2    C CA  . SER A 1 1   ? 10.131  -3.072  4.527   1.00 19.50 ? 1   SER A CA  1 
ATOM   3    C C   . SER A 1 1   ? 9.756   -2.104  3.406   1.00 22.67 ? 1   SER A C   1 
ATOM   4    O O   . SER A 1 1   ? 9.528   -2.520  2.266   1.00 20.57 ? 1   SER A O   1 
ATOM   5    C CB  . SER A 1 1   ? 11.645  -3.019  4.747   1.00 19.92 ? 1   SER A CB  1 
ATOM   6    O OG  . SER A 1 1   ? 12.354  -3.213  3.540   1.00 25.81 ? 1   SER A OG  1 
ATOM   7    N N   . LEU A 1 2   ? 9.704   -0.812  3.731   1.00 26.67 ? 2   LEU A N   1 
ATOM   8    C CA  . LEU A 1 2   ? 9.353   0.196   2.736   1.00 30.12 ? 2   LEU A CA  1 
ATOM   9    C C   . LEU A 1 2   ? 10.184  0.059   1.468   1.00 28.99 ? 2   LEU A C   1 
ATOM   10   O O   . LEU A 1 2   ? 9.726   0.420   0.386   1.00 31.15 ? 2   LEU A O   1 
ATOM   11   C CB  . LEU A 1 2   ? 9.525   1.610   3.286   1.00 34.68 ? 2   LEU A CB  1 
ATOM   12   C CG  . LEU A 1 2   ? 8.280   2.258   3.893   1.00 39.17 ? 2   LEU A CG  1 
ATOM   13   C CD1 . LEU A 1 2   ? 7.090   2.026   2.976   1.00 41.51 ? 2   LEU A CD1 1 
ATOM   14   C CD2 . LEU A 1 2   ? 7.996   1.664   5.250   1.00 41.62 ? 2   LEU A CD2 1 
ATOM   15   N N   . LEU A 1 3   ? 11.401  -0.456  1.601   1.00 30.06 ? 3   LEU A N   1 
ATOM   16   C CA  . LEU A 1 3   ? 12.275  -0.642  0.449   1.00 30.94 ? 3   LEU A CA  1 
ATOM   17   C C   . LEU A 1 3   ? 11.683  -1.622  -0.574  1.00 31.05 ? 3   LEU A C   1 
ATOM   18   O O   . LEU A 1 3   ? 11.637  -1.318  -1.764  1.00 31.87 ? 3   LEU A O   1 
ATOM   19   C CB  . LEU A 1 3   ? 13.661  -1.108  0.913   1.00 32.36 ? 3   LEU A CB  1 
ATOM   20   C CG  . LEU A 1 3   ? 14.413  -0.094  1.790   1.00 36.98 ? 3   LEU A CG  1 
ATOM   21   C CD1 . LEU A 1 3   ? 15.770  -0.657  2.199   1.00 37.35 ? 3   LEU A CD1 1 
ATOM   22   C CD2 . LEU A 1 3   ? 14.581  1.218   1.022   1.00 37.64 ? 3   LEU A CD2 1 
ATOM   23   N N   . GLU A 1 4   ? 11.228  -2.788  -0.114  1.00 29.95 ? 4   GLU A N   1 
ATOM   24   C CA  . GLU A 1 4   ? 10.626  -3.777  -1.006  1.00 27.21 ? 4   GLU A CA  1 
ATOM   25   C C   . GLU A 1 4   ? 9.307   -3.277  -1.574  1.00 26.59 ? 4   GLU A C   1 
ATOM   26   O O   . GLU A 1 4   ? 8.987   -3.519  -2.740  1.00 27.41 ? 4   GLU A O   1 
ATOM   27   C CB  . GLU A 1 4   ? 10.359  -5.103  -0.278  1.00 27.04 ? 4   GLU A CB  1 
ATOM   28   C CG  . GLU A 1 4   ? 11.600  -5.889  0.115   1.00 30.34 ? 4   GLU A CG  1 
ATOM   29   C CD  . GLU A 1 4   ? 12.264  -5.348  1.367   1.00 30.94 ? 4   GLU A CD  1 
ATOM   30   O OE1 . GLU A 1 4   ? 11.612  -5.356  2.429   1.00 28.98 ? 4   GLU A OE1 1 
ATOM   31   O OE2 . GLU A 1 4   ? 13.437  -4.922  1.294   1.00 32.44 ? 4   GLU A OE2 1 
ATOM   32   N N   . PHE A 1 5   ? 8.548   -2.567  -0.744  1.00 23.17 ? 5   PHE A N   1 
ATOM   33   C CA  . PHE A 1 5   ? 7.242   -2.058  -1.151  1.00 22.54 ? 5   PHE A CA  1 
ATOM   34   C C   . PHE A 1 5   ? 7.296   -0.983  -2.246  1.00 25.08 ? 5   PHE A C   1 
ATOM   35   O O   . PHE A 1 5   ? 6.566   -1.078  -3.230  1.00 27.46 ? 5   PHE A O   1 
ATOM   36   C CB  . PHE A 1 5   ? 6.459   -1.542  0.073   1.00 15.78 ? 5   PHE A CB  1 
ATOM   37   C CG  . PHE A 1 5   ? 5.000   -1.302  -0.192  1.00 18.48 ? 5   PHE A CG  1 
ATOM   38   C CD1 . PHE A 1 5   ? 4.260   -2.217  -0.944  1.00 16.26 ? 5   PHE A CD1 1 
ATOM   39   C CD2 . PHE A 1 5   ? 4.356   -0.187  0.336   1.00 15.29 ? 5   PHE A CD2 1 
ATOM   40   C CE1 . PHE A 1 5   ? 2.899   -2.032  -1.163  1.00 20.21 ? 5   PHE A CE1 1 
ATOM   41   C CE2 . PHE A 1 5   ? 2.982   0.006   0.119   1.00 23.29 ? 5   PHE A CE2 1 
ATOM   42   C CZ  . PHE A 1 5   ? 2.259   -0.921  -0.634  1.00 17.20 ? 5   PHE A CZ  1 
ATOM   43   N N   . GLY A 1 6   ? 8.146   0.026   -2.075  1.00 23.60 ? 6   GLY A N   1 
ATOM   44   C CA  . GLY A 1 6   ? 8.249   1.065   -3.079  1.00 26.81 ? 6   GLY A CA  1 
ATOM   45   C C   . GLY A 1 6   ? 8.760   0.536   -4.410  1.00 30.36 ? 6   GLY A C   1 
ATOM   46   O O   . GLY A 1 6   ? 8.401   1.044   -5.474  1.00 30.14 ? 6   GLY A O   1 
ATOM   47   N N   . LYS A 1 7   ? 9.583   -0.504  -4.350  1.00 29.77 ? 7   LYS A N   1 
ATOM   48   C CA  . LYS A 1 7   ? 10.140  -1.118  -5.545  1.00 30.80 ? 7   LYS A CA  1 
ATOM   49   C C   . LYS A 1 7   ? 9.067   -1.926  -6.264  1.00 31.07 ? 7   LYS A C   1 
ATOM   50   O O   . LYS A 1 7   ? 9.019   -1.984  -7.495  1.00 31.02 ? 7   LYS A O   1 
ATOM   51   C CB  . LYS A 1 7   ? 11.320  -2.019  -5.158  1.00 32.39 ? 7   LYS A CB  1 
ATOM   52   C CG  . LYS A 1 7   ? 11.925  -2.831  -6.290  1.00 36.90 ? 7   LYS A CG  1 
ATOM   53   C CD  . LYS A 1 7   ? 13.255  -3.432  -5.848  1.00 42.03 ? 7   LYS A CD  1 
ATOM   54   C CE  . LYS A 1 7   ? 13.770  -4.480  -6.818  1.00 43.49 ? 7   LYS A CE  1 
ATOM   55   N NZ  . LYS A 1 7   ? 12.864  -5.665  -6.867  1.00 44.57 ? 7   LYS A NZ  1 
ATOM   56   N N   . MET A 1 8   ? 8.211   -2.549  -5.465  1.00 31.47 ? 8   MET A N   1 
ATOM   57   C CA  . MET A 1 8   ? 7.104   -3.358  -5.955  1.00 30.44 ? 8   MET A CA  1 
ATOM   58   C C   . MET A 1 8   ? 6.118   -2.435  -6.680  1.00 29.32 ? 8   MET A C   1 
ATOM   59   O O   . MET A 1 8   ? 5.637   -2.753  -7.767  1.00 28.71 ? 8   MET A O   1 
ATOM   60   C CB  . MET A 1 8   ? 6.418   -4.031  -4.765  1.00 32.28 ? 8   MET A CB  1 
ATOM   61   C CG  . MET A 1 8   ? 5.722   -5.342  -5.055  1.00 31.74 ? 8   MET A CG  1 
ATOM   62   S SD  . MET A 1 8   ? 5.019   -6.037  -3.527  1.00 31.49 ? 8   MET A SD  1 
ATOM   63   C CE  . MET A 1 8   ? 6.128   -7.323  -3.102  1.00 27.16 ? 8   MET A CE  1 
ATOM   64   N N   . ILE A 1 9   ? 5.840   -1.287  -6.070  1.00 26.91 ? 9   ILE A N   1 
ATOM   65   C CA  . ILE A 1 9   ? 4.926   -0.294  -6.627  1.00 25.29 ? 9   ILE A CA  1 
ATOM   66   C C   . ILE A 1 9   ? 5.458   0.290   -7.942  1.00 26.44 ? 9   ILE A C   1 
ATOM   67   O O   . ILE A 1 9   ? 4.705   0.484   -8.901  1.00 25.41 ? 9   ILE A O   1 
ATOM   68   C CB  . ILE A 1 9   ? 4.702   0.853   -5.615  1.00 23.66 ? 9   ILE A CB  1 
ATOM   69   C CG1 . ILE A 1 9   ? 4.053   0.299   -4.344  1.00 22.79 ? 9   ILE A CG1 1 
ATOM   70   C CG2 . ILE A 1 9   ? 3.826   1.926   -6.210  1.00 20.06 ? 9   ILE A CG2 1 
ATOM   71   C CD1 . ILE A 1 9   ? 3.785   1.351   -3.265  1.00 23.02 ? 9   ILE A CD1 1 
ATOM   72   N N   . LEU A 1 10  ? 6.757   0.572   -7.980  1.00 30.13 ? 10  LEU A N   1 
ATOM   73   C CA  . LEU A 1 10  ? 7.387   1.131   -9.175  1.00 31.19 ? 10  LEU A CA  1 
ATOM   74   C C   . LEU A 1 10  ? 7.299   0.137   -10.329 1.00 31.09 ? 10  LEU A C   1 
ATOM   75   O O   . LEU A 1 10  ? 6.957   0.505   -11.455 1.00 32.21 ? 10  LEU A O   1 
ATOM   76   C CB  . LEU A 1 10  ? 8.853   1.482   -8.892  1.00 30.58 ? 10  LEU A CB  1 
ATOM   77   C CG  . LEU A 1 10  ? 9.748   1.947   -10.050 1.00 33.21 ? 10  LEU A CG  1 
ATOM   78   C CD1 . LEU A 1 10  ? 9.098   3.083   -10.840 1.00 30.83 ? 10  LEU A CD1 1 
ATOM   79   C CD2 . LEU A 1 10  ? 11.081  2.398   -9.482  1.00 33.34 ? 10  LEU A CD2 1 
ATOM   80   N N   . GLU A 1 11  ? 7.611   -1.123  -10.045 1.00 32.35 ? 11  GLU A N   1 
ATOM   81   C CA  . GLU A 1 11  ? 7.552   -2.177  -11.056 1.00 32.30 ? 11  GLU A CA  1 
ATOM   82   C C   . GLU A 1 11  ? 6.133   -2.358  -11.591 1.00 33.37 ? 11  GLU A C   1 
ATOM   83   O O   . GLU A 1 11  ? 5.930   -2.547  -12.791 1.00 33.63 ? 11  GLU A O   1 
ATOM   84   C CB  . GLU A 1 11  ? 8.018   -3.506  -10.464 1.00 33.00 ? 11  GLU A CB  1 
ATOM   85   C CG  . GLU A 1 11  ? 9.475   -3.568  -10.052 1.00 35.24 ? 11  GLU A CG  1 
ATOM   86   C CD  . GLU A 1 11  ? 9.834   -4.905  -9.425  1.00 35.63 ? 11  GLU A CD  1 
ATOM   87   O OE1 . GLU A 1 11  ? 8.934   -5.543  -8.844  1.00 30.80 ? 11  GLU A OE1 1 
ATOM   88   O OE2 . GLU A 1 11  ? 11.014  -5.307  -9.494  1.00 37.12 ? 11  GLU A OE2 1 
ATOM   89   N N   . GLU A 1 12  ? 5.159   -2.304  -10.686 1.00 32.39 ? 12  GLU A N   1 
ATOM   90   C CA  . GLU A 1 12  ? 3.759   -2.487  -11.050 1.00 31.58 ? 12  GLU A CA  1 
ATOM   91   C C   . GLU A 1 12  ? 3.141   -1.354  -11.841 1.00 29.31 ? 12  GLU A C   1 
ATOM   92   O O   . GLU A 1 12  ? 2.570   -1.581  -12.898 1.00 30.36 ? 12  GLU A O   1 
ATOM   93   C CB  . GLU A 1 12  ? 2.887   -2.712  -9.801  1.00 29.41 ? 12  GLU A CB  1 
ATOM   94   C CG  . GLU A 1 12  ? 3.014   -4.104  -9.196  1.00 33.64 ? 12  GLU A CG  1 
ATOM   95   C CD  . GLU A 1 12  ? 2.589   -5.200  -10.155 1.00 28.32 ? 12  GLU A CD  1 
ATOM   96   O OE1 . GLU A 1 12  ? 1.387   -5.278  -10.480 1.00 30.42 ? 12  GLU A OE1 1 
ATOM   97   O OE2 . GLU A 1 12  ? 3.459   -5.982  -10.579 1.00 31.30 ? 12  GLU A OE2 1 
ATOM   98   N N   . THR A 1 13  ? 3.278   -0.137  -11.330 1.00 28.74 ? 13  THR A N   1 
ATOM   99   C CA  . THR A 1 13  ? 2.645   1.030   -11.933 1.00 31.15 ? 13  THR A CA  1 
ATOM   100  C C   . THR A 1 13  ? 3.496   1.992   -12.760 1.00 32.63 ? 13  THR A C   1 
ATOM   101  O O   . THR A 1 13  ? 2.974   2.720   -13.595 1.00 33.47 ? 13  THR A O   1 
ATOM   102  C CB  . THR A 1 13  ? 1.957   1.870   -10.839 1.00 29.14 ? 13  THR A CB  1 
ATOM   103  O OG1 . THR A 1 13  ? 2.950   2.618   -10.126 1.00 29.80 ? 13  THR A OG1 1 
ATOM   104  C CG2 . THR A 1 13  ? 1.253   0.972   -9.846  1.00 27.90 ? 13  THR A CG2 1 
ATOM   105  N N   . GLY A 1 14  ? 4.798   2.010   -12.516 1.00 35.02 ? 14  GLY A N   1 
ATOM   106  C CA  . GLY A 1 14  ? 5.660   2.919   -13.241 1.00 36.00 ? 14  GLY A CA  1 
ATOM   107  C C   . GLY A 1 14  ? 5.908   4.182   -12.442 1.00 36.76 ? 14  GLY A C   1 
ATOM   108  O O   . GLY A 1 14  ? 6.801   4.961   -12.758 1.00 38.02 ? 14  GLY A O   1 
ATOM   109  N N   . LYS A 1 15  ? 5.107   4.377   -11.396 1.00 37.11 ? 16  LYS A N   1 
ATOM   110  C CA  . LYS A 1 15  ? 5.224   5.542   -10.514 1.00 36.99 ? 16  LYS A CA  1 
ATOM   111  C C   . LYS A 1 15  ? 6.035   5.189   -9.278  1.00 37.70 ? 16  LYS A C   1 
ATOM   112  O O   . LYS A 1 15  ? 6.034   4.059   -8.819  1.00 38.48 ? 16  LYS A O   1 
ATOM   113  C CB  . LYS A 1 15  ? 3.858   6.016   -10.030 1.00 36.55 ? 16  LYS A CB  1 
ATOM   114  C CG  . LYS A 1 15  ? 2.815   6.232   -11.098 1.00 36.56 ? 16  LYS A CG  1 
ATOM   115  C CD  . LYS A 1 15  ? 1.504   6.611   -10.429 1.00 37.38 ? 16  LYS A CD  1 
ATOM   116  C CE  . LYS A 1 15  ? 0.403   6.793   -11.451 1.00 37.65 ? 16  LYS A CE  1 
ATOM   117  N NZ  . LYS A 1 15  ? 0.517   8.091   -12.171 1.00 42.31 ? 16  LYS A NZ  1 
ATOM   118  N N   . LEU A 1 16  ? 6.717   6.160   -8.771  1.00 37.54 ? 17  LEU A N   1 
ATOM   119  C CA  . LEU A 1 16  ? 7.429   6.033   -7.516  1.00 37.22 ? 17  LEU A CA  1 
ATOM   120  C C   . LEU A 1 16  ? 6.434   6.258   -6.339  1.00 35.99 ? 17  LEU A C   1 
ATOM   121  O O   . LEU A 1 16  ? 5.656   7.218   -6.307  1.00 35.63 ? 17  LEU A O   1 
ATOM   122  C CB  . LEU A 1 16  ? 8.605   7.037   -7.461  1.00 39.64 ? 17  LEU A CB  1 
ATOM   123  C CG  . LEU A 1 16  ? 9.577   7.048   -8.644  1.00 42.35 ? 17  LEU A CG  1 
ATOM   124  C CD1 . LEU A 1 16  ? 9.873   8.475   -9.098  1.00 41.74 ? 17  LEU A CD1 1 
ATOM   125  C CD2 . LEU A 1 16  ? 10.872  6.347   -8.272  1.00 41.11 ? 17  LEU A CD2 1 
ATOM   126  N N   . ALA A 1 17  ? 6.636   5.337   -5.296  1.00 35.60 ? 18  ALA A N   1 
ATOM   127  C CA  . ALA A 1 17  ? 5.901   5.396   -4.059  1.00 34.00 ? 18  ALA A CA  1 
ATOM   128  C C   . ALA A 1 17  ? 5.823   6.830   -3.581  1.00 34.36 ? 18  ALA A C   1 
ATOM   129  O O   . ALA A 1 17  ? 4.755   7.348   -3.258  1.00 34.88 ? 18  ALA A O   1 
ATOM   130  C CB  . ALA A 1 17  ? 6.567   4.535   -2.997  1.00 34.22 ? 18  ALA A CB  1 
ATOM   131  N N   . ILE A 1 18  ? 6.978   7.481   -3.540  1.00 36.14 ? 19  ILE A N   1 
ATOM   132  C CA  . ILE A 1 18  ? 7.084   8.878   -3.143  1.00 37.96 ? 19  ILE A CA  1 
ATOM   133  C C   . ILE A 1 18  ? 7.380   9.620   -4.457  1.00 39.48 ? 19  ILE A C   1 
ATOM   134  O O   . ILE A 1 18  ? 8.342   9.293   -5.158  1.00 37.22 ? 19  ILE A O   1 
ATOM   135  C CB  . ILE A 1 18  ? 8.246   9.070   -2.126  1.00 38.66 ? 19  ILE A CB  1 
ATOM   136  C CG1 . ILE A 1 18  ? 7.979   8.228   -0.872  1.00 35.69 ? 19  ILE A CG1 1 
ATOM   137  C CG2 . ILE A 1 18  ? 8.408   10.552  -1.778  1.00 35.69 ? 19  ILE A CG2 1 
ATOM   138  C CD1 . ILE A 1 18  ? 9.131   8.204   0.104   1.00 36.23 ? 19  ILE A CD1 1 
ATOM   139  N N   . PRO A 1 19  ? 6.572   10.636  -4.804  1.00 40.95 ? 20  PRO A N   1 
ATOM   140  C CA  . PRO A 1 19  ? 5.415   11.115  -4.049  1.00 41.97 ? 20  PRO A CA  1 
ATOM   141  C C   . PRO A 1 19  ? 4.030   10.761  -4.598  1.00 40.97 ? 20  PRO A C   1 
ATOM   142  O O   . PRO A 1 19  ? 3.052   11.416  -4.240  1.00 40.96 ? 20  PRO A O   1 
ATOM   143  C CB  . PRO A 1 19  ? 5.643   12.615  -4.061  1.00 44.03 ? 20  PRO A CB  1 
ATOM   144  C CG  . PRO A 1 19  ? 6.006   12.819  -5.500  1.00 43.19 ? 20  PRO A CG  1 
ATOM   145  C CD  . PRO A 1 19  ? 7.011   11.674  -5.758  1.00 41.54 ? 20  PRO A CD  1 
ATOM   146  N N   . SER A 1 20  ? 3.936   9.750   -5.458  1.00 39.41 ? 21  SER A N   1 
ATOM   147  C CA  . SER A 1 20  ? 2.643   9.353   -6.020  1.00 35.91 ? 21  SER A CA  1 
ATOM   148  C C   . SER A 1 20  ? 1.754   8.664   -4.988  1.00 34.45 ? 21  SER A C   1 
ATOM   149  O O   . SER A 1 20  ? 0.539   8.846   -5.005  1.00 33.33 ? 21  SER A O   1 
ATOM   150  C CB  . SER A 1 20  ? 2.828   8.417   -7.224  1.00 34.70 ? 21  SER A CB  1 
ATOM   151  O OG  . SER A 1 20  ? 3.537   9.047   -8.275  1.00 34.48 ? 21  SER A OG  1 
ATOM   152  N N   . TYR A 1 21  ? 2.347   7.889   -4.078  1.00 33.74 ? 22  TYR A N   1 
ATOM   153  C CA  . TYR A 1 21  ? 1.555   7.185   -3.067  1.00 33.31 ? 22  TYR A CA  1 
ATOM   154  C C   . TYR A 1 21  ? 1.973   7.390   -1.607  1.00 34.51 ? 22  TYR A C   1 
ATOM   155  O O   . TYR A 1 21  ? 1.727   6.522   -0.764  1.00 36.13 ? 22  TYR A O   1 
ATOM   156  C CB  . TYR A 1 21  ? 1.537   5.678   -3.363  1.00 31.18 ? 22  TYR A CB  1 
ATOM   157  C CG  . TYR A 1 21  ? 0.971   5.306   -4.717  1.00 27.93 ? 22  TYR A CG  1 
ATOM   158  C CD1 . TYR A 1 21  ? 1.813   5.006   -5.790  1.00 23.60 ? 22  TYR A CD1 1 
ATOM   159  C CD2 . TYR A 1 21  ? -0.409  5.204   -4.912  1.00 28.46 ? 22  TYR A CD2 1 
ATOM   160  C CE1 . TYR A 1 21  ? 1.290   4.601   -7.019  1.00 29.78 ? 22  TYR A CE1 1 
ATOM   161  C CE2 . TYR A 1 21  ? -0.937  4.805   -6.135  1.00 26.52 ? 22  TYR A CE2 1 
ATOM   162  C CZ  . TYR A 1 21  ? -0.084  4.498   -7.180  1.00 29.09 ? 22  TYR A CZ  1 
ATOM   163  O OH  . TYR A 1 21  ? -0.610  4.040   -8.361  1.00 30.66 ? 22  TYR A OH  1 
ATOM   164  N N   . SER A 1 22  ? 2.586   8.526   -1.292  1.00 33.91 ? 23  SER A N   1 
ATOM   165  C CA  . SER A 1 22  ? 3.003   8.779   0.083   1.00 32.89 ? 23  SER A CA  1 
ATOM   166  C C   . SER A 1 22  ? 2.144   9.849   0.761   1.00 33.36 ? 23  SER A C   1 
ATOM   167  O O   . SER A 1 22  ? 2.121   9.957   1.988   1.00 33.67 ? 23  SER A O   1 
ATOM   168  C CB  . SER A 1 22  ? 4.483   9.171   0.129   1.00 31.18 ? 23  SER A CB  1 
ATOM   169  O OG  . SER A 1 22  ? 4.768   10.267  -0.720  1.00 35.38 ? 23  SER A OG  1 
ATOM   170  N N   . SER A 1 23  ? 1.428   10.629  -0.042  1.00 32.67 ? 24  SER A N   1 
ATOM   171  C CA  . SER A 1 23  ? 0.559   11.676  0.483   1.00 35.18 ? 24  SER A CA  1 
ATOM   172  C C   . SER A 1 23  ? -0.763  11.692  -0.299  1.00 34.04 ? 24  SER A C   1 
ATOM   173  O O   . SER A 1 23  ? -1.383  12.745  -0.484  1.00 33.01 ? 24  SER A O   1 
ATOM   174  C CB  . SER A 1 23  ? 1.260   13.028  0.364   1.00 35.83 ? 24  SER A CB  1 
ATOM   175  O OG  . SER A 1 23  ? 1.533   13.319  -0.988  1.00 37.49 ? 24  SER A OG  1 
ATOM   176  N N   . TYR A 1 24  ? -1.194  10.513  -0.737  1.00 30.47 ? 25  TYR A N   1 
ATOM   177  C CA  . TYR A 1 24  ? -2.417  10.387  -1.522  1.00 30.29 ? 25  TYR A CA  1 
ATOM   178  C C   . TYR A 1 24  ? -3.693  10.165  -0.699  1.00 29.93 ? 25  TYR A C   1 
ATOM   179  O O   . TYR A 1 24  ? -3.746  9.297   0.171   1.00 29.78 ? 25  TYR A O   1 
ATOM   180  C CB  . TYR A 1 24  ? -2.243  9.252   -2.539  1.00 29.79 ? 25  TYR A CB  1 
ATOM   181  C CG  . TYR A 1 24  ? -3.295  9.211   -3.624  1.00 28.90 ? 25  TYR A CG  1 
ATOM   182  C CD1 . TYR A 1 24  ? -4.516  8.560   -3.420  1.00 27.10 ? 25  TYR A CD1 1 
ATOM   183  C CD2 . TYR A 1 24  ? -3.070  9.818   -4.859  1.00 27.93 ? 25  TYR A CD2 1 
ATOM   184  C CE1 . TYR A 1 24  ? -5.486  8.515   -4.425  1.00 25.74 ? 25  TYR A CE1 1 
ATOM   185  C CE2 . TYR A 1 24  ? -4.027  9.772   -5.868  1.00 26.77 ? 25  TYR A CE2 1 
ATOM   186  C CZ  . TYR A 1 24  ? -5.232  9.120   -5.647  1.00 24.98 ? 25  TYR A CZ  1 
ATOM   187  O OH  . TYR A 1 24  ? -6.165  9.060   -6.649  1.00 22.71 ? 25  TYR A OH  1 
ATOM   188  N N   . GLY A 1 25  ? -4.712  10.971  -0.990  1.00 28.66 ? 26  GLY A N   1 
ATOM   189  C CA  . GLY A 1 25  ? -5.984  10.873  -0.307  1.00 28.99 ? 26  GLY A CA  1 
ATOM   190  C C   . GLY A 1 25  ? -5.909  10.866  1.207   1.00 31.02 ? 26  GLY A C   1 
ATOM   191  O O   . GLY A 1 25  ? -5.105  11.566  1.819   1.00 33.70 ? 26  GLY A O   1 
ATOM   192  N N   . CYS A 1 26  ? -6.769  10.061  1.812   1.00 30.78 ? 27  CYS A N   1 
ATOM   193  C CA  . CYS A 1 26  ? -6.834  9.963   3.257   1.00 29.29 ? 27  CYS A CA  1 
ATOM   194  C C   . CYS A 1 26  ? -6.042  8.814   3.865   1.00 27.21 ? 27  CYS A C   1 
ATOM   195  O O   . CYS A 1 26  ? -5.735  8.837   5.054   1.00 27.43 ? 27  CYS A O   1 
ATOM   196  C CB  . CYS A 1 26  ? -8.300  9.856   3.696   1.00 29.05 ? 27  CYS A CB  1 
ATOM   197  S SG  . CYS A 1 26  ? -9.196  11.409  3.386   1.00 31.09 ? 27  CYS A SG  1 
ATOM   198  N N   . TYR A 1 27  ? -5.693  7.818   3.060   1.00 27.64 ? 28  TYR A N   1 
ATOM   199  C CA  . TYR A 1 27  ? -4.970  6.671   3.602   1.00 26.72 ? 28  TYR A CA  1 
ATOM   200  C C   . TYR A 1 27  ? -3.591  6.325   3.061   1.00 27.36 ? 28  TYR A C   1 
ATOM   201  O O   . TYR A 1 27  ? -2.862  5.575   3.704   1.00 30.31 ? 28  TYR A O   1 
ATOM   202  C CB  . TYR A 1 27  ? -5.858  5.429   3.536   1.00 21.19 ? 28  TYR A CB  1 
ATOM   203  C CG  . TYR A 1 27  ? -6.980  5.477   4.538   1.00 20.55 ? 28  TYR A CG  1 
ATOM   204  C CD1 . TYR A 1 27  ? -8.221  6.019   4.202   1.00 20.00 ? 28  TYR A CD1 1 
ATOM   205  C CD2 . TYR A 1 27  ? -6.773  5.070   5.857   1.00 21.00 ? 28  TYR A CD2 1 
ATOM   206  C CE1 . TYR A 1 27  ? -9.228  6.154   5.153   1.00 22.19 ? 28  TYR A CE1 1 
ATOM   207  C CE2 . TYR A 1 27  ? -7.767  5.205   6.814   1.00 21.50 ? 28  TYR A CE2 1 
ATOM   208  C CZ  . TYR A 1 27  ? -8.991  5.754   6.455   1.00 23.12 ? 28  TYR A CZ  1 
ATOM   209  O OH  . TYR A 1 27  ? -9.977  5.918   7.394   1.00 25.36 ? 28  TYR A OH  1 
ATOM   210  N N   . CYS A 1 28  ? -3.223  6.840   1.896   1.00 28.84 ? 29  CYS A N   1 
ATOM   211  C CA  . CYS A 1 28  ? -1.901  6.525   1.355   1.00 34.20 ? 29  CYS A CA  1 
ATOM   212  C C   . CYS A 1 28  ? -0.829  7.401   2.006   1.00 38.12 ? 29  CYS A C   1 
ATOM   213  O O   . CYS A 1 28  ? -0.620  8.545   1.597   1.00 40.81 ? 29  CYS A O   1 
ATOM   214  C CB  . CYS A 1 28  ? -1.888  6.723   -0.166  1.00 29.79 ? 29  CYS A CB  1 
ATOM   215  S SG  . CYS A 1 28  ? -3.196  5.821   -1.060  1.00 27.98 ? 29  CYS A SG  1 
ATOM   216  N N   . GLY A 1 29  ? -0.164  6.863   3.025   1.00 42.29 ? 30  GLY A N   1 
ATOM   217  C CA  . GLY A 1 29  ? 0.875   7.607   3.721   1.00 48.70 ? 30  GLY A CA  1 
ATOM   218  C C   . GLY A 1 29  ? 0.677   7.668   5.227   1.00 53.48 ? 30  GLY A C   1 
ATOM   219  O O   . GLY A 1 29  ? 0.417   6.653   5.874   1.00 52.93 ? 30  GLY A O   1 
ATOM   220  N N   . TRP A 1 30  ? 0.807   8.867   5.787   1.00 58.54 ? 31  TRP A N   1 
ATOM   221  C CA  . TRP A 1 30  ? 0.635   9.080   7.222   1.00 63.47 ? 31  TRP A CA  1 
ATOM   222  C C   . TRP A 1 30  ? -0.830  8.803   7.556   1.00 63.45 ? 31  TRP A C   1 
ATOM   223  O O   . TRP A 1 30  ? -1.168  8.433   8.683   1.00 64.54 ? 31  TRP A O   1 
ATOM   224  C CB  . TRP A 1 30  ? 0.967   10.537  7.568   1.00 68.37 ? 31  TRP A CB  1 
ATOM   225  C CG  . TRP A 1 30  ? 1.731   10.749  8.854   1.00 73.44 ? 31  TRP A CG  1 
ATOM   226  C CD1 . TRP A 1 30  ? 3.090   10.749  9.012   1.00 75.52 ? 31  TRP A CD1 1 
ATOM   227  C CD2 . TRP A 1 30  ? 1.180   11.056  10.140  1.00 75.72 ? 31  TRP A CD2 1 
ATOM   228  N NE1 . TRP A 1 30  ? 3.418   11.047  10.311  1.00 75.79 ? 31  TRP A NE1 1 
ATOM   229  C CE2 . TRP A 1 30  ? 2.261   11.243  11.031  1.00 76.74 ? 31  TRP A CE2 1 
ATOM   230  C CE3 . TRP A 1 30  ? -0.128  11.198  10.634  1.00 75.99 ? 31  TRP A CE3 1 
ATOM   231  C CZ2 . TRP A 1 30  ? 2.086   11.562  12.380  1.00 77.42 ? 31  TRP A CZ2 1 
ATOM   232  C CZ3 . TRP A 1 30  ? -0.306  11.516  11.981  1.00 76.81 ? 31  TRP A CZ3 1 
ATOM   233  C CH2 . TRP A 1 30  ? 0.797   11.696  12.836  1.00 77.12 ? 31  TRP A CH2 1 
ATOM   234  N N   . GLY A 1 31  ? -1.685  8.979   6.550   1.00 62.35 ? 32  GLY A N   1 
ATOM   235  C CA  . GLY A 1 31  ? -3.121  8.788   6.703   1.00 59.84 ? 32  GLY A CA  1 
ATOM   236  C C   . GLY A 1 31  ? -3.637  7.658   7.580   1.00 58.22 ? 32  GLY A C   1 
ATOM   237  O O   . GLY A 1 31  ? -3.103  6.551   7.556   1.00 58.29 ? 32  GLY A O   1 
ATOM   238  N N   . GLY A 1 32  ? -4.688  7.946   8.348   1.00 56.95 ? 33  GLY A N   1 
ATOM   239  C CA  . GLY A 1 32  ? -5.279  6.947   9.221   1.00 54.07 ? 33  GLY A CA  1 
ATOM   240  C C   . GLY A 1 32  ? -6.700  7.252   9.672   1.00 52.61 ? 33  GLY A C   1 
ATOM   241  O O   . GLY A 1 32  ? -7.148  6.730   10.692  1.00 53.95 ? 33  GLY A O   1 
ATOM   242  N N   . LYS A 1 33  ? -7.415  8.101   8.941   1.00 50.51 ? 34  LYS A N   1 
ATOM   243  C CA  . LYS A 1 33  ? -8.793  8.431   9.313   1.00 47.10 ? 34  LYS A CA  1 
ATOM   244  C C   . LYS A 1 33  ? -9.641  8.818   8.111   1.00 43.80 ? 34  LYS A C   1 
ATOM   245  O O   . LYS A 1 33  ? -9.122  9.034   7.021   1.00 41.50 ? 34  LYS A O   1 
ATOM   246  C CB  . LYS A 1 33  ? -8.831  9.585   10.318  1.00 48.15 ? 34  LYS A CB  1 
ATOM   247  C CG  . LYS A 1 33  ? -8.335  10.909  9.758   1.00 51.73 ? 34  LYS A CG  1 
ATOM   248  C CD  . LYS A 1 33  ? -8.947  12.082  10.498  1.00 54.22 ? 34  LYS A CD  1 
ATOM   249  C CE  . LYS A 1 33  ? -8.625  13.391  9.799   1.00 55.07 ? 34  LYS A CE  1 
ATOM   250  N NZ  . LYS A 1 33  ? -9.463  14.510  10.297  1.00 55.74 ? 34  LYS A NZ  1 
ATOM   251  N N   . GLY A 1 34  ? -10.952 8.901   8.325   1.00 43.64 ? 35  GLY A N   1 
ATOM   252  C CA  . GLY A 1 34  ? -11.872 9.279   7.267   1.00 41.60 ? 35  GLY A CA  1 
ATOM   253  C C   . GLY A 1 34  ? -12.348 8.194   6.318   1.00 41.43 ? 35  GLY A C   1 
ATOM   254  O O   . GLY A 1 34  ? -12.151 6.999   6.542   1.00 41.09 ? 35  GLY A O   1 
ATOM   255  N N   . THR A 1 35  ? -12.998 8.646   5.249   1.00 40.17 ? 36  THR A N   1 
ATOM   256  C CA  . THR A 1 35  ? -13.533 7.812   4.180   1.00 38.70 ? 36  THR A CA  1 
ATOM   257  C C   . THR A 1 35  ? -12.564 7.871   2.986   1.00 36.68 ? 36  THR A C   1 
ATOM   258  O O   . THR A 1 35  ? -12.269 8.945   2.455   1.00 34.96 ? 36  THR A O   1 
ATOM   259  C CB  . THR A 1 35  ? -14.906 8.300   3.721   1.00 40.30 ? 36  THR A CB  1 
ATOM   260  O OG1 . THR A 1 35  ? -15.768 8.474   4.851   1.00 44.26 ? 36  THR A OG1 1 
ATOM   261  C CG2 . THR A 1 35  ? -15.514 7.292   2.759   1.00 42.46 ? 36  THR A CG2 1 
ATOM   262  N N   . PRO A 1 36  ? -12.062 6.694   2.556   1.00 36.20 ? 37  PRO A N   1 
ATOM   263  C CA  . PRO A 1 36  ? -11.191 6.744   1.359   1.00 32.81 ? 37  PRO A CA  1 
ATOM   264  C C   . PRO A 1 36  ? -11.792 7.544   0.242   1.00 32.04 ? 37  PRO A C   1 
ATOM   265  O O   . PRO A 1 36  ? -12.963 7.364   -0.095  1.00 32.74 ? 37  PRO A O   1 
ATOM   266  C CB  . PRO A 1 36  ? -10.864 5.278   1.117   1.00 34.11 ? 37  PRO A CB  1 
ATOM   267  C CG  . PRO A 1 36  ? -10.730 4.805   2.549   1.00 35.12 ? 37  PRO A CG  1 
ATOM   268  C CD  . PRO A 1 36  ? -11.553 5.668   3.455   1.00 36.65 ? 37  PRO A CD  1 
ATOM   269  N N   . LYS A 1 37  ? -10.999 8.416   -0.346  1.00 30.07 ? 38  LYS A N   1 
ATOM   270  C CA  . LYS A 1 37  ? -11.542 9.282   -1.406  1.00 28.71 ? 38  LYS A CA  1 
ATOM   271  C C   . LYS A 1 37  ? -11.866 8.549   -2.695  1.00 28.89 ? 38  LYS A C   1 
ATOM   272  O O   . LYS A 1 37  ? -12.832 8.896   -3.362  1.00 30.24 ? 38  LYS A O   1 
ATOM   273  C CB  . LYS A 1 37  ? -10.576 10.453  -1.645  1.00 29.94 ? 38  LYS A CB  1 
ATOM   274  C CG  . LYS A 1 37  ? -10.356 11.337  -0.420  1.00 32.50 ? 38  LYS A CG  1 
ATOM   275  C CD  . LYS A 1 37  ? -11.673 11.757  0.229   1.00 33.73 ? 38  LYS A CD  1 
ATOM   276  C CE  . LYS A 1 37  ? -12.581 12.483  -0.756  1.00 36.74 ? 38  LYS A CE  1 
ATOM   277  N NZ  . LYS A 1 37  ? -13.839 12.942  -0.108  1.00 38.52 ? 38  LYS A NZ  1 
ATOM   278  N N   . ASP A 1 38  ? -11.095 7.518   -3.052  1.00 27.55 ? 39  ASP A N   1 
ATOM   279  C CA  . ASP A 1 38  ? -11.310 6.784   -4.290  1.00 25.46 ? 39  ASP A CA  1 
ATOM   280  C C   . ASP A 1 38  ? -10.726 5.364   -4.229  1.00 25.91 ? 39  ASP A C   1 
ATOM   281  O O   . ASP A 1 38  ? -10.142 4.989   -3.214  1.00 22.83 ? 39  ASP A O   1 
ATOM   282  C CB  . ASP A 1 38  ? -10.640 7.506   -5.444  1.00 25.44 ? 39  ASP A CB  1 
ATOM   283  C CG  . ASP A 1 38  ? -9.130  7.382   -5.349  1.00 28.11 ? 39  ASP A CG  1 
ATOM   284  O OD1 . ASP A 1 38  ? -8.633  7.048   -4.244  1.00 29.20 ? 39  ASP A OD1 1 
ATOM   285  O OD2 . ASP A 1 38  ? -8.431  7.615   -6.364  1.00 29.31 ? 39  ASP A OD2 1 
ATOM   286  N N   . ALA A 1 39  ? -10.887 4.611   -5.300  1.00 25.35 ? 40  ALA A N   1 
ATOM   287  C CA  . ALA A 1 39  ? -10.301 3.273   -5.399  1.00 25.65 ? 40  ALA A CA  1 
ATOM   288  C C   . ALA A 1 39  ? -8.846  3.132   -4.940  1.00 23.76 ? 40  ALA A C   1 
ATOM   289  O O   . ALA A 1 39  ? -8.510  2.254   -4.152  1.00 22.96 ? 40  ALA A O   1 
ATOM   290  C CB  . ALA A 1 39  ? -10.458 2.754   -6.818  1.00 22.23 ? 40  ALA A CB  1 
ATOM   291  N N   . THR A 1 40  ? -7.981  3.997   -5.447  1.00 24.36 ? 41  THR A N   1 
ATOM   292  C CA  . THR A 1 40  ? -6.575  3.940   -5.079  1.00 23.73 ? 41  THR A CA  1 
ATOM   293  C C   . THR A 1 40  ? -6.413  4.132   -3.582  1.00 24.92 ? 41  THR A C   1 
ATOM   294  O O   . THR A 1 40  ? -5.600  3.468   -2.929  1.00 25.38 ? 41  THR A O   1 
ATOM   295  C CB  . THR A 1 40  ? -5.756  5.007   -5.828  1.00 24.40 ? 41  THR A CB  1 
ATOM   296  O OG1 . THR A 1 40  ? -5.787  4.734   -7.240  1.00 26.26 ? 41  THR A OG1 1 
ATOM   297  C CG2 . THR A 1 40  ? -4.319  5.009   -5.351  1.00 24.16 ? 41  THR A CG2 1 
ATOM   298  N N   . ASP A 1 41  ? -7.200  5.042   -3.014  1.00 23.98 ? 42  ASP A N   1 
ATOM   299  C CA  . ASP A 1 41  ? -7.145  5.326   -1.591  1.00 23.06 ? 42  ASP A CA  1 
ATOM   300  C C   . ASP A 1 41  ? -7.687  4.118   -0.816  1.00 21.62 ? 42  ASP A C   1 
ATOM   301  O O   . ASP A 1 41  ? -7.254  3.841   0.305   1.00 22.40 ? 42  ASP A O   1 
ATOM   302  C CB  . ASP A 1 41  ? -7.972  6.561   -1.263  1.00 20.54 ? 42  ASP A CB  1 
ATOM   303  C CG  . ASP A 1 41  ? -7.605  7.223   0.049   1.00 21.17 ? 42  ASP A CG  1 
ATOM   304  O OD1 . ASP A 1 41  ? -6.491  6.978   0.560   1.00 21.19 ? 42  ASP A OD1 1 
ATOM   305  O OD2 . ASP A 1 41  ? -8.431  7.993   0.581   1.00 24.71 ? 42  ASP A OD2 1 
ATOM   306  N N   . ARG A 1 42  ? -8.632  3.400   -1.416  1.00 22.40 ? 43  ARG A N   1 
ATOM   307  C CA  . ARG A 1 42  ? -9.203  2.217   -0.787  1.00 21.62 ? 43  ARG A CA  1 
ATOM   308  C C   . ARG A 1 42  ? -8.151  1.107   -0.731  1.00 19.77 ? 43  ARG A C   1 
ATOM   309  O O   . ARG A 1 42  ? -8.162  0.277   0.173   1.00 21.24 ? 43  ARG A O   1 
ATOM   310  C CB  . ARG A 1 42  ? -10.442 1.748   -1.553  1.00 25.61 ? 43  ARG A CB  1 
ATOM   311  C CG  . ARG A 1 42  ? -11.686 2.577   -1.277  1.00 30.59 ? 43  ARG A CG  1 
ATOM   312  C CD  . ARG A 1 42  ? -12.944 1.869   -1.789  1.00 31.49 ? 43  ARG A CD  1 
ATOM   313  N NE  . ARG A 1 42  ? -13.108 1.985   -3.235  1.00 32.91 ? 43  ARG A NE  1 
ATOM   314  C CZ  . ARG A 1 42  ? -13.633 3.040   -3.849  1.00 34.23 ? 43  ARG A CZ  1 
ATOM   315  N NH1 . ARG A 1 42  ? -14.053 4.074   -3.140  1.00 33.90 ? 43  ARG A NH1 1 
ATOM   316  N NH2 . ARG A 1 42  ? -13.735 3.064   -5.170  1.00 32.13 ? 43  ARG A NH2 1 
ATOM   317  N N   . CYS A 1 43  ? -7.251  1.094   -1.706  1.00 17.40 ? 44  CYS A N   1 
ATOM   318  C CA  . CYS A 1 43  ? -6.158  0.123   -1.729  1.00 18.26 ? 44  CYS A CA  1 
ATOM   319  C C   . CYS A 1 43  ? -5.251  0.355   -0.517  1.00 18.50 ? 44  CYS A C   1 
ATOM   320  O O   . CYS A 1 43  ? -4.766  -0.592  0.099   1.00 20.26 ? 44  CYS A O   1 
ATOM   321  C CB  . CYS A 1 43  ? -5.299  0.300   -2.971  1.00 17.16 ? 44  CYS A CB  1 
ATOM   322  S SG  . CYS A 1 43  ? -6.018  -0.078  -4.603  1.00 23.15 ? 44  CYS A SG  1 
ATOM   323  N N   . CYS A 1 44  ? -5.009  1.628   -0.198  1.00 21.14 ? 45  CYS A N   1 
ATOM   324  C CA  . CYS A 1 44  ? -4.152  1.996   0.930   1.00 21.25 ? 45  CYS A CA  1 
ATOM   325  C C   . CYS A 1 44  ? -4.831  1.718   2.266   1.00 22.03 ? 45  CYS A C   1 
ATOM   326  O O   . CYS A 1 44  ? -4.170  1.393   3.251   1.00 18.78 ? 45  CYS A O   1 
ATOM   327  C CB  . CYS A 1 44  ? -3.748  3.481   0.837   1.00 20.01 ? 45  CYS A CB  1 
ATOM   328  S SG  . CYS A 1 44  ? -2.784  3.872   -0.662  1.00 24.47 ? 45  CYS A SG  1 
ATOM   329  N N   . PHE A 1 45  ? -6.154  1.858   2.292   1.00 21.38 ? 46  PHE A N   1 
ATOM   330  C CA  . PHE A 1 45  ? -6.947  1.598   3.495   1.00 21.10 ? 46  PHE A CA  1 
ATOM   331  C C   . PHE A 1 45  ? -6.859  0.099   3.814   1.00 21.41 ? 46  PHE A C   1 
ATOM   332  O O   . PHE A 1 45  ? -6.580  -0.293  4.937   1.00 20.95 ? 46  PHE A O   1 
ATOM   333  C CB  . PHE A 1 45  ? -8.412  1.979   3.246   1.00 25.24 ? 46  PHE A CB  1 
ATOM   334  C CG  . PHE A 1 45  ? -9.361  1.510   4.319   1.00 28.21 ? 46  PHE A CG  1 
ATOM   335  C CD1 . PHE A 1 45  ? -9.439  2.180   5.539   1.00 29.76 ? 46  PHE A CD1 1 
ATOM   336  C CD2 . PHE A 1 45  ? -10.172 0.395   4.111   1.00 29.47 ? 46  PHE A CD2 1 
ATOM   337  C CE1 . PHE A 1 45  ? -10.318 1.753   6.534   1.00 28.59 ? 46  PHE A CE1 1 
ATOM   338  C CE2 . PHE A 1 45  ? -11.055 -0.039  5.103   1.00 30.23 ? 46  PHE A CE2 1 
ATOM   339  C CZ  . PHE A 1 45  ? -11.122 0.644   6.317   1.00 30.71 ? 46  PHE A CZ  1 
ATOM   340  N N   . VAL A 1 46  ? -7.106  -0.736  2.808   1.00 21.50 ? 47  VAL A N   1 
ATOM   341  C CA  . VAL A 1 46  ? -7.045  -2.184  2.993   1.00 19.30 ? 47  VAL A CA  1 
ATOM   342  C C   . VAL A 1 46  ? -5.609  -2.595  3.345   1.00 23.31 ? 47  VAL A C   1 
ATOM   343  O O   . VAL A 1 46  ? -5.397  -3.482  4.172   1.00 21.28 ? 47  VAL A O   1 
ATOM   344  C CB  . VAL A 1 46  ? -7.512  -2.929  1.722   1.00 21.51 ? 47  VAL A CB  1 
ATOM   345  C CG1 . VAL A 1 46  ? -7.412  -4.426  1.932   1.00 21.52 ? 47  VAL A CG1 1 
ATOM   346  C CG2 . VAL A 1 46  ? -8.961  -2.547  1.396   1.00 17.60 ? 47  VAL A CG2 1 
ATOM   347  N N   . HIS A 1 47  ? -4.624  -1.944  2.722   1.00 22.08 ? 48  HIS A N   1 
ATOM   348  C CA  . HIS A 1 47  ? -3.214  -2.230  3.002   1.00 20.59 ? 48  HIS A CA  1 
ATOM   349  C C   . HIS A 1 47  ? -2.983  -1.899  4.467   1.00 21.87 ? 48  HIS A C   1 
ATOM   350  O O   . HIS A 1 47  ? -2.342  -2.649  5.208   1.00 21.25 ? 48  HIS A O   1 
ATOM   351  C CB  . HIS A 1 47  ? -2.299  -1.360  2.150   1.00 17.89 ? 48  HIS A CB  1 
ATOM   352  C CG  . HIS A 1 47  ? -0.852  -1.700  2.294   1.00 19.90 ? 48  HIS A CG  1 
ATOM   353  N ND1 . HIS A 1 47  ? 0.062   -0.842  2.864   1.00 18.10 ? 48  HIS A ND1 1 
ATOM   354  C CD2 . HIS A 1 47  ? -0.166  -2.810  1.943   1.00 17.73 ? 48  HIS A CD2 1 
ATOM   355  C CE1 . HIS A 1 47  ? 1.256   -1.410  2.852   1.00 18.33 ? 48  HIS A CE1 1 
ATOM   356  N NE2 . HIS A 1 47  ? 1.147   -2.601  2.302   1.00 20.32 ? 48  HIS A NE2 1 
ATOM   357  N N   . ASP A 1 48  ? -3.498  -0.748  4.874   1.00 19.84 ? 49  ASP A N   1 
ATOM   358  C CA  . ASP A 1 48  ? -3.376  -0.356  6.249   1.00 21.81 ? 49  ASP A CA  1 
ATOM   359  C C   . ASP A 1 48  ? -3.955  -1.503  7.083   1.00 23.36 ? 49  ASP A C   1 
ATOM   360  O O   . ASP A 1 48  ? -3.222  -2.168  7.818   1.00 26.57 ? 49  ASP A O   1 
ATOM   361  C CB  . ASP A 1 48  ? -4.113  0.972   6.497   1.00 25.48 ? 49  ASP A CB  1 
ATOM   362  C CG  . ASP A 1 48  ? -3.204  2.186   6.293   1.00 29.71 ? 49  ASP A CG  1 
ATOM   363  O OD1 . ASP A 1 48  ? -2.151  2.041   5.621   1.00 33.15 ? 49  ASP A OD1 1 
ATOM   364  O OD2 . ASP A 1 48  ? -3.529  3.280   6.802   1.00 33.52 ? 49  ASP A OD2 1 
ATOM   365  N N   . CYS A 1 49  ? -5.245  -1.774  6.923   1.00 21.25 ? 50  CYS A N   1 
ATOM   366  C CA  . CYS A 1 49  ? -5.894  -2.861  7.643   1.00 21.71 ? 50  CYS A CA  1 
ATOM   367  C C   . CYS A 1 49  ? -5.093  -4.164  7.665   1.00 21.26 ? 50  CYS A C   1 
ATOM   368  O O   . CYS A 1 49  ? -4.997  -4.812  8.708   1.00 19.03 ? 50  CYS A O   1 
ATOM   369  C CB  . CYS A 1 49  ? -7.263  -3.143  7.031   1.00 24.94 ? 50  CYS A CB  1 
ATOM   370  S SG  . CYS A 1 49  ? -8.481  -1.827  7.321   1.00 27.82 ? 50  CYS A SG  1 
ATOM   371  N N   . CYS A 1 50  ? -4.510  -4.536  6.526   1.00 20.37 ? 51  CYS A N   1 
ATOM   372  C CA  . CYS A 1 50  ? -3.732  -5.771  6.424   1.00 20.97 ? 51  CYS A CA  1 
ATOM   373  C C   . CYS A 1 50  ? -2.539  -5.739  7.384   1.00 21.40 ? 51  CYS A C   1 
ATOM   374  O O   . CYS A 1 50  ? -2.225  -6.733  8.039   1.00 21.69 ? 51  CYS A O   1 
ATOM   375  C CB  . CYS A 1 50  ? -3.237  -5.962  4.988   1.00 18.62 ? 51  CYS A CB  1 
ATOM   376  S SG  . CYS A 1 50  ? -2.606  -7.617  4.560   1.00 18.21 ? 51  CYS A SG  1 
ATOM   377  N N   . TYR A 1 51  ? -1.864  -4.601  7.456   1.00 20.87 ? 52  TYR A N   1 
ATOM   378  C CA  . TYR A 1 51  ? -0.737  -4.488  8.363   1.00 22.70 ? 52  TYR A CA  1 
ATOM   379  C C   . TYR A 1 51  ? -1.344  -4.576  9.763   1.00 23.36 ? 52  TYR A C   1 
ATOM   380  O O   . TYR A 1 51  ? -0.708  -5.029  10.708  1.00 21.48 ? 52  TYR A O   1 
ATOM   381  C CB  . TYR A 1 51  ? -0.045  -3.124  8.202   1.00 22.55 ? 52  TYR A CB  1 
ATOM   382  C CG  . TYR A 1 51  ? 1.013   -3.003  7.121   1.00 21.05 ? 52  TYR A CG  1 
ATOM   383  C CD1 . TYR A 1 51  ? 1.327   -4.069  6.282   1.00 21.63 ? 52  TYR A CD1 1 
ATOM   384  C CD2 . TYR A 1 51  ? 1.723   -1.807  6.962   1.00 22.57 ? 52  TYR A CD2 1 
ATOM   385  C CE1 . TYR A 1 51  ? 2.329   -3.946  5.314   1.00 22.54 ? 52  TYR A CE1 1 
ATOM   386  C CE2 . TYR A 1 51  ? 2.720   -1.674  6.009   1.00 21.21 ? 52  TYR A CE2 1 
ATOM   387  C CZ  . TYR A 1 51  ? 3.021   -2.747  5.187   1.00 24.39 ? 52  TYR A CZ  1 
ATOM   388  O OH  . TYR A 1 51  ? 4.033   -2.634  4.257   1.00 26.24 ? 52  TYR A OH  1 
ATOM   389  N N   . GLY A 1 52  ? -2.592  -4.129  9.870   1.00 24.17 ? 53  GLY A N   1 
ATOM   390  C CA  . GLY A 1 52  ? -3.291  -4.122  11.140  1.00 23.17 ? 53  GLY A CA  1 
ATOM   391  C C   . GLY A 1 52  ? -3.463  -5.459  11.812  1.00 25.56 ? 53  GLY A C   1 
ATOM   392  O O   . GLY A 1 52  ? -3.591  -5.523  13.035  1.00 23.89 ? 53  GLY A O   1 
ATOM   393  N N   . ASN A 1 53  ? -3.466  -6.526  11.015  1.00 26.18 ? 54  ASN A N   1 
ATOM   394  C CA  . ASN A 1 53  ? -3.617  -7.882  11.540  1.00 27.55 ? 54  ASN A CA  1 
ATOM   395  C C   . ASN A 1 53  ? -2.287  -8.439  12.046  1.00 28.18 ? 54  ASN A C   1 
ATOM   396  O O   . ASN A 1 53  ? -2.219  -9.590  12.460  1.00 30.87 ? 54  ASN A O   1 
ATOM   397  C CB  . ASN A 1 53  ? -4.134  -8.839  10.458  1.00 28.15 ? 54  ASN A CB  1 
ATOM   398  C CG  . ASN A 1 53  ? -5.368  -8.320  9.749   1.00 32.38 ? 54  ASN A CG  1 
ATOM   399  O OD1 . ASN A 1 53  ? -6.266  -7.760  10.371  1.00 31.99 ? 54  ASN A OD1 1 
ATOM   400  N ND2 . ASN A 1 53  ? -5.423  -8.523  8.435   1.00 36.75 ? 54  ASN A ND2 1 
ATOM   401  N N   . LEU A 1 54  ? -1.232  -7.636  12.013  1.00 27.75 ? 55  LEU A N   1 
ATOM   402  C CA  . LEU A 1 54  ? 0.080   -8.124  12.441  1.00 29.88 ? 55  LEU A CA  1 
ATOM   403  C C   . LEU A 1 54  ? 0.725   -7.246  13.509  1.00 30.18 ? 55  LEU A C   1 
ATOM   404  O O   . LEU A 1 54  ? 1.818   -6.717  13.296  1.00 28.80 ? 55  LEU A O   1 
ATOM   405  C CB  . LEU A 1 54  ? 1.004   -8.204  11.221  1.00 26.76 ? 55  LEU A CB  1 
ATOM   406  C CG  . LEU A 1 54  ? 0.308   -8.652  9.934   1.00 27.22 ? 55  LEU A CG  1 
ATOM   407  C CD1 . LEU A 1 54  ? 1.093   -8.160  8.741   1.00 26.58 ? 55  LEU A CD1 1 
ATOM   408  C CD2 . LEU A 1 54  ? 0.145   -10.167 9.905   1.00 27.01 ? 55  LEU A CD2 1 
ATOM   409  N N   . PRO A 1 55  ? 0.066   -7.087  14.672  1.00 29.80 ? 56  PRO A N   1 
ATOM   410  C CA  . PRO A 1 55  ? 0.604   -6.255  15.760  1.00 31.19 ? 56  PRO A CA  1 
ATOM   411  C C   . PRO A 1 55  ? 2.027   -6.565  16.236  1.00 31.83 ? 56  PRO A C   1 
ATOM   412  O O   . PRO A 1 55  ? 2.730   -5.675  16.715  1.00 31.95 ? 56  PRO A O   1 
ATOM   413  C CB  . PRO A 1 55  ? -0.442  -6.420  16.872  1.00 31.08 ? 56  PRO A CB  1 
ATOM   414  C CG  . PRO A 1 55  ? -1.017  -7.795  16.599  1.00 28.60 ? 56  PRO A CG  1 
ATOM   415  C CD  . PRO A 1 55  ? -1.165  -7.774  15.099  1.00 30.15 ? 56  PRO A CD  1 
ATOM   416  N N   . ASP A 1 56  ? 2.457   -7.817  16.107  1.00 30.55 ? 59  ASP A N   1 
ATOM   417  C CA  . ASP A 1 56  ? 3.806   -8.169  16.551  1.00 32.45 ? 59  ASP A CA  1 
ATOM   418  C C   . ASP A 1 56  ? 4.840   -8.252  15.435  1.00 30.39 ? 59  ASP A C   1 
ATOM   419  O O   . ASP A 1 56  ? 5.875   -8.900  15.574  1.00 31.68 ? 59  ASP A O   1 
ATOM   420  C CB  . ASP A 1 56  ? 3.787   -9.470  17.355  1.00 35.53 ? 59  ASP A CB  1 
ATOM   421  C CG  . ASP A 1 56  ? 3.020   -9.328  18.653  1.00 38.77 ? 59  ASP A CG  1 
ATOM   422  O OD1 . ASP A 1 56  ? 3.127   -8.252  19.279  1.00 40.38 ? 59  ASP A OD1 1 
ATOM   423  O OD2 . ASP A 1 56  ? 2.316   -10.285 19.052  1.00 42.53 ? 59  ASP A OD2 1 
ATOM   424  N N   . CYS A 1 57  ? 4.538   -7.606  14.318  1.00 29.13 ? 61  CYS A N   1 
ATOM   425  C CA  . CYS A 1 57  ? 5.439   -7.575  13.181  1.00 26.45 ? 61  CYS A CA  1 
ATOM   426  C C   . CYS A 1 57  ? 5.778   -6.116  12.959  1.00 26.82 ? 61  CYS A C   1 
ATOM   427  O O   . CYS A 1 57  ? 5.058   -5.241  13.434  1.00 28.32 ? 61  CYS A O   1 
ATOM   428  C CB  . CYS A 1 57  ? 4.756   -8.108  11.931  1.00 24.47 ? 61  CYS A CB  1 
ATOM   429  S SG  . CYS A 1 57  ? 4.244   -9.858  11.932  1.00 21.72 ? 61  CYS A SG  1 
ATOM   430  N N   . ASN A 1 58  ? 6.857   -5.856  12.225  1.00 25.78 ? 67  ASN A N   1 
ATOM   431  C CA  . ASN A 1 58  ? 7.279   -4.493  11.932  1.00 26.95 ? 67  ASN A CA  1 
ATOM   432  C C   . ASN A 1 58  ? 7.432   -4.331  10.406  1.00 27.36 ? 67  ASN A C   1 
ATOM   433  O O   . ASN A 1 58  ? 8.535   -4.401  9.869   1.00 25.34 ? 67  ASN A O   1 
ATOM   434  C CB  . ASN A 1 58  ? 8.610   -4.184  12.617  1.00 27.86 ? 67  ASN A CB  1 
ATOM   435  C CG  . ASN A 1 58  ? 8.581   -4.454  14.117  1.00 31.14 ? 67  ASN A CG  1 
ATOM   436  O OD1 . ASN A 1 58  ? 8.586   -5.607  14.558  1.00 29.65 ? 67  ASN A OD1 1 
ATOM   437  N ND2 . ASN A 1 58  ? 8.544   -3.387  14.906  1.00 31.31 ? 67  ASN A ND2 1 
ATOM   438  N N   . PRO A 1 59  ? 6.312   -4.088  9.699   1.00 28.07 ? 68  PRO A N   1 
ATOM   439  C CA  . PRO A 1 59  ? 6.223   -3.910  8.241   1.00 27.03 ? 68  PRO A CA  1 
ATOM   440  C C   . PRO A 1 59  ? 7.183   -2.909  7.611   1.00 26.34 ? 68  PRO A C   1 
ATOM   441  O O   . PRO A 1 59  ? 7.687   -3.138  6.518   1.00 28.61 ? 68  PRO A O   1 
ATOM   442  C CB  . PRO A 1 59  ? 4.760   -3.523  8.031   1.00 24.31 ? 68  PRO A CB  1 
ATOM   443  C CG  . PRO A 1 59  ? 4.077   -4.197  9.155   1.00 25.19 ? 68  PRO A CG  1 
ATOM   444  C CD  . PRO A 1 59  ? 4.989   -3.890  10.313  1.00 23.90 ? 68  PRO A CD  1 
ATOM   445  N N   . LYS A 1 60  ? 7.428   -1.798  8.292   1.00 29.07 ? 69  LYS A N   1 
ATOM   446  C CA  . LYS A 1 60  ? 8.347   -0.772  7.795   1.00 30.60 ? 69  LYS A CA  1 
ATOM   447  C C   . LYS A 1 60  ? 9.813   -1.188  7.667   1.00 30.15 ? 69  LYS A C   1 
ATOM   448  O O   . LYS A 1 60  ? 10.464  -0.874  6.672   1.00 29.26 ? 69  LYS A O   1 
ATOM   449  C CB  . LYS A 1 60  ? 8.296   0.464   8.693   1.00 35.69 ? 69  LYS A CB  1 
ATOM   450  C CG  . LYS A 1 60  ? 7.270   1.502   8.287   1.00 38.63 ? 69  LYS A CG  1 
ATOM   451  C CD  . LYS A 1 60  ? 5.987   1.370   9.087   1.00 45.66 ? 69  LYS A CD  1 
ATOM   452  C CE  . LYS A 1 60  ? 4.908   2.321   8.575   1.00 48.01 ? 69  LYS A CE  1 
ATOM   453  N NZ  . LYS A 1 60  ? 4.594   3.366   9.583   1.00 51.63 ? 69  LYS A NZ  1 
ATOM   454  N N   . SER A 1 61  ? 10.327  -1.890  8.675   1.00 28.47 ? 70  SER A N   1 
ATOM   455  C CA  . SER A 1 61  ? 11.728  -2.291  8.681   1.00 27.02 ? 70  SER A CA  1 
ATOM   456  C C   . SER A 1 61  ? 12.049  -3.753  8.407   1.00 28.98 ? 70  SER A C   1 
ATOM   457  O O   . SER A 1 61  ? 13.163  -4.065  7.987   1.00 30.70 ? 70  SER A O   1 
ATOM   458  C CB  . SER A 1 61  ? 12.375  -1.872  10.005  1.00 29.39 ? 70  SER A CB  1 
ATOM   459  O OG  . SER A 1 61  ? 11.671  -2.425  11.104  1.00 31.21 ? 70  SER A OG  1 
ATOM   460  N N   . ASP A 1 62  ? 11.103  -4.655  8.649   1.00 25.06 ? 71  ASP A N   1 
ATOM   461  C CA  . ASP A 1 62  ? 11.376  -6.059  8.387   1.00 23.46 ? 71  ASP A CA  1 
ATOM   462  C C   . ASP A 1 62  ? 11.411  -6.305  6.879   1.00 24.13 ? 71  ASP A C   1 
ATOM   463  O O   . ASP A 1 62  ? 10.427  -6.066  6.170   1.00 23.70 ? 71  ASP A O   1 
ATOM   464  C CB  . ASP A 1 62  ? 10.319  -6.966  9.036   1.00 21.72 ? 71  ASP A CB  1 
ATOM   465  C CG  . ASP A 1 62  ? 10.756  -8.420  9.103   1.00 20.52 ? 71  ASP A CG  1 
ATOM   466  O OD1 . ASP A 1 62  ? 11.814  -8.760  8.526   1.00 21.09 ? 71  ASP A OD1 1 
ATOM   467  O OD2 . ASP A 1 62  ? 10.037  -9.227  9.731   1.00 17.65 ? 71  ASP A OD2 1 
ATOM   468  N N   . ARG A 1 63  ? 12.548  -6.785  6.390   1.00 24.88 ? 72  ARG A N   1 
ATOM   469  C CA  . ARG A 1 63  ? 12.715  -7.064  4.966   1.00 26.33 ? 72  ARG A CA  1 
ATOM   470  C C   . ARG A 1 63  ? 12.314  -8.475  4.591   1.00 25.67 ? 72  ARG A C   1 
ATOM   471  O O   . ARG A 1 63  ? 12.507  -9.416  5.360   1.00 28.03 ? 72  ARG A O   1 
ATOM   472  C CB  . ARG A 1 63  ? 14.173  -6.859  4.545   1.00 28.59 ? 72  ARG A CB  1 
ATOM   473  C CG  . ARG A 1 63  ? 14.693  -5.441  4.641   1.00 34.53 ? 72  ARG A CG  1 
ATOM   474  C CD  . ARG A 1 63  ? 16.016  -5.344  3.918   1.00 37.76 ? 72  ARG A CD  1 
ATOM   475  N NE  . ARG A 1 63  ? 16.655  -4.036  4.049   1.00 43.97 ? 72  ARG A NE  1 
ATOM   476  C CZ  . ARG A 1 63  ? 17.820  -3.716  3.488   1.00 46.03 ? 72  ARG A CZ  1 
ATOM   477  N NH1 . ARG A 1 63  ? 18.329  -2.501  3.660   1.00 44.42 ? 72  ARG A NH1 1 
ATOM   478  N NH2 . ARG A 1 63  ? 18.469  -4.609  2.749   1.00 42.29 ? 72  ARG A NH2 1 
ATOM   479  N N   . TYR A 1 64  ? 11.753  -8.618  3.399   1.00 25.92 ? 73  TYR A N   1 
ATOM   480  C CA  . TYR A 1 64  ? 11.375  -9.933  2.894   1.00 24.29 ? 73  TYR A CA  1 
ATOM   481  C C   . TYR A 1 64  ? 11.927  -10.053 1.482   1.00 24.02 ? 73  TYR A C   1 
ATOM   482  O O   . TYR A 1 64  ? 12.421  -9.077  0.915   1.00 21.91 ? 73  TYR A O   1 
ATOM   483  C CB  . TYR A 1 64  ? 9.852   -10.101 2.901   1.00 22.80 ? 73  TYR A CB  1 
ATOM   484  C CG  . TYR A 1 64  ? 9.084   -9.031  2.159   1.00 19.11 ? 73  TYR A CG  1 
ATOM   485  C CD1 . TYR A 1 64  ? 8.986   -9.042  0.765   1.00 17.74 ? 73  TYR A CD1 1 
ATOM   486  C CD2 . TYR A 1 64  ? 8.453   -8.000  2.852   1.00 18.07 ? 73  TYR A CD2 1 
ATOM   487  C CE1 . TYR A 1 64  ? 8.282   -8.036  0.075   1.00 17.74 ? 73  TYR A CE1 1 
ATOM   488  C CE2 . TYR A 1 64  ? 7.749   -6.996  2.184   1.00 19.09 ? 73  TYR A CE2 1 
ATOM   489  C CZ  . TYR A 1 64  ? 7.665   -7.016  0.797   1.00 17.42 ? 73  TYR A CZ  1 
ATOM   490  O OH  . TYR A 1 64  ? 7.006   -5.986  0.157   1.00 21.36 ? 73  TYR A OH  1 
ATOM   491  N N   . LYS A 1 65  ? 11.883  -11.255 0.926   1.00 24.62 ? 74  LYS A N   1 
ATOM   492  C CA  . LYS A 1 65  ? 12.369  -11.458 -0.429  1.00 26.84 ? 74  LYS A CA  1 
ATOM   493  C C   . LYS A 1 65  ? 11.183  -11.856 -1.289  1.00 26.52 ? 74  LYS A C   1 
ATOM   494  O O   . LYS A 1 65  ? 10.241  -12.467 -0.801  1.00 27.31 ? 74  LYS A O   1 
ATOM   495  C CB  . LYS A 1 65  ? 13.427  -12.563 -0.468  1.00 28.49 ? 74  LYS A CB  1 
ATOM   496  C CG  . LYS A 1 65  ? 14.677  -12.259 0.331   1.00 34.57 ? 74  LYS A CG  1 
ATOM   497  C CD  . LYS A 1 65  ? 15.448  -11.079 -0.243  1.00 36.95 ? 74  LYS A CD  1 
ATOM   498  C CE  . LYS A 1 65  ? 16.846  -11.037 0.344   1.00 39.46 ? 74  LYS A CE  1 
ATOM   499  N NZ  . LYS A 1 65  ? 17.584  -9.847  -0.149  1.00 43.41 ? 74  LYS A NZ  1 
ATOM   500  N N   . TYR A 1 66  ? 11.224  -11.487 -2.563  1.00 28.29 ? 75  TYR A N   1 
ATOM   501  C CA  . TYR A 1 66  ? 10.154  -11.825 -3.482  1.00 29.11 ? 75  TYR A CA  1 
ATOM   502  C C   . TYR A 1 66  ? 10.730  -11.884 -4.884  1.00 29.90 ? 75  TYR A C   1 
ATOM   503  O O   . TYR A 1 66  ? 11.748  -11.256 -5.169  1.00 28.63 ? 75  TYR A O   1 
ATOM   504  C CB  . TYR A 1 66  ? 9.015   -10.792 -3.403  1.00 25.85 ? 75  TYR A CB  1 
ATOM   505  C CG  . TYR A 1 66  ? 9.231   -9.491  -4.149  1.00 24.21 ? 75  TYR A CG  1 
ATOM   506  C CD1 . TYR A 1 66  ? 8.822   -9.347  -5.481  1.00 21.77 ? 75  TYR A CD1 1 
ATOM   507  C CD2 . TYR A 1 66  ? 9.843   -8.400  -3.525  1.00 21.22 ? 75  TYR A CD2 1 
ATOM   508  C CE1 . TYR A 1 66  ? 9.022   -8.161  -6.162  1.00 17.03 ? 75  TYR A CE1 1 
ATOM   509  C CE2 . TYR A 1 66  ? 10.045  -7.214  -4.204  1.00 19.41 ? 75  TYR A CE2 1 
ATOM   510  C CZ  . TYR A 1 66  ? 9.632   -7.103  -5.522  1.00 17.69 ? 75  TYR A CZ  1 
ATOM   511  O OH  . TYR A 1 66  ? 9.843   -5.940  -6.208  1.00 14.87 ? 75  TYR A OH  1 
ATOM   512  N N   . LYS A 1 67  ? 10.099  -12.661 -5.752  1.00 30.06 ? 76  LYS A N   1 
ATOM   513  C CA  . LYS A 1 67  ? 10.573  -12.771 -7.117  1.00 32.27 ? 76  LYS A CA  1 
ATOM   514  C C   . LYS A 1 67  ? 9.443   -12.628 -8.121  1.00 33.86 ? 76  LYS A C   1 
ATOM   515  O O   . LYS A 1 67  ? 8.266   -12.755 -7.787  1.00 34.80 ? 76  LYS A O   1 
ATOM   516  C CB  . LYS A 1 67  ? 11.271  -14.110 -7.330  1.00 32.78 ? 76  LYS A CB  1 
ATOM   517  C CG  . LYS A 1 67  ? 10.416  -15.307 -6.958  1.00 33.37 ? 76  LYS A CG  1 
ATOM   518  C CD  . LYS A 1 67  ? 10.963  -16.573 -7.582  1.00 32.84 ? 76  LYS A CD  1 
ATOM   519  C CE  . LYS A 1 67  ? 10.287  -17.825 -7.026  1.00 35.76 ? 76  LYS A CE  1 
ATOM   520  N NZ  . LYS A 1 67  ? 10.756  -19.065 -7.710  1.00 38.79 ? 76  LYS A NZ  1 
ATOM   521  N N   . ARG A 1 68  ? 9.821   -12.344 -9.358  1.00 36.03 ? 77  ARG A N   1 
ATOM   522  C CA  . ARG A 1 68  ? 8.867   -12.195 -10.441 1.00 37.79 ? 77  ARG A CA  1 
ATOM   523  C C   . ARG A 1 68  ? 8.883   -13.483 -11.244 1.00 41.12 ? 77  ARG A C   1 
ATOM   524  O O   . ARG A 1 68  ? 9.944   -13.944 -11.665 1.00 42.33 ? 77  ARG A O   1 
ATOM   525  C CB  . ARG A 1 68  ? 9.267   -11.032 -11.355 1.00 35.54 ? 77  ARG A CB  1 
ATOM   526  C CG  . ARG A 1 68  ? 9.063   -9.647  -10.769 1.00 33.53 ? 77  ARG A CG  1 
ATOM   527  C CD  . ARG A 1 68  ? 7.613   -9.226  -10.860 1.00 31.26 ? 77  ARG A CD  1 
ATOM   528  N NE  . ARG A 1 68  ? 7.362   -7.951  -10.197 1.00 28.57 ? 77  ARG A NE  1 
ATOM   529  C CZ  . ARG A 1 68  ? 6.172   -7.363  -10.130 1.00 29.19 ? 77  ARG A CZ  1 
ATOM   530  N NH1 . ARG A 1 68  ? 5.119   -7.933  -10.696 1.00 22.86 ? 77  ARG A NH1 1 
ATOM   531  N NH2 . ARG A 1 68  ? 6.030   -6.218  -9.478  1.00 25.19 ? 77  ARG A NH2 1 
ATOM   532  N N   . VAL A 1 69  ? 7.711   -14.079 -11.420 1.00 42.78 ? 78  VAL A N   1 
ATOM   533  C CA  . VAL A 1 69  ? 7.579   -15.298 -12.205 1.00 48.37 ? 78  VAL A CA  1 
ATOM   534  C C   . VAL A 1 69  ? 6.666   -14.920 -13.365 1.00 50.93 ? 78  VAL A C   1 
ATOM   535  O O   . VAL A 1 69  ? 5.462   -15.183 -13.343 1.00 51.21 ? 78  VAL A O   1 
ATOM   536  C CB  . VAL A 1 69  ? 6.972   -16.456 -11.365 1.00 47.92 ? 78  VAL A CB  1 
ATOM   537  C CG1 . VAL A 1 69  ? 6.517   -17.596 -12.267 1.00 48.26 ? 78  VAL A CG1 1 
ATOM   538  C CG2 . VAL A 1 69  ? 8.018   -16.978 -10.394 1.00 48.15 ? 78  VAL A CG2 1 
ATOM   539  N N   . ASN A 1 70  ? 7.259   -14.265 -14.363 1.00 52.78 ? 79  ASN A N   1 
ATOM   540  C CA  . ASN A 1 70  ? 6.526   -13.800 -15.534 1.00 54.14 ? 79  ASN A CA  1 
ATOM   541  C C   . ASN A 1 70  ? 5.487   -12.763 -15.115 1.00 52.68 ? 79  ASN A C   1 
ATOM   542  O O   . ASN A 1 70  ? 4.299   -12.888 -15.419 1.00 54.14 ? 79  ASN A O   1 
ATOM   543  C CB  . ASN A 1 70  ? 5.865   -14.982 -16.240 1.00 57.15 ? 79  ASN A CB  1 
ATOM   544  C CG  . ASN A 1 70  ? 6.757   -15.595 -17.297 1.00 60.16 ? 79  ASN A CG  1 
ATOM   545  O OD1 . ASN A 1 70  ? 7.983   -15.463 -17.245 1.00 61.54 ? 79  ASN A OD1 1 
ATOM   546  N ND2 . ASN A 1 70  ? 6.150   -16.275 -18.263 1.00 63.24 ? 79  ASN A ND2 1 
ATOM   547  N N   . GLY A 1 71  ? 5.952   -11.736 -14.409 1.00 50.18 ? 80  GLY A N   1 
ATOM   548  C CA  . GLY A 1 71  ? 5.064   -10.681 -13.951 1.00 44.95 ? 80  GLY A CA  1 
ATOM   549  C C   . GLY A 1 71  ? 4.459   -10.936 -12.577 1.00 41.15 ? 80  GLY A C   1 
ATOM   550  O O   . GLY A 1 71  ? 4.396   -10.036 -11.741 1.00 42.73 ? 80  GLY A O   1 
ATOM   551  N N   . ALA A 1 72  ? 4.008   -12.163 -12.345 1.00 36.85 ? 81  ALA A N   1 
ATOM   552  C CA  . ALA A 1 72  ? 3.398   -12.522 -11.076 1.00 34.12 ? 81  ALA A CA  1 
ATOM   553  C C   . ALA A 1 72  ? 4.375   -12.408 -9.910  1.00 31.29 ? 81  ALA A C   1 
ATOM   554  O O   . ALA A 1 72  ? 5.496   -12.897 -9.978  1.00 28.28 ? 81  ALA A O   1 
ATOM   555  C CB  . ALA A 1 72  ? 2.839   -13.933 -11.154 1.00 32.50 ? 81  ALA A CB  1 
ATOM   556  N N   . ILE A 1 73  ? 3.929   -11.752 -8.843  1.00 28.69 ? 82  ILE A N   1 
ATOM   557  C CA  . ILE A 1 73  ? 4.738   -11.570 -7.656  1.00 26.15 ? 82  ILE A CA  1 
ATOM   558  C C   . ILE A 1 73  ? 4.648   -12.822 -6.783  1.00 26.96 ? 82  ILE A C   1 
ATOM   559  O O   . ILE A 1 73  ? 3.559   -13.300 -6.462  1.00 27.81 ? 82  ILE A O   1 
ATOM   560  C CB  . ILE A 1 73  ? 4.247   -10.363 -6.846  1.00 25.87 ? 82  ILE A CB  1 
ATOM   561  C CG1 . ILE A 1 73  ? 4.303   -9.098  -7.710  1.00 25.42 ? 82  ILE A CG1 1 
ATOM   562  C CG2 . ILE A 1 73  ? 5.090   -10.211 -5.590  1.00 22.70 ? 82  ILE A CG2 1 
ATOM   563  C CD1 . ILE A 1 73  ? 3.606   -7.897  -7.097  1.00 22.33 ? 82  ILE A CD1 1 
ATOM   564  N N   . VAL A 1 74  ? 5.799   -13.361 -6.405  1.00 25.43 ? 83  VAL A N   1 
ATOM   565  C CA  . VAL A 1 74  ? 5.831   -14.552 -5.575  1.00 25.53 ? 83  VAL A CA  1 
ATOM   566  C C   . VAL A 1 74  ? 6.663   -14.302 -4.328  1.00 26.52 ? 83  VAL A C   1 
ATOM   567  O O   . VAL A 1 74  ? 7.889   -14.175 -4.390  1.00 26.31 ? 83  VAL A O   1 
ATOM   568  C CB  . VAL A 1 74  ? 6.417   -15.751 -6.336  1.00 26.30 ? 83  VAL A CB  1 
ATOM   569  C CG1 . VAL A 1 74  ? 6.315   -16.999 -5.476  1.00 29.14 ? 83  VAL A CG1 1 
ATOM   570  C CG2 . VAL A 1 74  ? 5.687   -15.945 -7.658  1.00 28.20 ? 83  VAL A CG2 1 
ATOM   571  N N   . CYS A 1 75  ? 5.976   -14.217 -3.197  1.00 27.18 ? 84  CYS A N   1 
ATOM   572  C CA  . CYS A 1 75  ? 6.631   -13.996 -1.920  1.00 29.29 ? 84  CYS A CA  1 
ATOM   573  C C   . CYS A 1 75  ? 7.467   -15.211 -1.545  1.00 30.36 ? 84  CYS A C   1 
ATOM   574  O O   . CYS A 1 75  ? 6.958   -16.333 -1.507  1.00 29.73 ? 84  CYS A O   1 
ATOM   575  C CB  . CYS A 1 75  ? 5.584   -13.732 -0.842  1.00 24.04 ? 84  CYS A CB  1 
ATOM   576  S SG  . CYS A 1 75  ? 4.725   -12.144 -1.057  1.00 25.16 ? 84  CYS A SG  1 
ATOM   577  N N   . GLU A 1 76  ? 8.753   -14.986 -1.289  1.00 31.46 ? 85  GLU A N   1 
ATOM   578  C CA  . GLU A 1 76  ? 9.635   -16.076 -0.907  1.00 36.39 ? 85  GLU A CA  1 
ATOM   579  C C   . GLU A 1 76  ? 9.621   -16.326 0.599   1.00 35.21 ? 85  GLU A C   1 
ATOM   580  O O   . GLU A 1 76  ? 9.367   -15.429 1.402   1.00 35.21 ? 85  GLU A O   1 
ATOM   581  C CB  . GLU A 1 76  ? 11.060  -15.811 -1.406  1.00 38.67 ? 85  GLU A CB  1 
ATOM   582  C CG  . GLU A 1 76  ? 11.181  -15.997 -2.913  1.00 45.36 ? 85  GLU A CG  1 
ATOM   583  C CD  . GLU A 1 76  ? 12.523  -15.558 -3.454  1.00 49.91 ? 85  GLU A CD  1 
ATOM   584  O OE1 . GLU A 1 76  ? 13.088  -14.587 -2.907  1.00 52.39 ? 85  GLU A OE1 1 
ATOM   585  O OE2 . GLU A 1 76  ? 13.004  -16.167 -4.433  1.00 51.57 ? 85  GLU A OE2 1 
ATOM   586  N N   . LYS A 1 77  ? 9.897   -17.568 0.960   1.00 33.28 ? 86  LYS A N   1 
ATOM   587  C CA  . LYS A 1 77  ? 9.904   -18.004 2.342   1.00 32.54 ? 86  LYS A CA  1 
ATOM   588  C C   . LYS A 1 77  ? 10.901  -17.292 3.254   1.00 28.65 ? 86  LYS A C   1 
ATOM   589  O O   . LYS A 1 77  ? 12.103  -17.257 2.986   1.00 29.04 ? 86  LYS A O   1 
ATOM   590  C CB  . LYS A 1 77  ? 10.148  -19.514 2.364   1.00 38.37 ? 86  LYS A CB  1 
ATOM   591  C CG  . LYS A 1 77  ? 9.668   -20.251 3.606   1.00 42.19 ? 86  LYS A CG  1 
ATOM   592  C CD  . LYS A 1 77  ? 9.610   -21.754 3.338   1.00 47.64 ? 86  LYS A CD  1 
ATOM   593  C CE  . LYS A 1 77  ? 9.457   -22.539 4.626   1.00 51.16 ? 86  LYS A CE  1 
ATOM   594  N NZ  . LYS A 1 77  ? 10.675  -22.372 5.454   1.00 51.72 ? 86  LYS A NZ  1 
ATOM   595  N N   . GLY A 1 78  ? 10.372  -16.721 4.331   1.00 26.53 ? 88  GLY A N   1 
ATOM   596  C CA  . GLY A 1 78  ? 11.186  -16.038 5.320   1.00 21.86 ? 88  GLY A CA  1 
ATOM   597  C C   . GLY A 1 78  ? 10.565  -16.385 6.664   1.00 22.67 ? 88  GLY A C   1 
ATOM   598  O O   . GLY A 1 78  ? 10.058  -17.491 6.854   1.00 23.65 ? 88  GLY A O   1 
ATOM   599  N N   . THR A 1 79  ? 10.599  -15.460 7.611   1.00 21.74 ? 89  THR A N   1 
ATOM   600  C CA  . THR A 1 79  ? 9.976   -15.722 8.900   1.00 22.13 ? 89  THR A CA  1 
ATOM   601  C C   . THR A 1 79  ? 8.466   -15.568 8.666   1.00 24.82 ? 89  THR A C   1 
ATOM   602  O O   . THR A 1 79  ? 8.031   -15.152 7.579   1.00 23.45 ? 89  THR A O   1 
ATOM   603  C CB  . THR A 1 79  ? 10.439  -14.706 9.978   1.00 21.13 ? 89  THR A CB  1 
ATOM   604  O OG1 . THR A 1 79  ? 9.954   -13.411 9.627   1.00 23.50 ? 89  THR A OG1 1 
ATOM   605  C CG2 . THR A 1 79  ? 11.970  -14.657 10.093  1.00 21.08 ? 89  THR A CG2 1 
ATOM   606  N N   . SER A 1 80  ? 7.677   -15.905 9.679   1.00 20.40 ? 90  SER A N   1 
ATOM   607  C CA  . SER A 1 80  ? 6.221   -15.805 9.598   1.00 22.11 ? 90  SER A CA  1 
ATOM   608  C C   . SER A 1 80  ? 5.746   -14.373 9.317   1.00 20.65 ? 90  SER A C   1 
ATOM   609  O O   . SER A 1 80  ? 4.846   -14.157 8.497   1.00 20.56 ? 90  SER A O   1 
ATOM   610  C CB  . SER A 1 80  ? 5.618   -16.305 10.903  1.00 22.42 ? 90  SER A CB  1 
ATOM   611  O OG  . SER A 1 80  ? 4.356   -15.713 11.149  1.00 33.60 ? 90  SER A OG  1 
ATOM   612  N N   . CYS A 1 81  ? 6.350   -13.398 9.987   1.00 21.03 ? 91  CYS A N   1 
ATOM   613  C CA  . CYS A 1 81  ? 5.991   -11.997 9.785   1.00 19.24 ? 91  CYS A CA  1 
ATOM   614  C C   . CYS A 1 81  ? 6.318   -11.504 8.373   1.00 20.62 ? 91  CYS A C   1 
ATOM   615  O O   . CYS A 1 81  ? 5.548   -10.752 7.775   1.00 20.99 ? 91  CYS A O   1 
ATOM   616  C CB  . CYS A 1 81  ? 6.742   -11.116 10.780  1.00 19.50 ? 91  CYS A CB  1 
ATOM   617  S SG  . CYS A 1 81  ? 5.936   -10.886 12.394  1.00 20.40 ? 91  CYS A SG  1 
ATOM   618  N N   . GLU A 1 82  ? 7.472   -11.918 7.863   1.00 18.56 ? 92  GLU A N   1 
ATOM   619  C CA  . GLU A 1 82  ? 7.922   -11.524 6.538   1.00 18.66 ? 92  GLU A CA  1 
ATOM   620  C C   . GLU A 1 82  ? 7.009   -12.058 5.431   1.00 18.31 ? 92  GLU A C   1 
ATOM   621  O O   . GLU A 1 82  ? 6.768   -11.374 4.436   1.00 18.84 ? 92  GLU A O   1 
ATOM   622  C CB  . GLU A 1 82  ? 9.357   -12.010 6.322   1.00 17.57 ? 92  GLU A CB  1 
ATOM   623  C CG  . GLU A 1 82  ? 10.372  -11.172 7.094   1.00 19.17 ? 92  GLU A CG  1 
ATOM   624  C CD  . GLU A 1 82  ? 11.707  -11.860 7.282   1.00 19.87 ? 92  GLU A CD  1 
ATOM   625  O OE1 . GLU A 1 82  ? 11.894  -12.980 6.769   1.00 20.71 ? 92  GLU A OE1 1 
ATOM   626  O OE2 . GLU A 1 82  ? 12.577  -11.254 7.936   1.00 21.70 ? 92  GLU A OE2 1 
ATOM   627  N N   . ASN A 1 83  ? 6.495   -13.272 5.595   1.00 20.92 ? 93  ASN A N   1 
ATOM   628  C CA  . ASN A 1 83  ? 5.614   -13.841 4.583   1.00 24.17 ? 93  ASN A CA  1 
ATOM   629  C C   . ASN A 1 83  ? 4.320   -13.040 4.508   1.00 23.53 ? 93  ASN A C   1 
ATOM   630  O O   . ASN A 1 83  ? 3.852   -12.686 3.430   1.00 22.87 ? 93  ASN A O   1 
ATOM   631  C CB  . ASN A 1 83  ? 5.276   -15.297 4.908   1.00 26.51 ? 93  ASN A CB  1 
ATOM   632  C CG  . ASN A 1 83  ? 6.482   -16.202 4.839   1.00 29.45 ? 93  ASN A CG  1 
ATOM   633  O OD1 . ASN A 1 83  ? 7.487   -15.865 4.213   1.00 27.88 ? 93  ASN A OD1 1 
ATOM   634  N ND2 . ASN A 1 83  ? 6.379   -17.375 5.454   1.00 32.43 ? 93  ASN A ND2 1 
ATOM   635  N N   . ARG A 1 84  ? 3.754   -12.754 5.673   1.00 25.06 ? 94  ARG A N   1 
ATOM   636  C CA  . ARG A 1 84  ? 2.504   -12.022 5.761   1.00 24.17 ? 94  ARG A CA  1 
ATOM   637  C C   . ARG A 1 84  ? 2.619   -10.554 5.343   1.00 21.29 ? 94  ARG A C   1 
ATOM   638  O O   . ARG A 1 84  ? 1.688   -10.002 4.766   1.00 22.53 ? 94  ARG A O   1 
ATOM   639  C CB  . ARG A 1 84  ? 1.969   -12.155 7.182   1.00 22.66 ? 94  ARG A CB  1 
ATOM   640  C CG  . ARG A 1 84  ? 1.919   -13.614 7.628   1.00 25.56 ? 94  ARG A CG  1 
ATOM   641  C CD  . ARG A 1 84  ? 1.792   -13.745 9.130   1.00 28.32 ? 94  ARG A CD  1 
ATOM   642  N NE  . ARG A 1 84  ? 0.436   -13.518 9.620   1.00 36.38 ? 94  ARG A NE  1 
ATOM   643  C CZ  . ARG A 1 84  ? 0.145   -13.256 10.887  1.00 39.24 ? 94  ARG A CZ  1 
ATOM   644  N NH1 . ARG A 1 84  ? 1.120   -13.184 11.771  1.00 38.44 ? 94  ARG A NH1 1 
ATOM   645  N NH2 . ARG A 1 84  ? -1.110  -13.085 11.272  1.00 40.59 ? 94  ARG A NH2 1 
ATOM   646  N N   . ILE A 1 85  ? 3.756   -9.928  5.626   1.00 18.48 ? 95  ILE A N   1 
ATOM   647  C CA  . ILE A 1 85  ? 3.964   -8.536  5.249   1.00 16.49 ? 95  ILE A CA  1 
ATOM   648  C C   . ILE A 1 85  ? 3.972   -8.498  3.729   1.00 17.67 ? 95  ILE A C   1 
ATOM   649  O O   . ILE A 1 85  ? 3.307   -7.677  3.097   1.00 19.12 ? 95  ILE A O   1 
ATOM   650  C CB  . ILE A 1 85  ? 5.329   -8.015  5.742   1.00 15.38 ? 95  ILE A CB  1 
ATOM   651  C CG1 . ILE A 1 85  ? 5.356   -7.983  7.272   1.00 19.15 ? 95  ILE A CG1 1 
ATOM   652  C CG2 . ILE A 1 85  ? 5.606   -6.639  5.162   1.00 16.68 ? 95  ILE A CG2 1 
ATOM   653  C CD1 . ILE A 1 85  ? 6.749   -7.790  7.849   1.00 19.63 ? 95  ILE A CD1 1 
ATOM   654  N N   . CYS A 1 86  ? 4.734   -9.414  3.152   1.00 16.03 ? 96  CYS A N   1 
ATOM   655  C CA  . CYS A 1 86  ? 4.838   -9.504  1.717   1.00 17.83 ? 96  CYS A CA  1 
ATOM   656  C C   . CYS A 1 86  ? 3.460   -9.671  1.061   1.00 17.45 ? 96  CYS A C   1 
ATOM   657  O O   . CYS A 1 86  ? 3.161   -8.996  0.079   1.00 19.90 ? 96  CYS A O   1 
ATOM   658  C CB  . CYS A 1 86  ? 5.763   -10.660 1.346   1.00 18.52 ? 96  CYS A CB  1 
ATOM   659  S SG  . CYS A 1 86  ? 6.110   -10.793 -0.430  1.00 21.45 ? 96  CYS A SG  1 
ATOM   660  N N   . GLU A 1 87  ? 2.625   -10.559 1.595   1.00 15.18 ? 97  GLU A N   1 
ATOM   661  C CA  . GLU A 1 87  ? 1.289   -10.756 1.033   1.00 18.81 ? 97  GLU A CA  1 
ATOM   662  C C   . GLU A 1 87  ? 0.491   -9.455  1.072   1.00 20.35 ? 97  GLU A C   1 
ATOM   663  O O   . GLU A 1 87  ? -0.253  -9.146  0.135   1.00 19.62 ? 97  GLU A O   1 
ATOM   664  C CB  . GLU A 1 87  ? 0.516   -11.845 1.788   1.00 19.77 ? 97  GLU A CB  1 
ATOM   665  C CG  . GLU A 1 87  ? 0.955   -13.294 1.495   1.00 22.17 ? 97  GLU A CG  1 
ATOM   666  C CD  . GLU A 1 87  ? 0.944   -13.634 0.014   1.00 24.93 ? 97  GLU A CD  1 
ATOM   667  O OE1 . GLU A 1 87  ? 0.037   -13.167 -0.705  1.00 30.92 ? 97  GLU A OE1 1 
ATOM   668  O OE2 . GLU A 1 87  ? 1.837   -14.380 -0.437  1.00 33.86 ? 97  GLU A OE2 1 
ATOM   669  N N   . CYS A 1 88  ? 0.642   -8.697  2.159   1.00 19.65 ? 98  CYS A N   1 
ATOM   670  C CA  . CYS A 1 88  ? -0.057  -7.425  2.300   1.00 18.91 ? 98  CYS A CA  1 
ATOM   671  C C   . CYS A 1 88  ? 0.377   -6.429  1.229   1.00 20.00 ? 98  CYS A C   1 
ATOM   672  O O   . CYS A 1 88  ? -0.462  -5.742  0.633   1.00 17.62 ? 98  CYS A O   1 
ATOM   673  C CB  . CYS A 1 88  ? 0.203   -6.804  3.679   1.00 18.44 ? 98  CYS A CB  1 
ATOM   674  S SG  . CYS A 1 88  ? -0.654  -7.548  5.116   1.00 21.62 ? 98  CYS A SG  1 
ATOM   675  N N   . ASP A 1 89  ? 1.691   -6.356  1.003   1.00 18.41 ? 99  ASP A N   1 
ATOM   676  C CA  . ASP A 1 89  ? 2.270   -5.446  0.027   1.00 17.02 ? 99  ASP A CA  1 
ATOM   677  C C   . ASP A 1 89  ? 1.983   -5.887  -1.403  1.00 19.37 ? 99  ASP A C   1 
ATOM   678  O O   . ASP A 1 89  ? 1.750   -5.059  -2.285  1.00 19.43 ? 99  ASP A O   1 
ATOM   679  C CB  . ASP A 1 89  ? 3.785   -5.341  0.240   1.00 15.90 ? 99  ASP A CB  1 
ATOM   680  C CG  . ASP A 1 89  ? 4.145   -4.592  1.498   1.00 16.45 ? 99  ASP A CG  1 
ATOM   681  O OD1 . ASP A 1 89  ? 3.226   -4.085  2.174   1.00 19.69 ? 99  ASP A OD1 1 
ATOM   682  O OD2 . ASP A 1 89  ? 5.351   -4.482  1.792   1.00 19.50 ? 99  ASP A OD2 1 
ATOM   683  N N   . LYS A 1 90  ? 2.012   -7.194  -1.625  1.00 18.95 ? 100 LYS A N   1 
ATOM   684  C CA  . LYS A 1 90  ? 1.729   -7.735  -2.939  1.00 22.17 ? 100 LYS A CA  1 
ATOM   685  C C   . LYS A 1 90  ? 0.311   -7.334  -3.356  1.00 23.14 ? 100 LYS A C   1 
ATOM   686  O O   . LYS A 1 90  ? 0.080   -6.895  -4.485  1.00 26.35 ? 100 LYS A O   1 
ATOM   687  C CB  . LYS A 1 90  ? 1.848   -9.261  -2.926  1.00 19.10 ? 100 LYS A CB  1 
ATOM   688  C CG  . LYS A 1 90  ? 1.461   -9.898  -4.237  1.00 21.02 ? 100 LYS A CG  1 
ATOM   689  C CD  . LYS A 1 90  ? 1.369   -11.413 -4.130  1.00 20.89 ? 100 LYS A CD  1 
ATOM   690  C CE  . LYS A 1 90  ? 0.818   -11.995 -5.416  1.00 20.93 ? 100 LYS A CE  1 
ATOM   691  N NZ  . LYS A 1 90  ? 0.870   -13.478 -5.417  1.00 27.74 ? 100 LYS A NZ  1 
ATOM   692  N N   . ALA A 1 91  ? -0.631  -7.488  -2.431  1.00 20.57 ? 101 ALA A N   1 
ATOM   693  C CA  . ALA A 1 91  ? -2.027  -7.145  -2.680  1.00 19.48 ? 101 ALA A CA  1 
ATOM   694  C C   . ALA A 1 91  ? -2.209  -5.662  -3.004  1.00 19.91 ? 101 ALA A C   1 
ATOM   695  O O   . ALA A 1 91  ? -2.952  -5.316  -3.915  1.00 21.42 ? 101 ALA A O   1 
ATOM   696  C CB  . ALA A 1 91  ? -2.871  -7.517  -1.477  1.00 17.39 ? 101 ALA A CB  1 
ATOM   697  N N   . ALA A 1 92  ? -1.532  -4.792  -2.259  1.00 18.21 ? 102 ALA A N   1 
ATOM   698  C CA  . ALA A 1 92  ? -1.633  -3.353  -2.488  1.00 20.11 ? 102 ALA A CA  1 
ATOM   699  C C   . ALA A 1 92  ? -1.094  -2.942  -3.870  1.00 20.75 ? 102 ALA A C   1 
ATOM   700  O O   . ALA A 1 92  ? -1.689  -2.119  -4.559  1.00 20.15 ? 102 ALA A O   1 
ATOM   701  C CB  . ALA A 1 92  ? -0.888  -2.583  -1.379  1.00 16.75 ? 102 ALA A CB  1 
ATOM   702  N N   . ALA A 1 93  ? 0.034   -3.524  -4.265  1.00 22.88 ? 103 ALA A N   1 
ATOM   703  C CA  . ALA A 1 93  ? 0.648   -3.221  -5.547  1.00 22.15 ? 103 ALA A CA  1 
ATOM   704  C C   . ALA A 1 93  ? -0.298  -3.581  -6.687  1.00 22.92 ? 103 ALA A C   1 
ATOM   705  O O   . ALA A 1 93  ? -0.490  -2.802  -7.621  1.00 24.44 ? 103 ALA A O   1 
ATOM   706  C CB  . ALA A 1 93  ? 1.954   -3.988  -5.685  1.00 17.15 ? 103 ALA A CB  1 
ATOM   707  N N   . ILE A 1 94  ? -0.882  -4.768  -6.605  1.00 20.98 ? 104 ILE A N   1 
ATOM   708  C CA  . ILE A 1 94  ? -1.816  -5.229  -7.616  1.00 22.33 ? 104 ILE A CA  1 
ATOM   709  C C   . ILE A 1 94  ? -3.048  -4.331  -7.616  1.00 23.44 ? 104 ILE A C   1 
ATOM   710  O O   . ILE A 1 94  ? -3.556  -3.949  -8.675  1.00 23.42 ? 104 ILE A O   1 
ATOM   711  C CB  . ILE A 1 94  ? -2.218  -6.696  -7.349  1.00 21.96 ? 104 ILE A CB  1 
ATOM   712  C CG1 . ILE A 1 94  ? -1.076  -7.614  -7.783  1.00 26.57 ? 104 ILE A CG1 1 
ATOM   713  C CG2 . ILE A 1 94  ? -3.501  -7.044  -8.081  1.00 21.45 ? 104 ILE A CG2 1 
ATOM   714  C CD1 . ILE A 1 94  ? -1.187  -9.033  -7.256  1.00 25.80 ? 104 ILE A CD1 1 
ATOM   715  N N   . CYS A 1 95  ? -3.527  -3.995  -6.426  1.00 21.36 ? 105 CYS A N   1 
ATOM   716  C CA  . CYS A 1 95  ? -4.672  -3.119  -6.311  1.00 20.37 ? 105 CYS A CA  1 
ATOM   717  C C   . CYS A 1 95  ? -4.352  -1.777  -6.967  1.00 24.46 ? 105 CYS A C   1 
ATOM   718  O O   . CYS A 1 95  ? -5.203  -1.187  -7.636  1.00 22.76 ? 105 CYS A O   1 
ATOM   719  C CB  . CYS A 1 95  ? -5.003  -2.923  -4.843  1.00 18.54 ? 105 CYS A CB  1 
ATOM   720  S SG  . CYS A 1 95  ? -6.548  -2.032  -4.457  1.00 20.97 ? 105 CYS A SG  1 
ATOM   721  N N   . PHE A 1 96  ? -3.123  -1.297  -6.773  1.00 23.04 ? 106 PHE A N   1 
ATOM   722  C CA  . PHE A 1 96  ? -2.703  -0.026  -7.356  1.00 24.35 ? 106 PHE A CA  1 
ATOM   723  C C   . PHE A 1 96  ? -2.735  -0.090  -8.879  1.00 27.20 ? 106 PHE A C   1 
ATOM   724  O O   . PHE A 1 96  ? -3.193  0.842   -9.549  1.00 25.73 ? 106 PHE A O   1 
ATOM   725  C CB  . PHE A 1 96  ? -1.274  0.341   -6.932  1.00 23.10 ? 106 PHE A CB  1 
ATOM   726  C CG  . PHE A 1 96  ? -1.167  0.887   -5.548  1.00 22.22 ? 106 PHE A CG  1 
ATOM   727  C CD1 . PHE A 1 96  ? -2.239  1.560   -4.965  1.00 19.98 ? 106 PHE A CD1 1 
ATOM   728  C CD2 . PHE A 1 96  ? 0.026   0.783   -4.843  1.00 22.07 ? 106 PHE A CD2 1 
ATOM   729  C CE1 . PHE A 1 96  ? -2.118  2.123   -3.704  1.00 21.90 ? 106 PHE A CE1 1 
ATOM   730  C CE2 . PHE A 1 96  ? 0.157   1.343   -3.585  1.00 22.37 ? 106 PHE A CE2 1 
ATOM   731  C CZ  . PHE A 1 96  ? -0.917  2.016   -3.011  1.00 23.33 ? 106 PHE A CZ  1 
ATOM   732  N N   . ARG A 1 97  ? -2.226  -1.193  -9.418  1.00 29.10 ? 107 ARG A N   1 
ATOM   733  C CA  . ARG A 1 97  ? -2.179  -1.400  -10.861 1.00 30.45 ? 107 ARG A CA  1 
ATOM   734  C C   . ARG A 1 97  ? -3.582  -1.481  -11.445 1.00 30.54 ? 107 ARG A C   1 
ATOM   735  O O   . ARG A 1 97  ? -3.868  -0.899  -12.489 1.00 33.12 ? 107 ARG A O   1 
ATOM   736  C CB  . ARG A 1 97  ? -1.415  -2.693  -11.185 1.00 29.54 ? 107 ARG A CB  1 
ATOM   737  C CG  . ARG A 1 97  ? -1.427  -3.082  -12.652 1.00 30.93 ? 107 ARG A CG  1 
ATOM   738  C CD  . ARG A 1 97  ? -0.637  -2.077  -13.481 1.00 34.29 ? 107 ARG A CD  1 
ATOM   739  N NE  . ARG A 1 97  ? -0.679  -2.367  -14.914 1.00 33.16 ? 107 ARG A NE  1 
ATOM   740  C CZ  . ARG A 1 97  ? -1.665  -1.998  -15.729 1.00 35.33 ? 107 ARG A CZ  1 
ATOM   741  N NH1 . ARG A 1 97  ? -1.607  -2.308  -17.017 1.00 36.34 ? 107 ARG A NH1 1 
ATOM   742  N NH2 . ARG A 1 97  ? -2.705  -1.308  -15.266 1.00 30.75 ? 107 ARG A NH2 1 
ATOM   743  N N   . GLN A 1 98  ? -4.456  -2.202  -10.757 1.00 31.42 ? 108 GLN A N   1 
ATOM   744  C CA  . GLN A 1 98  ? -5.820  -2.384  -11.222 1.00 31.67 ? 108 GLN A CA  1 
ATOM   745  C C   . GLN A 1 98  ? -6.627  -1.089  -11.241 1.00 31.66 ? 108 GLN A C   1 
ATOM   746  O O   . GLN A 1 98  ? -7.623  -0.988  -11.955 1.00 33.92 ? 108 GLN A O   1 
ATOM   747  C CB  . GLN A 1 98  ? -6.521  -3.437  -10.362 1.00 33.31 ? 108 GLN A CB  1 
ATOM   748  C CG  . GLN A 1 98  ? -7.917  -3.806  -10.832 1.00 34.82 ? 108 GLN A CG  1 
ATOM   749  C CD  . GLN A 1 98  ? -8.438  -5.080  -10.184 1.00 38.29 ? 108 GLN A CD  1 
ATOM   750  O OE1 . GLN A 1 98  ? -7.795  -5.666  -9.311  1.00 38.29 ? 108 GLN A OE1 1 
ATOM   751  N NE2 . GLN A 1 98  ? -9.606  -5.516  -10.617 1.00 41.51 ? 108 GLN A NE2 1 
ATOM   752  N N   . ASN A 1 99  ? -6.182  -0.089  -10.480 1.00 31.06 ? 109 ASN A N   1 
ATOM   753  C CA  . ASN A 1 99  ? -6.890  1.189   -10.419 1.00 29.78 ? 109 ASN A CA  1 
ATOM   754  C C   . ASN A 1 99  ? -6.111  2.398   -10.948 1.00 29.90 ? 109 ASN A C   1 
ATOM   755  O O   . ASN A 1 99  ? -6.463  3.544   -10.662 1.00 28.58 ? 109 ASN A O   1 
ATOM   756  C CB  . ASN A 1 99  ? -7.347  1.462   -8.986  1.00 28.23 ? 109 ASN A CB  1 
ATOM   757  C CG  . ASN A 1 99  ? -8.362  0.444   -8.502  1.00 28.26 ? 109 ASN A CG  1 
ATOM   758  O OD1 . ASN A 1 99  ? -9.465  0.337   -9.047  1.00 26.19 ? 109 ASN A OD1 1 
ATOM   759  N ND2 . ASN A 1 99  ? -7.988  -0.320  -7.485  1.00 24.46 ? 109 ASN A ND2 1 
ATOM   760  N N   . LEU A 1 100 ? -5.062  2.144   -11.725 1.00 30.18 ? 110 LEU A N   1 
ATOM   761  C CA  . LEU A 1 100 ? -4.257  3.219   -12.300 1.00 33.21 ? 110 LEU A CA  1 
ATOM   762  C C   . LEU A 1 100 ? -5.094  4.150   -13.174 1.00 36.52 ? 110 LEU A C   1 
ATOM   763  O O   . LEU A 1 100 ? -4.829  5.351   -13.260 1.00 39.38 ? 110 LEU A O   1 
ATOM   764  C CB  . LEU A 1 100 ? -3.124  2.646   -13.151 1.00 32.19 ? 110 LEU A CB  1 
ATOM   765  C CG  . LEU A 1 100 ? -1.730  2.641   -12.536 1.00 32.35 ? 110 LEU A CG  1 
ATOM   766  C CD1 . LEU A 1 100 ? -0.702  2.249   -13.585 1.00 27.70 ? 110 LEU A CD1 1 
ATOM   767  C CD2 . LEU A 1 100 ? -1.421  4.035   -11.986 1.00 33.22 ? 110 LEU A CD2 1 
ATOM   768  N N   . ASN A 1 101 ? -6.108  3.588   -13.820 1.00 36.47 ? 111 ASN A N   1 
ATOM   769  C CA  . ASN A 1 101 ? -6.969  4.359   -14.699 1.00 37.94 ? 111 ASN A CA  1 
ATOM   770  C C   . ASN A 1 101 ? -7.708  5.496   -13.997 1.00 37.52 ? 111 ASN A C   1 
ATOM   771  O O   . ASN A 1 101 ? -8.038  6.500   -14.626 1.00 39.85 ? 111 ASN A O   1 
ATOM   772  C CB  . ASN A 1 101 ? -7.971  3.431   -15.397 1.00 40.24 ? 111 ASN A CB  1 
ATOM   773  C CG  . ASN A 1 101 ? -8.865  2.695   -14.420 1.00 43.58 ? 111 ASN A CG  1 
ATOM   774  O OD1 . ASN A 1 101 ? -8.414  2.229   -13.368 1.00 44.04 ? 111 ASN A OD1 1 
ATOM   775  N ND2 . ASN A 1 101 ? -10.138 2.569   -14.769 1.00 43.52 ? 111 ASN A ND2 1 
ATOM   776  N N   . THR A 1 102 ? -7.962  5.355   -12.699 1.00 33.57 ? 112 THR A N   1 
ATOM   777  C CA  . THR A 1 102 ? -8.670  6.407   -11.963 1.00 31.62 ? 112 THR A CA  1 
ATOM   778  C C   . THR A 1 102 ? -7.790  7.237   -11.027 1.00 30.20 ? 112 THR A C   1 
ATOM   779  O O   . THR A 1 102 ? -8.293  8.058   -10.265 1.00 29.62 ? 112 THR A O   1 
ATOM   780  C CB  . THR A 1 102 ? -9.846  5.827   -11.141 1.00 31.11 ? 112 THR A CB  1 
ATOM   781  O OG1 . THR A 1 102 ? -9.370  4.749   -10.328 1.00 34.67 ? 112 THR A OG1 1 
ATOM   782  C CG2 . THR A 1 102 ? -10.948 5.326   -12.062 1.00 32.27 ? 112 THR A CG2 1 
ATOM   783  N N   . TYR A 1 103 ? -6.482  7.022   -11.077 1.00 30.33 ? 113 TYR A N   1 
ATOM   784  C CA  . TYR A 1 103 ? -5.567  7.769   -10.224 1.00 31.15 ? 113 TYR A CA  1 
ATOM   785  C C   . TYR A 1 103 ? -5.749  9.252   -10.549 1.00 32.85 ? 113 TYR A C   1 
ATOM   786  O O   . TYR A 1 103 ? -5.577  9.658   -11.700 1.00 33.66 ? 113 TYR A O   1 
ATOM   787  C CB  . TYR A 1 103 ? -4.124  7.338   -10.510 1.00 31.00 ? 113 TYR A CB  1 
ATOM   788  C CG  . TYR A 1 103 ? -3.085  8.035   -9.667  1.00 32.50 ? 113 TYR A CG  1 
ATOM   789  C CD1 . TYR A 1 103 ? -2.604  7.457   -8.488  1.00 33.00 ? 113 TYR A CD1 1 
ATOM   790  C CD2 . TYR A 1 103 ? -2.607  9.298   -10.027 1.00 30.19 ? 113 TYR A CD2 1 
ATOM   791  C CE1 . TYR A 1 103 ? -1.671  8.126   -7.690  1.00 33.73 ? 113 TYR A CE1 1 
ATOM   792  C CE2 . TYR A 1 103 ? -1.681  9.967   -9.241  1.00 32.10 ? 113 TYR A CE2 1 
ATOM   793  C CZ  . TYR A 1 103 ? -1.218  9.383   -8.076  1.00 35.14 ? 113 TYR A CZ  1 
ATOM   794  O OH  . TYR A 1 103 ? -0.307  10.070  -7.304  1.00 32.62 ? 113 TYR A OH  1 
ATOM   795  N N   . SER A 1 104 ? -6.095  10.059  -9.548  1.00 33.77 ? 114 SER A N   1 
ATOM   796  C CA  . SER A 1 104 ? -6.303  11.491  -9.770  1.00 35.76 ? 114 SER A CA  1 
ATOM   797  C C   . SER A 1 104 ? -5.305  12.363  -9.002  1.00 36.77 ? 114 SER A C   1 
ATOM   798  O O   . SER A 1 104 ? -5.129  12.200  -7.793  1.00 30.49 ? 114 SER A O   1 
ATOM   799  C CB  . SER A 1 104 ? -7.733  11.877  -9.365  1.00 37.03 ? 114 SER A CB  1 
ATOM   800  O OG  . SER A 1 104 ? -8.669  10.952  -9.893  1.00 45.40 ? 114 SER A OG  1 
ATOM   801  N N   . LYS A 1 105 ? -4.661  13.294  -9.702  1.00 38.59 ? 115 LYS A N   1 
ATOM   802  C CA  . LYS A 1 105 ? -3.704  14.193  -9.058  1.00 42.03 ? 115 LYS A CA  1 
ATOM   803  C C   . LYS A 1 105 ? -4.443  15.138  -8.113  1.00 42.20 ? 115 LYS A C   1 
ATOM   804  O O   . LYS A 1 105 ? -3.827  15.848  -7.317  1.00 43.85 ? 115 LYS A O   1 
ATOM   805  C CB  . LYS A 1 105 ? -2.932  14.994  -10.105 1.00 44.04 ? 115 LYS A CB  1 
ATOM   806  C CG  . LYS A 1 105 ? -1.974  14.141  -10.916 1.00 49.63 ? 115 LYS A CG  1 
ATOM   807  C CD  . LYS A 1 105 ? -1.184  14.970  -11.901 1.00 51.98 ? 115 LYS A CD  1 
ATOM   808  C CE  . LYS A 1 105 ? 0.058   14.203  -12.320 1.00 53.69 ? 115 LYS A CE  1 
ATOM   809  N NZ  . LYS A 1 105 ? 0.993   15.067  -13.086 1.00 55.01 ? 115 LYS A NZ  1 
ATOM   810  N N   . LYS A 1 106 ? -5.770  15.126  -8.210  1.00 43.36 ? 116 LYS A N   1 
ATOM   811  C CA  . LYS A 1 106 ? -6.644  15.950  -7.370  1.00 42.72 ? 116 LYS A CA  1 
ATOM   812  C C   . LYS A 1 106 ? -6.524  15.543  -5.900  1.00 42.69 ? 116 LYS A C   1 
ATOM   813  O O   . LYS A 1 106 ? -6.660  16.371  -4.991  1.00 41.86 ? 116 LYS A O   1 
ATOM   814  C CB  . LYS A 1 106 ? -8.107  15.788  -7.819  1.00 44.08 ? 116 LYS A CB  1 
ATOM   815  C CG  . LYS A 1 106 ? -9.136  16.429  -6.874  1.00 46.27 ? 116 LYS A CG  1 
ATOM   816  C CD  . LYS A 1 106 ? -10.573 16.433  -7.427  1.00 49.10 ? 116 LYS A CD  1 
ATOM   817  C CE  . LYS A 1 106 ? -11.199 15.042  -7.497  1.00 50.21 ? 116 LYS A CE  1 
ATOM   818  N NZ  . LYS A 1 106 ? -12.633 15.109  -7.927  1.00 51.57 ? 116 LYS A NZ  1 
ATOM   819  N N   . TYR A 1 107 ? -6.266  14.253  -5.685  1.00 41.19 ? 117 TYR A N   1 
ATOM   820  C CA  . TYR A 1 107 ? -6.151  13.681  -4.346  1.00 39.85 ? 117 TYR A CA  1 
ATOM   821  C C   . TYR A 1 107 ? -4.711  13.545  -3.828  1.00 40.52 ? 117 TYR A C   1 
ATOM   822  O O   . TYR A 1 107 ? -4.442  12.767  -2.914  1.00 41.27 ? 117 TYR A O   1 
ATOM   823  C CB  . TYR A 1 107 ? -6.856  12.319  -4.318  1.00 36.21 ? 117 TYR A CB  1 
ATOM   824  C CG  . TYR A 1 107 ? -8.354  12.402  -4.521  1.00 36.74 ? 117 TYR A CG  1 
ATOM   825  C CD1 . TYR A 1 107 ? -9.154  13.130  -3.641  1.00 34.60 ? 117 TYR A CD1 1 
ATOM   826  C CD2 . TYR A 1 107 ? -8.977  11.716  -5.565  1.00 35.40 ? 117 TYR A CD2 1 
ATOM   827  C CE1 . TYR A 1 107 ? -10.535 13.165  -3.783  1.00 34.29 ? 117 TYR A CE1 1 
ATOM   828  C CE2 . TYR A 1 107 ? -10.365 11.750  -5.717  1.00 35.04 ? 117 TYR A CE2 1 
ATOM   829  C CZ  . TYR A 1 107 ? -11.131 12.475  -4.820  1.00 34.94 ? 117 TYR A CZ  1 
ATOM   830  O OH  . TYR A 1 107 ? -12.500 12.495  -4.937  1.00 37.96 ? 117 TYR A OH  1 
ATOM   831  N N   . MET A 1 108 ? -3.796  14.316  -4.412  1.00 42.33 ? 118 MET A N   1 
ATOM   832  C CA  . MET A 1 108 ? -2.373  14.317  -4.037  1.00 42.43 ? 118 MET A CA  1 
ATOM   833  C C   . MET A 1 108 ? -2.145  15.462  -3.049  1.00 40.53 ? 118 MET A C   1 
ATOM   834  O O   . MET A 1 108 ? -2.640  16.560  -3.276  1.00 41.31 ? 118 MET A O   1 
ATOM   835  C CB  . MET A 1 108 ? -1.518  14.579  -5.280  1.00 45.22 ? 118 MET A CB  1 
ATOM   836  C CG  . MET A 1 108 ? -0.283  13.702  -5.464  1.00 49.84 ? 118 MET A CG  1 
ATOM   837  S SD  . MET A 1 108 ? 0.121   13.653  -7.244  1.00 55.26 ? 118 MET A SD  1 
ATOM   838  C CE  . MET A 1 108 ? 1.858   13.995  -7.276  1.00 52.08 ? 118 MET A CE  1 
ATOM   839  N N   . LEU A 1 109 ? -1.370  15.231  -1.991  1.00 37.98 ? 119 LEU A N   1 
ATOM   840  C CA  . LEU A 1 109 ? -1.116  16.274  -0.991  1.00 37.33 ? 119 LEU A CA  1 
ATOM   841  C C   . LEU A 1 109 ? -2.457  16.718  -0.412  1.00 37.18 ? 119 LEU A C   1 
ATOM   842  O O   . LEU A 1 109 ? -2.649  17.889  -0.078  1.00 36.86 ? 119 LEU A O   1 
ATOM   843  C CB  . LEU A 1 109 ? -0.403  17.489  -1.617  1.00 39.51 ? 119 LEU A CB  1 
ATOM   844  C CG  . LEU A 1 109 ? 1.072   17.402  -2.030  1.00 40.54 ? 119 LEU A CG  1 
ATOM   845  C CD1 . LEU A 1 109 ? 1.481   18.722  -2.665  1.00 42.46 ? 119 LEU A CD1 1 
ATOM   846  C CD2 . LEU A 1 109 ? 1.951   17.100  -0.822  1.00 41.10 ? 119 LEU A CD2 1 
ATOM   847  N N   . TYR A 1 110 ? -3.372  15.764  -0.303  1.00 33.23 ? 120 TYR A N   1 
ATOM   848  C CA  . TYR A 1 110 ? -4.718  15.982  0.211   1.00 31.99 ? 120 TYR A CA  1 
ATOM   849  C C   . TYR A 1 110 ? -4.740  16.491  1.664   1.00 30.82 ? 120 TYR A C   1 
ATOM   850  O O   . TYR A 1 110 ? -4.078  15.931  2.538   1.00 32.75 ? 120 TYR A O   1 
ATOM   851  C CB  . TYR A 1 110 ? -5.493  14.669  0.104   1.00 30.54 ? 120 TYR A CB  1 
ATOM   852  C CG  . TYR A 1 110 ? -6.981  14.835  0.068   1.00 29.22 ? 120 TYR A CG  1 
ATOM   853  C CD1 . TYR A 1 110 ? -7.621  15.318  -1.074  1.00 30.37 ? 120 TYR A CD1 1 
ATOM   854  C CD2 . TYR A 1 110 ? -7.758  14.505  1.174   1.00 28.52 ? 120 TYR A CD2 1 
ATOM   855  C CE1 . TYR A 1 110 ? -9.006  15.462  -1.115  1.00 29.04 ? 120 TYR A CE1 1 
ATOM   856  C CE2 . TYR A 1 110 ? -9.140  14.647  1.147   1.00 29.89 ? 120 TYR A CE2 1 
ATOM   857  C CZ  . TYR A 1 110 ? -9.755  15.124  0.000   1.00 29.82 ? 120 TYR A CZ  1 
ATOM   858  O OH  . TYR A 1 110 ? -11.120 15.249  -0.034  1.00 33.84 ? 120 TYR A OH  1 
ATOM   859  N N   . PRO A 1 111 ? -5.527  17.549  1.941   1.00 31.83 ? 121 PRO A N   1 
ATOM   860  C CA  . PRO A 1 111 ? -5.640  18.138  3.287   1.00 31.18 ? 121 PRO A CA  1 
ATOM   861  C C   . PRO A 1 111 ? -6.223  17.197  4.342   1.00 29.22 ? 121 PRO A C   1 
ATOM   862  O O   . PRO A 1 111 ? -7.252  16.557  4.125   1.00 27.53 ? 121 PRO A O   1 
ATOM   863  C CB  . PRO A 1 111 ? -6.551  19.357  3.071   1.00 30.37 ? 121 PRO A CB  1 
ATOM   864  C CG  . PRO A 1 111 ? -6.447  19.636  1.614   1.00 33.81 ? 121 PRO A CG  1 
ATOM   865  C CD  . PRO A 1 111 ? -6.397  18.270  0.998   1.00 32.76 ? 121 PRO A CD  1 
ATOM   866  N N   . ASP A 1 112 ? -5.575  17.146  5.499   1.00 30.92 ? 122 ASP A N   1 
ATOM   867  C CA  . ASP A 1 112 ? -6.016  16.295  6.601   1.00 31.25 ? 122 ASP A CA  1 
ATOM   868  C C   . ASP A 1 112 ? -7.459  16.549  7.065   1.00 34.38 ? 122 ASP A C   1 
ATOM   869  O O   . ASP A 1 112 ? -8.177  15.616  7.426   1.00 33.40 ? 122 ASP A O   1 
ATOM   870  C CB  . ASP A 1 112 ? -5.059  16.476  7.787   1.00 32.78 ? 122 ASP A CB  1 
ATOM   871  C CG  . ASP A 1 112 ? -5.536  15.768  9.061   1.00 33.70 ? 122 ASP A CG  1 
ATOM   872  O OD1 . ASP A 1 112 ? -6.593  16.154  9.605   1.00 31.39 ? 122 ASP A OD1 1 
ATOM   873  O OD2 . ASP A 1 112 ? -4.854  14.823  9.517   1.00 36.04 ? 122 ASP A OD2 1 
ATOM   874  N N   . PHE A 1 113 ? -7.877  17.811  7.052   1.00 34.10 ? 124 PHE A N   1 
ATOM   875  C CA  . PHE A 1 113 ? -9.209  18.174  7.518   1.00 34.10 ? 124 PHE A CA  1 
ATOM   876  C C   . PHE A 1 113 ? -10.357 17.729  6.618   1.00 34.43 ? 124 PHE A C   1 
ATOM   877  O O   . PHE A 1 113 ? -11.515 17.881  6.990   1.00 34.57 ? 124 PHE A O   1 
ATOM   878  C CB  . PHE A 1 113 ? -9.300  19.689  7.738   1.00 30.31 ? 124 PHE A CB  1 
ATOM   879  C CG  . PHE A 1 113 ? -9.615  20.464  6.497   1.00 28.64 ? 124 PHE A CG  1 
ATOM   880  C CD1 . PHE A 1 113 ? -10.882 21.014  6.309   1.00 31.60 ? 124 PHE A CD1 1 
ATOM   881  C CD2 . PHE A 1 113 ? -8.652  20.650  5.513   1.00 26.36 ? 124 PHE A CD2 1 
ATOM   882  C CE1 . PHE A 1 113 ? -11.185 21.737  5.145   1.00 27.62 ? 124 PHE A CE1 1 
ATOM   883  C CE2 . PHE A 1 113 ? -8.941  21.366  4.351   1.00 25.49 ? 124 PHE A CE2 1 
ATOM   884  C CZ  . PHE A 1 113 ? -10.208 21.913  4.167   1.00 30.54 ? 124 PHE A CZ  1 
ATOM   885  N N   . LEU A 1 114 ? -10.045 17.192  5.439   1.00 35.12 ? 125 LEU A N   1 
ATOM   886  C CA  . LEU A 1 114 ? -11.079 16.714  4.512   1.00 33.87 ? 125 LEU A CA  1 
ATOM   887  C C   . LEU A 1 114 ? -11.244 15.192  4.633   1.00 35.38 ? 125 LEU A C   1 
ATOM   888  O O   . LEU A 1 114 ? -12.009 14.569  3.898   1.00 34.40 ? 125 LEU A O   1 
ATOM   889  C CB  . LEU A 1 114 ? -10.726 17.070  3.064   1.00 32.20 ? 125 LEU A CB  1 
ATOM   890  C CG  . LEU A 1 114 ? -10.739 18.552  2.681   1.00 32.18 ? 125 LEU A CG  1 
ATOM   891  C CD1 . LEU A 1 114 ? -10.011 18.751  1.358   1.00 32.05 ? 125 LEU A CD1 1 
ATOM   892  C CD2 . LEU A 1 114 ? -12.171 19.060  2.601   1.00 30.01 ? 125 LEU A CD2 1 
ATOM   893  N N   . CYS A 1 115 ? -10.515 14.591  5.560   1.00 36.49 ? 126 CYS A N   1 
ATOM   894  C CA  . CYS A 1 115 ? -10.626 13.162  5.763   1.00 38.34 ? 126 CYS A CA  1 
ATOM   895  C C   . CYS A 1 115 ? -11.643 13.040  6.861   1.00 41.75 ? 126 CYS A C   1 
ATOM   896  O O   . CYS A 1 115 ? -11.312 13.090  8.040   1.00 41.37 ? 126 CYS A O   1 
ATOM   897  C CB  . CYS A 1 115 ? -9.266  12.603  6.144   1.00 34.54 ? 126 CYS A CB  1 
ATOM   898  S SG  . CYS A 1 115 ? -8.245  12.681  4.641   1.00 30.16 ? 126 CYS A SG  1 
ATOM   899  N N   . LYS A 1 116 ? -12.906 12.887  6.406   1.00 47.39 ? 127 LYS A N   1 
ATOM   900  C CA  . LYS A 1 116 ? -14.054 12.864  7.325   1.00 52.95 ? 127 LYS A CA  1 
ATOM   901  C C   . LYS A 1 116 ? -14.820 11.518  7.315   1.00 56.39 ? 127 LYS A C   1 
ATOM   902  O O   . LYS A 1 116 ? -14.918 10.839  6.279   1.00 57.78 ? 127 LYS A O   1 
ATOM   903  C CB  . LYS A 1 116 ? -14.939 14.090  7.013   1.00 54.56 ? 127 LYS A CB  1 
ATOM   904  C CG  . LYS A 1 116 ? -15.342 14.891  8.280   1.00 58.29 ? 127 LYS A CG  1 
ATOM   905  C CD  . LYS A 1 116 ? -15.045 16.400  8.198   1.00 59.89 ? 127 LYS A CD  1 
ATOM   906  C CE  . LYS A 1 116 ? -15.208 17.119  9.526   1.00 61.47 ? 127 LYS A CE  1 
ATOM   907  N NZ  . LYS A 1 116 ? -14.592 18.469  9.507   1.00 63.86 ? 127 LYS A NZ  1 
ATOM   908  N N   . GLY A 1 117 ? -15.358 11.171  8.483   1.00 58.75 ? 128 GLY A N   1 
ATOM   909  C CA  . GLY A 1 117 ? -16.120 9.943   8.621   1.00 60.22 ? 128 GLY A CA  1 
ATOM   910  C C   . GLY A 1 117 ? -15.337 8.823   9.269   1.00 61.87 ? 128 GLY A C   1 
ATOM   911  O O   . GLY A 1 117 ? -14.265 9.046   9.835   1.00 61.85 ? 128 GLY A O   1 
ATOM   912  N N   . GLU A 1 118 ? -15.877 7.611   9.203   1.00 63.41 ? 129 GLU A N   1 
ATOM   913  C CA  . GLU A 1 118 ? -15.190 6.466   9.777   1.00 63.93 ? 129 GLU A CA  1 
ATOM   914  C C   . GLU A 1 118 ? -15.480 5.139   9.111   1.00 62.09 ? 129 GLU A C   1 
ATOM   915  O O   . GLU A 1 118 ? -16.574 4.896   8.598   1.00 62.48 ? 129 GLU A O   1 
ATOM   916  C CB  . GLU A 1 118 ? -15.451 6.362   11.279  1.00 66.25 ? 129 GLU A CB  1 
ATOM   917  C CG  . GLU A 1 118 ? -14.305 6.955   12.064  1.00 69.49 ? 129 GLU A CG  1 
ATOM   918  C CD  . GLU A 1 118 ? -12.963 6.532   11.483  1.00 70.54 ? 129 GLU A CD  1 
ATOM   919  O OE1 . GLU A 1 118 ? -12.094 7.404   11.264  1.00 69.93 ? 129 GLU A OE1 1 
ATOM   920  O OE2 . GLU A 1 118 ? -12.780 5.321   11.239  1.00 69.48 ? 129 GLU A OE2 1 
ATOM   921  N N   . LEU A 1 119 ? -14.466 4.286   9.128   1.00 59.20 ? 130 LEU A N   1 
ATOM   922  C CA  . LEU A 1 119 ? -14.552 2.979   8.523   1.00 55.15 ? 130 LEU A CA  1 
ATOM   923  C C   . LEU A 1 119 ? -13.708 2.012   9.346   1.00 53.40 ? 130 LEU A C   1 
ATOM   924  O O   . LEU A 1 119 ? -12.581 2.318   9.725   1.00 53.56 ? 130 LEU A O   1 
ATOM   925  C CB  . LEU A 1 119 ? -14.044 3.063   7.081   1.00 54.48 ? 130 LEU A CB  1 
ATOM   926  C CG  . LEU A 1 119 ? -14.171 1.850   6.161   1.00 54.28 ? 130 LEU A CG  1 
ATOM   927  C CD1 . LEU A 1 119 ? -15.593 1.311   6.190   1.00 54.81 ? 130 LEU A CD1 1 
ATOM   928  C CD2 . LEU A 1 119 ? -13.773 2.251   4.746   1.00 52.61 ? 130 LEU A CD2 1 
ATOM   929  N N   . LYS A 1 120 ? -14.272 0.849   9.632   1.00 50.33 ? 131 LYS A N   1 
ATOM   930  C CA  . LYS A 1 120 ? -13.583 -0.168  10.399  1.00 45.75 ? 131 LYS A CA  1 
ATOM   931  C C   . LYS A 1 120 ? -12.998 -1.180  9.428   1.00 40.21 ? 131 LYS A C   1 
ATOM   932  O O   . LYS A 1 120 ? -13.499 -1.346  8.315   1.00 38.78 ? 131 LYS A O   1 
ATOM   933  C CB  . LYS A 1 120 ? -14.573 -0.849  11.332  1.00 47.58 ? 131 LYS A CB  1 
ATOM   934  C CG  . LYS A 1 120 ? -15.344 0.139   12.176  1.00 52.35 ? 131 LYS A CG  1 
ATOM   935  C CD  . LYS A 1 120 ? -16.603 -0.481  12.728  1.00 56.70 ? 131 LYS A CD  1 
ATOM   936  C CE  . LYS A 1 120 ? -17.686 0.567   12.889  1.00 58.84 ? 131 LYS A CE  1 
ATOM   937  N NZ  . LYS A 1 120 ? -18.952 -0.043  13.373  1.00 59.79 ? 131 LYS A NZ  1 
ATOM   938  N N   . CYS A 1 121 ? -11.921 -1.834  9.842   1.00 38.10 ? 133 CYS A N   1 
ATOM   939  C CA  . CYS A 1 121 ? -11.289 -2.845  9.012   1.00 34.66 ? 133 CYS A CA  1 
ATOM   940  C C   . CYS A 1 121 ? -12.162 -4.087  9.023   1.00 33.92 ? 133 CYS A C   1 
ATOM   941  O O   . CYS A 1 121 ? -12.865 -4.299  10.035  1.00 35.98 ? 133 CYS A O   1 
ATOM   942  C CB  . CYS A 1 121 ? -9.909  -3.186  9.562   1.00 32.58 ? 133 CYS A CB  1 
ATOM   943  S SG  . CYS A 1 121 ? -8.691  -1.857  9.334   1.00 30.65 ? 133 CYS A SG  1 
ATOM   944  O OXT . CYS A 1 121 ? -12.128 -4.833  8.025   1.00 34.98 ? 133 CYS A OXT 1 
HETATM 945  O O1  . AJM B 2 .   ? 1.227   -1.606  11.425  1.00 62.61 ? 201 AJM A O1  1 
HETATM 946  C C15 . AJM B 2 .   ? 0.001   -1.430  11.347  1.00 60.63 ? 201 AJM A C15 1 
HETATM 947  C C5  . AJM B 2 .   ? -0.655  -0.919  12.647  1.00 59.57 ? 201 AJM A C5  1 
HETATM 948  C C4  . AJM B 2 .   ? 0.015   0.473   12.666  1.00 61.37 ? 201 AJM A C4  1 
HETATM 949  C C6  . AJM B 2 .   ? -0.661  -1.534  14.013  1.00 58.85 ? 201 AJM A C6  1 
HETATM 950  C C7  . AJM B 2 .   ? 0.308   -2.331  14.651  1.00 58.95 ? 201 AJM A C7  1 
HETATM 951  C C8  . AJM B 2 .   ? 0.006   -2.770  15.985  1.00 59.30 ? 201 AJM A C8  1 
HETATM 952  C C9  . AJM B 2 .   ? -1.211  -2.453  16.700  1.00 58.93 ? 201 AJM A C9  1 
HETATM 953  C C11 . AJM B 2 .   ? -1.940  -1.163  14.684  1.00 57.76 ? 201 AJM A C11 1 
HETATM 954  C C10 . AJM B 2 .   ? -2.208  -1.624  16.032  1.00 59.07 ? 201 AJM A C10 1 
HETATM 955  C C14 . AJM B 2 .   ? -0.323  -0.450  10.439  1.00 61.20 ? 201 AJM A C14 1 
HETATM 956  C C13 . AJM B 2 .   ? -1.396  -0.561  9.580   1.00 60.74 ? 201 AJM A C13 1 
HETATM 957  C C16 . AJM B 2 .   ? -1.581  0.665   8.662   1.00 61.53 ? 201 AJM A C16 1 
HETATM 958  C C3  . AJM B 2 .   ? -0.497  0.679   11.212  1.00 61.76 ? 201 AJM A C3  1 
HETATM 959  N N2  . AJM B 2 .   ? -1.886  1.146   11.044  1.00 61.53 ? 201 AJM A N2  1 
HETATM 960  C C17 . AJM B 2 .   ? -2.163  1.605   9.706   1.00 61.79 ? 201 AJM A C17 1 
HETATM 961  O O2  . AJM B 2 .   ? -2.816  2.636   9.461   1.00 62.44 ? 201 AJM A O2  1 
HETATM 962  C C2  . AJM B 2 .   ? -2.643  -0.098  11.420  1.00 60.08 ? 201 AJM A C2  1 
HETATM 963  C C12 . AJM B 2 .   ? -2.747  -1.043  10.247  1.00 60.18 ? 201 AJM A C12 1 
HETATM 964  C C1  . AJM B 2 .   ? -2.219  -0.717  12.579  1.00 59.21 ? 201 AJM A C1  1 
HETATM 965  N N1  . AJM B 2 .   ? -2.688  -0.362  13.815  1.00 57.93 ? 201 AJM A N1  1 
HETATM 966  C C18 . AJM B 2 .   ? -4.182  -0.356  13.961  1.00 53.46 ? 201 AJM A C18 1 
HETATM 967  C C8  . ANN C 3 .   ? 5.872   5.259   1.100   1.00 59.18 ? 347 ANN A C8  1 
HETATM 968  O O3  . ANN C 3 .   ? 6.951   5.615   1.997   1.00 60.77 ? 347 ANN A O3  1 
HETATM 969  C C5  . ANN C 3 .   ? 6.808   5.718   3.428   1.00 62.71 ? 347 ANN A C5  1 
HETATM 970  C C6  . ANN C 3 .   ? 7.891   6.079   4.311   1.00 64.19 ? 347 ANN A C6  1 
HETATM 971  C C7  . ANN C 3 .   ? 7.693   6.174   5.715   1.00 67.14 ? 347 ANN A C7  1 
HETATM 972  C C2  . ANN C 3 .   ? 6.384   5.905   6.262   1.00 70.24 ? 347 ANN A C2  1 
HETATM 973  C C3  . ANN C 3 .   ? 5.304   5.542   5.398   1.00 66.89 ? 347 ANN A C3  1 
HETATM 974  C C4  . ANN C 3 .   ? 5.516   5.449   3.999   1.00 64.84 ? 347 ANN A C4  1 
HETATM 975  C C1  . ANN C 3 .   ? 6.150   6.014   7.792   1.00 72.37 ? 347 ANN A C1  1 
HETATM 976  O O1  . ANN C 3 .   ? 5.046   5.870   8.402   1.00 74.80 ? 347 ANN A O1  1 
HETATM 977  O O2  . ANN C 3 .   ? 7.157   6.326   8.454   1.00 76.50 ? 347 ANN A O2  1 
HETATM 978  O O   . HOH D 4 .   ? -13.043 -7.169  8.007   1.00 24.95 ? 348 HOH A O   1 
HETATM 979  O O   . HOH D 4 .   ? -4.362  -3.050  -0.587  1.00 14.84 ? 349 HOH A O   1 
HETATM 980  O O   . HOH D 4 .   ? 8.672   -17.192 11.974  1.00 27.06 ? 350 HOH A O   1 
HETATM 981  O O   . HOH D 4 .   ? -3.613  3.816   -8.589  1.00 23.70 ? 351 HOH A O   1 
HETATM 982  O O   . HOH D 4 .   ? 13.505  -11.571 10.938  1.00 23.41 ? 352 HOH A O   1 
HETATM 983  O O   . HOH D 4 .   ? 10.599  -11.300 11.114  1.00 14.07 ? 353 HOH A O   1 
HETATM 984  O O   . HOH D 4 .   ? 15.072  -7.469  7.516   1.00 29.92 ? 354 HOH A O   1 
HETATM 985  O O   . HOH D 4 .   ? 6.997   -3.768  3.954   1.00 29.20 ? 355 HOH A O   1 
HETATM 986  O O   . HOH D 4 .   ? -3.179  -4.999  1.124   1.00 14.90 ? 356 HOH A O   1 
HETATM 987  O O   . HOH D 4 .   ? 8.584   -8.470  14.547  1.00 22.51 ? 357 HOH A O   1 
HETATM 988  O O   . HOH D 4 .   ? 8.537   -8.281  11.610  1.00 24.53 ? 358 HOH A O   1 
HETATM 989  O O   . HOH D 4 .   ? -0.670  -11.499 5.252   1.00 25.29 ? 359 HOH A O   1 
HETATM 990  O O   . HOH D 4 .   ? 6.243   -11.751 16.145  1.00 22.91 ? 360 HOH A O   1 
HETATM 991  O O   . HOH D 4 .   ? -12.110 5.468   -8.134  1.00 24.39 ? 361 HOH A O   1 
HETATM 992  O O   . HOH D 4 .   ? 1.678   -10.342 14.620  1.00 24.62 ? 362 HOH A O   1 
HETATM 993  O O   . HOH D 4 .   ? -10.034 9.127   -8.637  1.00 28.18 ? 363 HOH A O   1 
HETATM 994  O O   . HOH D 4 .   ? 5.997   -16.328 1.726   1.00 38.84 ? 364 HOH A O   1 
HETATM 995  O O   . HOH D 4 .   ? 11.125  -13.583 2.714   1.00 31.45 ? 365 HOH A O   1 
HETATM 996  O O   . HOH D 4 .   ? 3.478   -15.052 -3.212  1.00 23.10 ? 366 HOH A O   1 
HETATM 997  O O   . HOH D 4 .   ? 8.751   3.717   -5.967  1.00 27.51 ? 367 HOH A O   1 
HETATM 998  O O   . HOH D 4 .   ? -8.231  5.775   -8.060  1.00 29.44 ? 368 HOH A O   1 
HETATM 999  O O   . HOH D 4 .   ? -1.783  -11.065 -1.751  1.00 26.77 ? 369 HOH A O   1 
HETATM 1000 O O   . HOH D 4 .   ? 2.552   4.785   -15.414 1.00 45.96 ? 370 HOH A O   1 
HETATM 1001 O O   . HOH D 4 .   ? 0.840   -11.269 -8.953  1.00 43.47 ? 371 HOH A O   1 
HETATM 1002 O O   . HOH D 4 .   ? -2.812  10.439  2.792   1.00 29.99 ? 372 HOH A O   1 
HETATM 1003 O O   . HOH D 4 .   ? 7.682   -13.967 12.491  1.00 30.84 ? 373 HOH A O   1 
HETATM 1004 O O   . HOH D 4 .   ? 8.414   0.124   -13.886 1.00 36.70 ? 374 HOH A O   1 
HETATM 1005 O O   . HOH D 4 .   ? 17.748  -2.593  6.945   1.00 50.54 ? 375 HOH A O   1 
HETATM 1006 O O   . HOH D 4 .   ? -10.118 2.307   -10.706 1.00 32.34 ? 376 HOH A O   1 
HETATM 1007 O O   . HOH D 4 .   ? 11.355  -19.577 -0.813  1.00 57.73 ? 377 HOH A O   1 
HETATM 1008 O O   . HOH D 4 .   ? 11.201  -24.947 5.135   1.00 60.23 ? 378 HOH A O   1 
HETATM 1009 O O   . HOH D 4 .   ? -18.735 8.808   3.715   1.00 56.07 ? 379 HOH A O   1 
HETATM 1010 O O   . HOH D 4 .   ? 16.814  -4.375  -7.605  1.00 67.21 ? 380 HOH A O   1 
HETATM 1011 O O   . HOH D 4 .   ? -13.303 11.584  3.131   1.00 47.06 ? 381 HOH A O   1 
HETATM 1012 O O   . HOH D 4 .   ? 4.969   4.266   -17.613 1.00 67.86 ? 382 HOH A O   1 
HETATM 1013 O O   . HOH D 4 .   ? -4.475  13.546  4.389   1.00 62.35 ? 383 HOH A O   1 
HETATM 1014 O O   . HOH D 4 .   ? -2.663  -9.061  7.449   1.00 47.61 ? 384 HOH A O   1 
HETATM 1015 O O   . HOH D 4 .   ? -7.803  -4.739  -6.200  1.00 39.84 ? 385 HOH A O   1 
HETATM 1016 O O   . HOH D 4 .   ? 1.750   1.841   5.009   1.00 52.00 ? 386 HOH A O   1 
HETATM 1017 O O   . HOH D 4 .   ? 2.618   9.182   -20.590 1.00 73.68 ? 387 HOH A O   1 
HETATM 1018 O O   . HOH D 4 .   ? -9.668  -0.440  -4.319  1.00 36.61 ? 388 HOH A O   1 
HETATM 1019 O O   . HOH D 4 .   ? -1.021  -14.564 -2.929  1.00 44.37 ? 389 HOH A O   1 
HETATM 1020 O O   . HOH D 4 .   ? 21.381  -2.983  2.014   1.00 67.92 ? 390 HOH A O   1 
HETATM 1021 O O   . HOH D 4 .   ? -15.053 10.565  0.415   1.00 51.00 ? 391 HOH A O   1 
HETATM 1022 O O   . HOH D 4 .   ? -12.293 -0.097  -4.461  1.00 47.95 ? 392 HOH A O   1 
HETATM 1023 O O   . HOH D 4 .   ? -8.434  18.483  -4.429  1.00 76.24 ? 393 HOH A O   1 
HETATM 1024 O O   . HOH D 4 .   ? 0.150   11.260  3.601   1.00 37.40 ? 394 HOH A O   1 
HETATM 1025 O O   . HOH D 4 .   ? -5.038  -7.240  1.425   1.00 22.61 ? 395 HOH A O   1 
HETATM 1026 O O   . HOH D 4 .   ? -3.303  -9.310  1.137   1.00 27.75 ? 396 HOH A O   1 
HETATM 1027 O O   . HOH D 4 .   ? 13.660  -18.248 1.175   1.00 52.21 ? 397 HOH A O   1 
HETATM 1028 O O   . HOH D 4 .   ? 8.616   10.164  16.101  1.00 50.39 ? 398 HOH A O   1 
HETATM 1029 O O   . HOH D 4 .   ? 1.750   -4.331  11.938  1.00 50.89 ? 399 HOH A O   1 
HETATM 1030 O O   . HOH D 4 .   ? 18.410  0.057   6.723   1.00 62.64 ? 400 HOH A O   1 
HETATM 1031 O O   . HOH D 4 .   ? 0.255   -11.854 17.177  1.00 47.43 ? 401 HOH A O   1 
HETATM 1032 O O   . HOH D 4 .   ? -3.457  11.254  5.276   1.00 50.04 ? 402 HOH A O   1 
HETATM 1033 O O   . HOH D 4 .   ? -10.080 19.718  -8.228  1.00 39.62 ? 403 HOH A O   1 
HETATM 1034 O O   . HOH D 4 .   ? 5.364   -19.523 8.454   1.00 51.67 ? 404 HOH A O   1 
HETATM 1035 O O   . HOH D 4 .   ? -12.553 7.827   -9.068  1.00 36.07 ? 405 HOH A O   1 
HETATM 1036 O O   . HOH D 4 .   ? -11.422 17.308  10.833  1.00 51.80 ? 406 HOH A O   1 
HETATM 1037 O O   . HOH D 4 .   ? 0.229   4.307   5.068   1.00 50.99 ? 407 HOH A O   1 
HETATM 1038 O O   . HOH D 4 .   ? -7.130  -4.831  10.887  1.00 39.79 ? 408 HOH A O   1 
HETATM 1039 O O   . HOH D 4 .   ? 12.292  -8.558  -6.939  1.00 46.03 ? 409 HOH A O   1 
HETATM 1040 O O   . HOH D 4 .   ? -1.110  1.749   2.984   1.00 39.81 ? 410 HOH A O   1 
HETATM 1041 O O   . HOH D 4 .   ? -9.546  -2.855  -5.944  1.00 34.06 ? 411 HOH A O   1 
HETATM 1042 O O   . HOH D 4 .   ? 3.045   10.608  -13.703 1.00 57.35 ? 412 HOH A O   1 
HETATM 1043 O O   . HOH D 4 .   ? -5.140  11.239  7.159   1.00 44.14 ? 413 HOH A O   1 
HETATM 1044 O O   . HOH D 4 .   ? -11.359 1.249   -12.906 1.00 55.17 ? 414 HOH A O   1 
HETATM 1045 O O   . HOH D 4 .   ? 1.492   -9.272  -11.496 1.00 59.60 ? 415 HOH A O   1 
HETATM 1046 O O   . HOH D 4 .   ? 7.967   -13.511 2.061   1.00 46.98 ? 416 HOH A O   1 
HETATM 1047 O O   . HOH D 4 .   ? -11.858 3.099   -16.414 1.00 65.96 ? 417 HOH A O   1 
HETATM 1048 O O   . HOH D 4 .   ? 13.508  -9.162  -2.582  1.00 49.33 ? 418 HOH A O   1 
HETATM 1049 O O   . HOH D 4 .   ? -18.421 11.166  2.254   1.00 44.76 ? 419 HOH A O   1 
HETATM 1050 O O   . HOH D 4 .   ? -17.097 6.037   0.325   1.00 57.78 ? 420 HOH A O   1 
HETATM 1051 O O   . HOH D 4 .   ? -8.660  -3.175  12.721  1.00 53.92 ? 421 HOH A O   1 
HETATM 1052 O O   . HOH D 4 .   ? 3.364   8.479   -18.171 1.00 67.77 ? 422 HOH A O   1 
HETATM 1053 O O   . HOH D 4 .   ? -12.362 16.970  -2.405  1.00 57.15 ? 423 HOH A O   1 
HETATM 1054 O O   . HOH D 4 .   ? -14.513 5.465   -0.582  1.00 43.09 ? 424 HOH A O   1 
HETATM 1055 O O   . HOH D 4 .   ? -10.403 0.434   11.978  1.00 59.52 ? 425 HOH A O   1 
HETATM 1056 O O   . HOH D 4 .   ? -11.110 -1.774  -8.826  1.00 35.71 ? 426 HOH A O   1 
HETATM 1057 O O   . HOH D 4 .   ? -15.995 -1.406  8.092   1.00 48.50 ? 427 HOH A O   1 
HETATM 1058 O O   . HOH D 4 .   ? 0.704   3.482   0.608   1.00 60.67 ? 429 HOH A O   1 
HETATM 1059 O O   . HOH D 4 .   ? 11.665  -7.759  -9.656  1.00 62.64 ? 430 HOH A O   1 
HETATM 1060 O O   . HOH D 4 .   ? 9.300   -22.601 7.830   1.00 59.61 ? 431 HOH A O   1 
HETATM 1061 O O   . HOH D 4 .   ? 3.445   -13.263 12.587  1.00 35.44 ? 432 HOH A O   1 
HETATM 1062 O O   . HOH D 4 .   ? 2.110   -17.086 -4.379  1.00 50.80 ? 433 HOH A O   1 
HETATM 1063 O O   . HOH D 4 .   ? -12.955 21.078  11.051  1.00 60.11 ? 434 HOH A O   1 
HETATM 1064 O O   . HOH D 4 .   ? 6.719   -18.973 -16.148 1.00 54.39 ? 435 HOH A O   1 
HETATM 1065 O O   . HOH D 4 .   ? 9.439   -19.916 8.308   1.00 47.98 ? 436 HOH A O   1 
HETATM 1066 O O   . HOH D 4 .   ? 12.665  -15.036 -10.847 1.00 42.47 ? 437 HOH A O   1 
HETATM 1067 O O   . HOH D 4 .   ? -6.186  0.549   -14.303 1.00 55.53 ? 438 HOH A O   1 
HETATM 1068 O O   . HOH D 4 .   ? -12.330 11.881  10.040  1.00 66.35 ? 439 HOH A O   1 
HETATM 1069 O O   . HOH D 4 .   ? -7.389  19.499  -8.431  1.00 67.43 ? 440 HOH A O   1 
HETATM 1070 O O   . HOH D 4 .   ? -14.590 14.380  -3.176  1.00 55.80 ? 441 HOH A O   1 
HETATM 1071 O O   . HOH D 4 .   ? 0.727   11.647  -3.054  1.00 45.87 ? 442 HOH A O   1 
HETATM 1072 O O   . HOH D 4 .   ? 4.188   -17.623 -2.012  1.00 51.65 ? 443 HOH A O   1 
HETATM 1073 O O   . HOH D 4 .   ? 11.229  -17.565 -12.314 1.00 52.67 ? 444 HOH A O   1 
HETATM 1074 O O   . HOH D 4 .   ? 7.660   -19.837 1.070   1.00 51.24 ? 445 HOH A O   1 
HETATM 1075 O O   . HOH D 4 .   ? 11.207  9.587   15.296  1.00 73.18 ? 446 HOH A O   1 
HETATM 1076 O O   . HOH D 4 .   ? 3.728   -18.103 7.030   1.00 54.65 ? 447 HOH A O   1 
HETATM 1077 O O   . HOH D 4 .   ? 2.050   -15.587 3.408   1.00 46.58 ? 448 HOH A O   1 
HETATM 1078 O O   . HOH D 4 .   ? 0.009   -16.969 2.059   1.00 49.64 ? 449 HOH A O   1 
HETATM 1079 O O   . HOH D 4 .   ? 13.386  -12.905 4.163   1.00 92.35 ? 450 HOH A O   1 
HETATM 1080 O O   . HOH D 4 .   ? -5.957  20.313  -5.961  1.00 54.60 ? 451 HOH A O   1 
HETATM 1081 O O   . HOH D 4 .   ? 9.645   5.253   1.719   1.00 72.87 ? 452 HOH A O   1 
HETATM 1082 O O   . HOH D 4 .   ? 13.421  -19.540 -13.311 1.00 95.01 ? 453 HOH A O   1 
HETATM 1083 O O   . HOH D 4 .   ? -11.072 -7.149  10.733  1.00 94.48 ? 454 HOH A O   1 
HETATM 1084 O O   . HOH D 4 .   ? 3.949   5.682   -20.036 1.00 48.77 ? 455 HOH A O   1 
HETATM 1085 O O   . HOH D 4 .   ? 15.338  -8.040  0.149   1.00 42.11 ? 456 HOH A O   1 
HETATM 1086 O O   . HOH D 4 .   ? -14.004 9.284   -6.165  1.00 46.50 ? 457 HOH A O   1 
HETATM 1087 O O   . HOH D 4 .   ? -0.300  6.064   8.320   1.00 50.83 ? 458 HOH A O   1 
HETATM 1088 O O   . HOH D 4 .   ? 13.058  -3.722  -10.893 1.00 63.94 ? 459 HOH A O   1 
HETATM 1089 O O   . HOH D 4 .   ? -16.413 11.587  -4.061  1.00 71.89 ? 460 HOH A O   1 
HETATM 1090 O O   . HOH D 4 .   ? 3.971   7.693   -14.384 1.00 62.23 ? 461 HOH A O   1 
HETATM 1091 O O   . HOH D 4 .   ? 5.823   11.489  11.219  1.00 58.70 ? 462 HOH A O   1 
HETATM 1092 O O   . HOH D 4 .   ? 6.801   11.555  14.552  1.00 73.43 ? 463 HOH A O   1 
HETATM 1093 O O   . HOH D 4 .   ? 14.370  -11.428 -3.776  1.00 55.77 ? 464 HOH A O   1 
HETATM 1094 O O   . HOH D 4 .   ? 4.012   -14.827 14.539  1.00 49.20 ? 465 HOH A O   1 
HETATM 1095 O O   . HOH D 4 .   ? 10.668  -14.829 -14.706 1.00 60.15 ? 467 HOH A O   1 
HETATM 1096 O O   . HOH D 4 .   ? 14.503  -6.551  -8.990  1.00 56.13 ? 468 HOH A O   1 
# 
